data_5NNX
# 
_entry.id   5NNX 
# 
_audit_conform.dict_name       mmcif_pdbx.dic 
_audit_conform.dict_version    5.383 
_audit_conform.dict_location   http://mmcif.pdb.org/dictionaries/ascii/mmcif_pdbx.dic 
# 
loop_
_database_2.database_id 
_database_2.database_code 
_database_2.pdbx_database_accession 
_database_2.pdbx_DOI 
PDB   5NNX         pdb_00005nnx 10.2210/pdb5nnx/pdb 
WWPDB D_1200004428 ?            ?                   
# 
loop_
_pdbx_audit_revision_history.ordinal 
_pdbx_audit_revision_history.data_content_type 
_pdbx_audit_revision_history.major_revision 
_pdbx_audit_revision_history.minor_revision 
_pdbx_audit_revision_history.revision_date 
1 'Structure model' 1 0 2017-04-26 
2 'Structure model' 1 1 2019-05-08 
3 'Structure model' 1 2 2024-01-17 
# 
_pdbx_audit_revision_details.ordinal             1 
_pdbx_audit_revision_details.revision_ordinal    1 
_pdbx_audit_revision_details.data_content_type   'Structure model' 
_pdbx_audit_revision_details.provider            repository 
_pdbx_audit_revision_details.type                'Initial release' 
_pdbx_audit_revision_details.description         ? 
_pdbx_audit_revision_details.details             ? 
# 
loop_
_pdbx_audit_revision_group.ordinal 
_pdbx_audit_revision_group.revision_ordinal 
_pdbx_audit_revision_group.data_content_type 
_pdbx_audit_revision_group.group 
1 2 'Structure model' 'Data collection'          
2 2 'Structure model' 'Experimental preparation' 
3 3 'Structure model' 'Data collection'          
4 3 'Structure model' 'Database references'      
5 3 'Structure model' 'Refinement description'   
# 
loop_
_pdbx_audit_revision_category.ordinal 
_pdbx_audit_revision_category.revision_ordinal 
_pdbx_audit_revision_category.data_content_type 
_pdbx_audit_revision_category.category 
1 2 'Structure model' exptl_crystal_grow            
2 2 'Structure model' pdbx_seq_map_depositor_info   
3 3 'Structure model' chem_comp_atom                
4 3 'Structure model' chem_comp_bond                
5 3 'Structure model' database_2                    
6 3 'Structure model' pdbx_initial_refinement_model 
# 
loop_
_pdbx_audit_revision_item.ordinal 
_pdbx_audit_revision_item.revision_ordinal 
_pdbx_audit_revision_item.data_content_type 
_pdbx_audit_revision_item.item 
1 2 'Structure model' '_exptl_crystal_grow.pH'                           
2 2 'Structure model' '_pdbx_seq_map_depositor_info.one_letter_code_mod' 
3 3 'Structure model' '_database_2.pdbx_DOI'                             
4 3 'Structure model' '_database_2.pdbx_database_accession'              
# 
_pdbx_database_status.status_code                     REL 
_pdbx_database_status.status_code_sf                  REL 
_pdbx_database_status.status_code_mr                  ? 
_pdbx_database_status.entry_id                        5NNX 
_pdbx_database_status.recvd_initial_deposition_date   2017-04-10 
_pdbx_database_status.SG_entry                        N 
_pdbx_database_status.deposit_site                    PDBE 
_pdbx_database_status.process_site                    PDBE 
_pdbx_database_status.status_code_cs                  ? 
_pdbx_database_status.methods_development_category    ? 
_pdbx_database_status.pdb_format_compatible           Y 
_pdbx_database_status.status_code_nmr_data            ? 
# 
loop_
_audit_author.name 
_audit_author.pdbx_ordinal 
_audit_author.identifier_ORCID 
'Morgunova, E.' 1 ? 
'Jolma, A.'     2 ? 
'Yin, Y.'       3 ? 
'Popov, A.'     4 ? 
'Taipale, J.'   5 ? 
# 
_citation.abstract                  ? 
_citation.abstract_id_CAS           ? 
_citation.book_id_ISBN              ? 
_citation.book_publisher            ? 
_citation.book_publisher_city       ? 
_citation.book_title                ? 
_citation.coordinate_linkage        ? 
_citation.country                   ? 
_citation.database_id_Medline       ? 
_citation.details                   ? 
_citation.id                        primary 
_citation.journal_abbrev            'To Be Published' 
_citation.journal_id_ASTM           ? 
_citation.journal_id_CSD            0353 
_citation.journal_id_ISSN           ? 
_citation.journal_full              ? 
_citation.journal_issue             ? 
_citation.journal_volume            ? 
_citation.language                  ? 
_citation.page_first                ? 
_citation.page_last                 ? 
_citation.title                     'TEAD1 bound to DNA' 
_citation.year                      ? 
_citation.database_id_CSD           ? 
_citation.pdbx_database_id_DOI      ? 
_citation.pdbx_database_id_PubMed   ? 
_citation.unpublished_flag          ? 
# 
loop_
_citation_author.citation_id 
_citation_author.name 
_citation_author.ordinal 
_citation_author.identifier_ORCID 
primary 'Morgunova, E.' 1 ? 
primary 'Jolma, A.'     2 ? 
primary 'Yin, Y.'       3 ? 
primary 'Popov, A.'     4 ? 
primary 'Taipale, J.'   5 ? 
# 
loop_
_entity.id 
_entity.type 
_entity.src_method 
_entity.pdbx_description 
_entity.formula_weight 
_entity.pdbx_number_of_molecules 
_entity.pdbx_ec 
_entity.pdbx_mutation 
_entity.pdbx_fragment 
_entity.details 
1 polymer syn DNA                                     5411.518 1  ? ? ? ? 
2 polymer syn DNA                                     5620.652 1  ? ? ? ? 
3 polymer man 'Transcriptional enhancer factor TEF-1' 8590.927 1  ? ? ? ? 
4 water   nat water                                   18.015   56 ? ? ? ? 
# 
_entity_name_com.entity_id   3 
_entity_name_com.name        'NTEF-1,Protein GT-IIC,TEA domain family member 1,TEAD-1,Transcription factor 13,TCF-13' 
# 
loop_
_entity_poly.entity_id 
_entity_poly.type 
_entity_poly.nstd_linkage 
_entity_poly.nstd_monomer 
_entity_poly.pdbx_seq_one_letter_code 
_entity_poly.pdbx_seq_one_letter_code_can 
_entity_poly.pdbx_strand_id 
_entity_poly.pdbx_target_identifier 
1 polydeoxyribonucleotide no no '(DC)(DA)(DC)(DA)(DT)(DT)(DC)(DC)(DG)(DC)(DA)(DT)(DC)(DG)(DA)(DT)(DC)(DT)' CACATTCCGCATCGATCT C ? 
2 polydeoxyribonucleotide no no '(DA)(DG)(DA)(DT)(DC)(DG)(DA)(DT)(DG)(DC)(DG)(DG)(DA)(DA)(DT)(DG)(DT)(DG)' AGATCGATGCGGAATGTG F ? 
3 'polypeptide(L)'        no no AEGVWSPDIEQSFQEALAIYPPCGRRKIILSDEGKMYGRNELIARYIKLRTGKTRTRKQVSSHIQVLARRKSRD 
AEGVWSPDIEQSFQEALAIYPPCGRRKIILSDEGKMYGRNELIARYIKLRTGKTRTRKQVSSHIQVLARRKSRD A ? 
# 
_pdbx_entity_nonpoly.entity_id   4 
_pdbx_entity_nonpoly.name        water 
_pdbx_entity_nonpoly.comp_id     HOH 
# 
loop_
_entity_poly_seq.entity_id 
_entity_poly_seq.num 
_entity_poly_seq.mon_id 
_entity_poly_seq.hetero 
1 1  DC  n 
1 2  DA  n 
1 3  DC  n 
1 4  DA  n 
1 5  DT  n 
1 6  DT  n 
1 7  DC  n 
1 8  DC  n 
1 9  DG  n 
1 10 DC  n 
1 11 DA  n 
1 12 DT  n 
1 13 DC  n 
1 14 DG  n 
1 15 DA  n 
1 16 DT  n 
1 17 DC  n 
1 18 DT  n 
2 1  DA  n 
2 2  DG  n 
2 3  DA  n 
2 4  DT  n 
2 5  DC  n 
2 6  DG  n 
2 7  DA  n 
2 8  DT  n 
2 9  DG  n 
2 10 DC  n 
2 11 DG  n 
2 12 DG  n 
2 13 DA  n 
2 14 DA  n 
2 15 DT  n 
2 16 DG  n 
2 17 DT  n 
2 18 DG  n 
3 1  ALA n 
3 2  GLU n 
3 3  GLY n 
3 4  VAL n 
3 5  TRP n 
3 6  SER n 
3 7  PRO n 
3 8  ASP n 
3 9  ILE n 
3 10 GLU n 
3 11 GLN n 
3 12 SER n 
3 13 PHE n 
3 14 GLN n 
3 15 GLU n 
3 16 ALA n 
3 17 LEU n 
3 18 ALA n 
3 19 ILE n 
3 20 TYR n 
3 21 PRO n 
3 22 PRO n 
3 23 CYS n 
3 24 GLY n 
3 25 ARG n 
3 26 ARG n 
3 27 LYS n 
3 28 ILE n 
3 29 ILE n 
3 30 LEU n 
3 31 SER n 
3 32 ASP n 
3 33 GLU n 
3 34 GLY n 
3 35 LYS n 
3 36 MET n 
3 37 TYR n 
3 38 GLY n 
3 39 ARG n 
3 40 ASN n 
3 41 GLU n 
3 42 LEU n 
3 43 ILE n 
3 44 ALA n 
3 45 ARG n 
3 46 TYR n 
3 47 ILE n 
3 48 LYS n 
3 49 LEU n 
3 50 ARG n 
3 51 THR n 
3 52 GLY n 
3 53 LYS n 
3 54 THR n 
3 55 ARG n 
3 56 THR n 
3 57 ARG n 
3 58 LYS n 
3 59 GLN n 
3 60 VAL n 
3 61 SER n 
3 62 SER n 
3 63 HIS n 
3 64 ILE n 
3 65 GLN n 
3 66 VAL n 
3 67 LEU n 
3 68 ALA n 
3 69 ARG n 
3 70 ARG n 
3 71 LYS n 
3 72 SER n 
3 73 ARG n 
3 74 ASP n 
# 
_entity_src_gen.entity_id                          3 
_entity_src_gen.pdbx_src_id                        1 
_entity_src_gen.pdbx_alt_source_flag               sample 
_entity_src_gen.pdbx_seq_type                      'Biological sequence' 
_entity_src_gen.pdbx_beg_seq_num                   1 
_entity_src_gen.pdbx_end_seq_num                   74 
_entity_src_gen.gene_src_common_name               Human 
_entity_src_gen.gene_src_genus                     ? 
_entity_src_gen.pdbx_gene_src_gene                 'TEAD1, TCF13, TEF1' 
_entity_src_gen.gene_src_species                   ? 
_entity_src_gen.gene_src_strain                    ? 
_entity_src_gen.gene_src_tissue                    ? 
_entity_src_gen.gene_src_tissue_fraction           ? 
_entity_src_gen.gene_src_details                   ? 
_entity_src_gen.pdbx_gene_src_fragment             ? 
_entity_src_gen.pdbx_gene_src_scientific_name      'Homo sapiens' 
_entity_src_gen.pdbx_gene_src_ncbi_taxonomy_id     9606 
_entity_src_gen.pdbx_gene_src_variant              ? 
_entity_src_gen.pdbx_gene_src_cell_line            ? 
_entity_src_gen.pdbx_gene_src_atcc                 ? 
_entity_src_gen.pdbx_gene_src_organ                ? 
_entity_src_gen.pdbx_gene_src_organelle            ? 
_entity_src_gen.pdbx_gene_src_cell                 ? 
_entity_src_gen.pdbx_gene_src_cellular_location    ? 
_entity_src_gen.host_org_common_name               ? 
_entity_src_gen.pdbx_host_org_scientific_name      'Escherichia coli BL21(DE3)' 
_entity_src_gen.pdbx_host_org_ncbi_taxonomy_id     469008 
_entity_src_gen.host_org_genus                     ? 
_entity_src_gen.pdbx_host_org_gene                 ? 
_entity_src_gen.pdbx_host_org_organ                ? 
_entity_src_gen.host_org_species                   ? 
_entity_src_gen.pdbx_host_org_tissue               ? 
_entity_src_gen.pdbx_host_org_tissue_fraction      ? 
_entity_src_gen.pdbx_host_org_strain               ? 
_entity_src_gen.pdbx_host_org_variant              Rosetta 
_entity_src_gen.pdbx_host_org_cell_line            ? 
_entity_src_gen.pdbx_host_org_atcc                 ? 
_entity_src_gen.pdbx_host_org_culture_collection   ? 
_entity_src_gen.pdbx_host_org_cell                 ? 
_entity_src_gen.pdbx_host_org_organelle            ? 
_entity_src_gen.pdbx_host_org_cellular_location    ? 
_entity_src_gen.pdbx_host_org_vector_type          Plasmid 
_entity_src_gen.pdbx_host_org_vector               ? 
_entity_src_gen.host_org_details                   ? 
_entity_src_gen.expression_system_id               ? 
_entity_src_gen.plasmid_name                       pETG20A 
_entity_src_gen.plasmid_details                    ? 
_entity_src_gen.pdbx_description                   ? 
# 
loop_
_pdbx_entity_src_syn.entity_id 
_pdbx_entity_src_syn.pdbx_src_id 
_pdbx_entity_src_syn.pdbx_alt_source_flag 
_pdbx_entity_src_syn.pdbx_beg_seq_num 
_pdbx_entity_src_syn.pdbx_end_seq_num 
_pdbx_entity_src_syn.organism_scientific 
_pdbx_entity_src_syn.organism_common_name 
_pdbx_entity_src_syn.ncbi_taxonomy_id 
_pdbx_entity_src_syn.details 
1 1 sample 1 18 'Homo sapiens' Human 9606 ? 
2 1 sample 1 18 'Homo sapiens' Human 9606 ? 
# 
loop_
_chem_comp.id 
_chem_comp.type 
_chem_comp.mon_nstd_flag 
_chem_comp.name 
_chem_comp.pdbx_synonyms 
_chem_comp.formula 
_chem_comp.formula_weight 
ALA 'L-peptide linking' y ALANINE                              ? 'C3 H7 N O2'      89.093  
ARG 'L-peptide linking' y ARGININE                             ? 'C6 H15 N4 O2 1'  175.209 
ASN 'L-peptide linking' y ASPARAGINE                           ? 'C4 H8 N2 O3'     132.118 
ASP 'L-peptide linking' y 'ASPARTIC ACID'                      ? 'C4 H7 N O4'      133.103 
CYS 'L-peptide linking' y CYSTEINE                             ? 'C3 H7 N O2 S'    121.158 
DA  'DNA linking'       y "2'-DEOXYADENOSINE-5'-MONOPHOSPHATE" ? 'C10 H14 N5 O6 P' 331.222 
DC  'DNA linking'       y "2'-DEOXYCYTIDINE-5'-MONOPHOSPHATE"  ? 'C9 H14 N3 O7 P'  307.197 
DG  'DNA linking'       y "2'-DEOXYGUANOSINE-5'-MONOPHOSPHATE" ? 'C10 H14 N5 O7 P' 347.221 
DT  'DNA linking'       y "THYMIDINE-5'-MONOPHOSPHATE"         ? 'C10 H15 N2 O8 P' 322.208 
GLN 'L-peptide linking' y GLUTAMINE                            ? 'C5 H10 N2 O3'    146.144 
GLU 'L-peptide linking' y 'GLUTAMIC ACID'                      ? 'C5 H9 N O4'      147.129 
GLY 'peptide linking'   y GLYCINE                              ? 'C2 H5 N O2'      75.067  
HIS 'L-peptide linking' y HISTIDINE                            ? 'C6 H10 N3 O2 1'  156.162 
HOH non-polymer         . WATER                                ? 'H2 O'            18.015  
ILE 'L-peptide linking' y ISOLEUCINE                           ? 'C6 H13 N O2'     131.173 
LEU 'L-peptide linking' y LEUCINE                              ? 'C6 H13 N O2'     131.173 
LYS 'L-peptide linking' y LYSINE                               ? 'C6 H15 N2 O2 1'  147.195 
MET 'L-peptide linking' y METHIONINE                           ? 'C5 H11 N O2 S'   149.211 
PHE 'L-peptide linking' y PHENYLALANINE                        ? 'C9 H11 N O2'     165.189 
PRO 'L-peptide linking' y PROLINE                              ? 'C5 H9 N O2'      115.130 
SER 'L-peptide linking' y SERINE                               ? 'C3 H7 N O3'      105.093 
THR 'L-peptide linking' y THREONINE                            ? 'C4 H9 N O3'      119.119 
TRP 'L-peptide linking' y TRYPTOPHAN                           ? 'C11 H12 N2 O2'   204.225 
TYR 'L-peptide linking' y TYROSINE                             ? 'C9 H11 N O3'     181.189 
VAL 'L-peptide linking' y VALINE                               ? 'C5 H11 N O2'     117.146 
# 
loop_
_pdbx_poly_seq_scheme.asym_id 
_pdbx_poly_seq_scheme.entity_id 
_pdbx_poly_seq_scheme.seq_id 
_pdbx_poly_seq_scheme.mon_id 
_pdbx_poly_seq_scheme.ndb_seq_num 
_pdbx_poly_seq_scheme.pdb_seq_num 
_pdbx_poly_seq_scheme.auth_seq_num 
_pdbx_poly_seq_scheme.pdb_mon_id 
_pdbx_poly_seq_scheme.auth_mon_id 
_pdbx_poly_seq_scheme.pdb_strand_id 
_pdbx_poly_seq_scheme.pdb_ins_code 
_pdbx_poly_seq_scheme.hetero 
A 1 1  DC  1  1   1   DC  DC  C . n 
A 1 2  DA  2  2   2   DA  DA  C . n 
A 1 3  DC  3  3   3   DC  DC  C . n 
A 1 4  DA  4  4   4   DA  DA  C . n 
A 1 5  DT  5  5   5   DT  DT  C . n 
A 1 6  DT  6  6   6   DT  DT  C . n 
A 1 7  DC  7  7   7   DC  DC  C . n 
A 1 8  DC  8  8   8   DC  DC  C . n 
A 1 9  DG  9  9   9   DG  DG  C . n 
A 1 10 DC  10 10  10  DC  DC  C . n 
A 1 11 DA  11 11  11  DA  DA  C . n 
A 1 12 DT  12 12  12  DT  DT  C . n 
A 1 13 DC  13 13  13  DC  DC  C . n 
A 1 14 DG  14 14  14  DG  DG  C . n 
A 1 15 DA  15 15  15  DA  DA  C . n 
A 1 16 DT  16 16  16  DT  DT  C . n 
A 1 17 DC  17 17  17  DC  DC  C . n 
A 1 18 DT  18 18  18  DT  DT  C . n 
B 2 1  DA  1  2   2   DA  DA  F . n 
B 2 2  DG  2  3   3   DG  DG  F . n 
B 2 3  DA  3  4   4   DA  DA  F . n 
B 2 4  DT  4  5   5   DT  DT  F . n 
B 2 5  DC  5  6   6   DC  DC  F . n 
B 2 6  DG  6  7   7   DG  DG  F . n 
B 2 7  DA  7  8   8   DA  DA  F . n 
B 2 8  DT  8  9   9   DT  DT  F . n 
B 2 9  DG  9  10  10  DG  DG  F . n 
B 2 10 DC  10 11  11  DC  DC  F . n 
B 2 11 DG  11 12  12  DG  DG  F . n 
B 2 12 DG  12 13  13  DG  DG  F . n 
B 2 13 DA  13 14  14  DA  DA  F . n 
B 2 14 DA  14 15  15  DA  DA  F . n 
B 2 15 DT  15 16  16  DT  DT  F . n 
B 2 16 DG  16 17  17  DG  DG  F . n 
B 2 17 DT  17 18  18  DT  DT  F . n 
B 2 18 DG  18 19  19  DG  DG  F . n 
C 3 1  ALA 1  31  31  ALA ALA A . n 
C 3 2  GLU 2  32  32  GLU GLU A . n 
C 3 3  GLY 3  33  33  GLY GLY A . n 
C 3 4  VAL 4  34  34  VAL VAL A . n 
C 3 5  TRP 5  35  35  TRP TRP A . n 
C 3 6  SER 6  36  36  SER SER A . n 
C 3 7  PRO 7  37  37  PRO PRO A . n 
C 3 8  ASP 8  38  38  ASP ASP A . n 
C 3 9  ILE 9  39  39  ILE ILE A . n 
C 3 10 GLU 10 40  40  GLU GLU A . n 
C 3 11 GLN 11 41  41  GLN GLN A . n 
C 3 12 SER 12 42  42  SER SER A . n 
C 3 13 PHE 13 43  43  PHE PHE A . n 
C 3 14 GLN 14 44  44  GLN GLN A . n 
C 3 15 GLU 15 45  45  GLU GLU A . n 
C 3 16 ALA 16 46  46  ALA ALA A . n 
C 3 17 LEU 17 47  47  LEU LEU A . n 
C 3 18 ALA 18 48  48  ALA ALA A . n 
C 3 19 ILE 19 49  49  ILE ILE A . n 
C 3 20 TYR 20 50  50  TYR TYR A . n 
C 3 21 PRO 21 51  51  PRO PRO A . n 
C 3 22 PRO 22 52  52  PRO PRO A . n 
C 3 23 CYS 23 53  53  CYS CYS A . n 
C 3 24 GLY 24 54  54  GLY GLY A . n 
C 3 25 ARG 25 55  55  ARG ARG A . n 
C 3 26 ARG 26 56  56  ARG ARG A . n 
C 3 27 LYS 27 57  57  LYS LYS A . n 
C 3 28 ILE 28 58  58  ILE ILE A . n 
C 3 29 ILE 29 59  59  ILE ILE A . n 
C 3 30 LEU 30 60  60  LEU LEU A . n 
C 3 31 SER 31 61  61  SER SER A . n 
C 3 32 ASP 32 62  62  ASP ASP A . n 
C 3 33 GLU 33 63  63  GLU GLU A . n 
C 3 34 GLY 34 64  64  GLY GLY A . n 
C 3 35 LYS 35 65  65  LYS LYS A . n 
C 3 36 MET 36 66  66  MET MET A . n 
C 3 37 TYR 37 67  67  TYR TYR A . n 
C 3 38 GLY 38 68  68  GLY GLY A . n 
C 3 39 ARG 39 69  69  ARG ARG A . n 
C 3 40 ASN 40 70  70  ASN ASN A . n 
C 3 41 GLU 41 71  71  GLU GLU A . n 
C 3 42 LEU 42 72  72  LEU LEU A . n 
C 3 43 ILE 43 73  73  ILE ILE A . n 
C 3 44 ALA 44 74  74  ALA ALA A . n 
C 3 45 ARG 45 75  75  ARG ARG A . n 
C 3 46 TYR 46 76  76  TYR TYR A . n 
C 3 47 ILE 47 77  77  ILE ILE A . n 
C 3 48 LYS 48 78  78  LYS LYS A . n 
C 3 49 LEU 49 79  79  LEU LEU A . n 
C 3 50 ARG 50 80  80  ARG ARG A . n 
C 3 51 THR 51 81  81  THR THR A . n 
C 3 52 GLY 52 82  82  GLY GLY A . n 
C 3 53 LYS 53 83  83  LYS LYS A . n 
C 3 54 THR 54 84  84  THR THR A . n 
C 3 55 ARG 55 85  85  ARG ARG A . n 
C 3 56 THR 56 86  86  THR THR A . n 
C 3 57 ARG 57 87  87  ARG ARG A . n 
C 3 58 LYS 58 88  88  LYS LYS A . n 
C 3 59 GLN 59 89  89  GLN GLN A . n 
C 3 60 VAL 60 90  90  VAL VAL A . n 
C 3 61 SER 61 91  91  SER SER A . n 
C 3 62 SER 62 92  92  SER SER A . n 
C 3 63 HIS 63 93  93  HIS HIS A . n 
C 3 64 ILE 64 94  94  ILE ILE A . n 
C 3 65 GLN 65 95  95  GLN GLN A . n 
C 3 66 VAL 66 96  96  VAL VAL A . n 
C 3 67 LEU 67 97  97  LEU LEU A . n 
C 3 68 ALA 68 98  98  ALA ALA A . n 
C 3 69 ARG 69 99  99  ARG ARG A . n 
C 3 70 ARG 70 100 100 ARG ARG A . n 
C 3 71 LYS 71 101 101 LYS LYS A . n 
C 3 72 SER 72 102 102 SER SER A . n 
C 3 73 ARG 73 103 103 ARG ARG A . n 
C 3 74 ASP 74 104 104 ASP ASP A . n 
# 
loop_
_pdbx_nonpoly_scheme.asym_id 
_pdbx_nonpoly_scheme.entity_id 
_pdbx_nonpoly_scheme.mon_id 
_pdbx_nonpoly_scheme.ndb_seq_num 
_pdbx_nonpoly_scheme.pdb_seq_num 
_pdbx_nonpoly_scheme.auth_seq_num 
_pdbx_nonpoly_scheme.pdb_mon_id 
_pdbx_nonpoly_scheme.auth_mon_id 
_pdbx_nonpoly_scheme.pdb_strand_id 
_pdbx_nonpoly_scheme.pdb_ins_code 
D 4 HOH 1  101 20 HOH HOH C . 
D 4 HOH 2  102 16 HOH HOH C . 
D 4 HOH 3  103 15 HOH HOH C . 
D 4 HOH 4  104 29 HOH HOH C . 
D 4 HOH 5  105 31 HOH HOH C . 
D 4 HOH 6  106 15 HOH HOH C . 
D 4 HOH 7  107 3  HOH HOH C . 
D 4 HOH 8  108 2  HOH HOH C . 
D 4 HOH 9  109 22 HOH HOH C . 
D 4 HOH 10 110 2  HOH HOH C . 
D 4 HOH 11 111 10 HOH HOH C . 
D 4 HOH 12 112 32 HOH HOH C . 
D 4 HOH 13 113 1  HOH HOH C . 
D 4 HOH 14 114 15 HOH HOH C . 
D 4 HOH 15 115 16 HOH HOH C . 
D 4 HOH 16 116 1  HOH HOH C . 
E 4 HOH 1  101 44 HOH HOH F . 
E 4 HOH 2  102 6  HOH HOH F . 
E 4 HOH 3  103 14 HOH HOH F . 
E 4 HOH 4  104 3  HOH HOH F . 
E 4 HOH 5  105 10 HOH HOH F . 
E 4 HOH 6  106 8  HOH HOH F . 
E 4 HOH 7  107 25 HOH HOH F . 
E 4 HOH 8  108 46 HOH HOH F . 
E 4 HOH 9  109 6  HOH HOH F . 
E 4 HOH 10 110 4  HOH HOH F . 
E 4 HOH 11 111 13 HOH HOH F . 
E 4 HOH 12 112 53 HOH HOH F . 
E 4 HOH 13 113 58 HOH HOH F . 
E 4 HOH 14 114 4  HOH HOH F . 
E 4 HOH 15 115 13 HOH HOH F . 
E 4 HOH 16 116 10 HOH HOH F . 
F 4 HOH 1  201 18 HOH HOH A . 
F 4 HOH 2  202 14 HOH HOH A . 
F 4 HOH 3  203 53 HOH HOH A . 
F 4 HOH 4  204 9  HOH HOH A . 
F 4 HOH 5  205 3  HOH HOH A . 
F 4 HOH 6  206 11 HOH HOH A . 
F 4 HOH 7  207 9  HOH HOH A . 
F 4 HOH 8  208 5  HOH HOH A . 
F 4 HOH 9  209 17 HOH HOH A . 
F 4 HOH 10 210 7  HOH HOH A . 
F 4 HOH 11 211 62 HOH HOH A . 
F 4 HOH 12 212 33 HOH HOH A . 
F 4 HOH 13 213 9  HOH HOH A . 
F 4 HOH 14 214 8  HOH HOH A . 
F 4 HOH 15 215 8  HOH HOH A . 
F 4 HOH 16 216 11 HOH HOH A . 
F 4 HOH 17 217 5  HOH HOH A . 
F 4 HOH 18 218 7  HOH HOH A . 
F 4 HOH 19 219 11 HOH HOH A . 
F 4 HOH 20 220 12 HOH HOH A . 
F 4 HOH 21 221 12 HOH HOH A . 
F 4 HOH 22 222 2  HOH HOH A . 
F 4 HOH 23 223 28 HOH HOH A . 
F 4 HOH 24 224 2  HOH HOH A . 
# 
loop_
_software.citation_id 
_software.classification 
_software.compiler_name 
_software.compiler_version 
_software.contact_author 
_software.contact_author_email 
_software.date 
_software.description 
_software.dependencies 
_software.hardware 
_software.language 
_software.location 
_software.mods 
_software.name 
_software.os 
_software.os_version 
_software.type 
_software.version 
_software.pdbx_ordinal 
? 'data scaling'    ? ? ? ? ? ? ? ? ? ? ? Aimless     ? ? ? 0.5.25 1 
? phasing           ? ? ? ? ? ? ? ? ? ? ? PHASER      ? ? ? .      2 
? refinement        ? ? ? ? ? ? ? ? ? ? ? REFMAC      ? ? ? .      3 
? 'data extraction' ? ? ? ? ? ? ? ? ? ? ? PDB_EXTRACT ? ? ? 3.22   4 
? 'data reduction'  ? ? ? ? ? ? ? ? ? ? ? XDS         ? ? ? .      5 
? phasing           ? ? ? ? ? ? ? ? ? ? ? PHASER      ? ? ? .      6 
# 
_cell.angle_alpha                  90.000 
_cell.angle_alpha_esd              ? 
_cell.angle_beta                   90.000 
_cell.angle_beta_esd               ? 
_cell.angle_gamma                  120.000 
_cell.angle_gamma_esd              ? 
_cell.entry_id                     5NNX 
_cell.details                      ? 
_cell.formula_units_Z              ? 
_cell.length_a                     112.300 
_cell.length_a_esd                 ? 
_cell.length_b                     112.300 
_cell.length_b_esd                 ? 
_cell.length_c                     157.562 
_cell.length_c_esd                 ? 
_cell.volume                       ? 
_cell.volume_esd                   ? 
_cell.Z_PDB                        18 
_cell.reciprocal_angle_alpha       ? 
_cell.reciprocal_angle_beta        ? 
_cell.reciprocal_angle_gamma       ? 
_cell.reciprocal_angle_alpha_esd   ? 
_cell.reciprocal_angle_beta_esd    ? 
_cell.reciprocal_angle_gamma_esd   ? 
_cell.reciprocal_length_a          ? 
_cell.reciprocal_length_b          ? 
_cell.reciprocal_length_c          ? 
_cell.reciprocal_length_a_esd      ? 
_cell.reciprocal_length_b_esd      ? 
_cell.reciprocal_length_c_esd      ? 
_cell.pdbx_unique_axis             ? 
# 
_symmetry.entry_id                         5NNX 
_symmetry.cell_setting                     ? 
_symmetry.Int_Tables_number                155 
_symmetry.space_group_name_Hall            ? 
_symmetry.space_group_name_H-M             'H 3 2' 
_symmetry.pdbx_full_space_group_name_H-M   ? 
# 
_exptl.absorpt_coefficient_mu     ? 
_exptl.absorpt_correction_T_max   ? 
_exptl.absorpt_correction_T_min   ? 
_exptl.absorpt_correction_type    ? 
_exptl.absorpt_process_details    ? 
_exptl.entry_id                   5NNX 
_exptl.crystals_number            1 
_exptl.details                    ? 
_exptl.method                     'X-RAY DIFFRACTION' 
_exptl.method_details             ? 
# 
_exptl_crystal.colour                      ? 
_exptl_crystal.density_diffrn              ? 
_exptl_crystal.density_Matthews            4.87 
_exptl_crystal.density_method              ? 
_exptl_crystal.density_percent_sol         74.75 
_exptl_crystal.description                 ? 
_exptl_crystal.F_000                       ? 
_exptl_crystal.id                          1 
_exptl_crystal.preparation                 ? 
_exptl_crystal.size_max                    ? 
_exptl_crystal.size_mid                    ? 
_exptl_crystal.size_min                    ? 
_exptl_crystal.size_rad                    ? 
_exptl_crystal.colour_lustre               ? 
_exptl_crystal.colour_modifier             ? 
_exptl_crystal.colour_primary              ? 
_exptl_crystal.density_meas                ? 
_exptl_crystal.density_meas_esd            ? 
_exptl_crystal.density_meas_gt             ? 
_exptl_crystal.density_meas_lt             ? 
_exptl_crystal.density_meas_temp           ? 
_exptl_crystal.density_meas_temp_esd       ? 
_exptl_crystal.density_meas_temp_gt        ? 
_exptl_crystal.density_meas_temp_lt        ? 
_exptl_crystal.pdbx_crystal_image_url      ? 
_exptl_crystal.pdbx_crystal_image_format   ? 
_exptl_crystal.pdbx_mosaicity              ? 
_exptl_crystal.pdbx_mosaicity_esd          ? 
# 
_exptl_crystal_grow.apparatus       ? 
_exptl_crystal_grow.atmosphere      ? 
_exptl_crystal_grow.crystal_id      1 
_exptl_crystal_grow.details         ? 
_exptl_crystal_grow.method          'VAPOR DIFFUSION, SITTING DROP' 
_exptl_crystal_grow.method_ref      ? 
_exptl_crystal_grow.pH              7.24 
_exptl_crystal_grow.pressure        ? 
_exptl_crystal_grow.pressure_esd    ? 
_exptl_crystal_grow.seeding         ? 
_exptl_crystal_grow.seeding_ref     ? 
_exptl_crystal_grow.temp            298 
_exptl_crystal_grow.temp_details    ? 
_exptl_crystal_grow.temp_esd        ? 
_exptl_crystal_grow.time            ? 
_exptl_crystal_grow.pdbx_details    'Ammonium Sulphate, MOPS, PEG (6000), PME(550)' 
_exptl_crystal_grow.pdbx_pH_range   ? 
# 
_diffrn.ambient_environment              ? 
_diffrn.ambient_temp                     100 
_diffrn.ambient_temp_details             ? 
_diffrn.ambient_temp_esd                 ? 
_diffrn.crystal_id                       1 
_diffrn.crystal_support                  ? 
_diffrn.crystal_treatment                ? 
_diffrn.details                          ? 
_diffrn.id                               1 
_diffrn.ambient_pressure                 ? 
_diffrn.ambient_pressure_esd             ? 
_diffrn.ambient_pressure_gt              ? 
_diffrn.ambient_pressure_lt              ? 
_diffrn.ambient_temp_gt                  ? 
_diffrn.ambient_temp_lt                  ? 
_diffrn.pdbx_serial_crystal_experiment   ? 
# 
_diffrn_detector.details                      ? 
_diffrn_detector.detector                     CCD 
_diffrn_detector.diffrn_id                    1 
_diffrn_detector.type                         'ADSC QUANTUM 315' 
_diffrn_detector.area_resol_mean              ? 
_diffrn_detector.dtime                        ? 
_diffrn_detector.pdbx_frames_total            ? 
_diffrn_detector.pdbx_collection_time_total   ? 
_diffrn_detector.pdbx_collection_date         2016-04-20 
# 
_diffrn_radiation.collimation                      ? 
_diffrn_radiation.diffrn_id                        1 
_diffrn_radiation.filter_edge                      ? 
_diffrn_radiation.inhomogeneity                    ? 
_diffrn_radiation.monochromator                    ? 
_diffrn_radiation.polarisn_norm                    ? 
_diffrn_radiation.polarisn_ratio                   ? 
_diffrn_radiation.probe                            ? 
_diffrn_radiation.type                             ? 
_diffrn_radiation.xray_symbol                      ? 
_diffrn_radiation.wavelength_id                    1 
_diffrn_radiation.pdbx_monochromatic_or_laue_m_l   M 
_diffrn_radiation.pdbx_wavelength_list             ? 
_diffrn_radiation.pdbx_wavelength                  ? 
_diffrn_radiation.pdbx_diffrn_protocol             'SINGLE WAVELENGTH' 
_diffrn_radiation.pdbx_analyzer                    ? 
_diffrn_radiation.pdbx_scattering_type             x-ray 
# 
_diffrn_radiation_wavelength.id           1 
_diffrn_radiation_wavelength.wavelength   0.97242 
_diffrn_radiation_wavelength.wt           1.0 
# 
_diffrn_source.current                     ? 
_diffrn_source.details                     ? 
_diffrn_source.diffrn_id                   1 
_diffrn_source.power                       ? 
_diffrn_source.size                        ? 
_diffrn_source.source                      SYNCHROTRON 
_diffrn_source.target                      ? 
_diffrn_source.type                        'ESRF BEAMLINE ID23-1' 
_diffrn_source.voltage                     ? 
_diffrn_source.take-off_angle              ? 
_diffrn_source.pdbx_wavelength_list        0.97242 
_diffrn_source.pdbx_wavelength             ? 
_diffrn_source.pdbx_synchrotron_beamline   ID23-1 
_diffrn_source.pdbx_synchrotron_site       ESRF 
# 
_reflns.B_iso_Wilson_estimate            ? 
_reflns.entry_id                         5NNX 
_reflns.data_reduction_details           ? 
_reflns.data_reduction_method            ? 
_reflns.d_resolution_high                3.290 
_reflns.d_resolution_low                 46.460 
_reflns.details                          ? 
_reflns.limit_h_max                      ? 
_reflns.limit_h_min                      ? 
_reflns.limit_k_max                      ? 
_reflns.limit_k_min                      ? 
_reflns.limit_l_max                      ? 
_reflns.limit_l_min                      ? 
_reflns.number_all                       ? 
_reflns.number_obs                       5806 
_reflns.observed_criterion               ? 
_reflns.observed_criterion_F_max         ? 
_reflns.observed_criterion_F_min         ? 
_reflns.observed_criterion_I_max         ? 
_reflns.observed_criterion_I_min         ? 
_reflns.observed_criterion_sigma_F       ? 
_reflns.observed_criterion_sigma_I       ? 
_reflns.percent_possible_obs             97.400 
_reflns.R_free_details                   ? 
_reflns.Rmerge_F_all                     ? 
_reflns.Rmerge_F_obs                     ? 
_reflns.Friedel_coverage                 ? 
_reflns.number_gt                        ? 
_reflns.threshold_expression             ? 
_reflns.pdbx_redundancy                  5.900 
_reflns.pdbx_Rmerge_I_obs                0.079 
_reflns.pdbx_Rmerge_I_all                ? 
_reflns.pdbx_Rsym_value                  ? 
_reflns.pdbx_netI_over_av_sigmaI         ? 
_reflns.pdbx_netI_over_sigmaI            9.800 
_reflns.pdbx_res_netI_over_av_sigmaI_2   ? 
_reflns.pdbx_res_netI_over_sigmaI_2      ? 
_reflns.pdbx_chi_squared                 ? 
_reflns.pdbx_scaling_rejects             ? 
_reflns.pdbx_d_res_high_opt              ? 
_reflns.pdbx_d_res_low_opt               ? 
_reflns.pdbx_d_res_opt_method            ? 
_reflns.phase_calculation_details        ? 
_reflns.pdbx_Rrim_I_all                  0.087 
_reflns.pdbx_Rpim_I_all                  0.035 
_reflns.pdbx_d_opt                       ? 
_reflns.pdbx_number_measured_all         ? 
_reflns.pdbx_diffrn_id                   1 
_reflns.pdbx_ordinal                     1 
_reflns.pdbx_CC_half                     1.000 
_reflns.pdbx_R_split                     ? 
# 
loop_
_reflns_shell.d_res_high 
_reflns_shell.d_res_low 
_reflns_shell.meanI_over_sigI_all 
_reflns_shell.meanI_over_sigI_obs 
_reflns_shell.number_measured_all 
_reflns_shell.number_measured_obs 
_reflns_shell.number_possible 
_reflns_shell.number_unique_all 
_reflns_shell.number_unique_obs 
_reflns_shell.percent_possible_all 
_reflns_shell.percent_possible_obs 
_reflns_shell.Rmerge_F_all 
_reflns_shell.Rmerge_F_obs 
_reflns_shell.Rmerge_I_all 
_reflns_shell.Rmerge_I_obs 
_reflns_shell.meanI_over_sigI_gt 
_reflns_shell.meanI_over_uI_all 
_reflns_shell.meanI_over_uI_gt 
_reflns_shell.number_measured_gt 
_reflns_shell.number_unique_gt 
_reflns_shell.percent_possible_gt 
_reflns_shell.Rmerge_F_gt 
_reflns_shell.Rmerge_I_gt 
_reflns_shell.pdbx_redundancy 
_reflns_shell.pdbx_Rsym_value 
_reflns_shell.pdbx_chi_squared 
_reflns_shell.pdbx_netI_over_sigmaI_all 
_reflns_shell.pdbx_netI_over_sigmaI_obs 
_reflns_shell.pdbx_Rrim_I_all 
_reflns_shell.pdbx_Rpim_I_all 
_reflns_shell.pdbx_rejects 
_reflns_shell.pdbx_ordinal 
_reflns_shell.pdbx_diffrn_id 
_reflns_shell.pdbx_CC_half 
_reflns_shell.pdbx_R_split 
3.290 3.550  ? ? ? ? ? ? ? 93.600 ? ? ? ? 2.218 ? ? ? ? ? ? ? ? 5.700 ? ? ? ? 2.442 0.992 ? 1 1 0.503 ? 
8.700 46.460 ? ? ? ? ? ? ? 95.200 ? ? ? ? 0.025 ? ? ? ? ? ? ? ? 5.300 ? ? ? ? 0.027 0.011 ? 2 1 1.000 ? 
# 
_refine.aniso_B[1][1]                            1.0200 
_refine.aniso_B[1][2]                            0.5100 
_refine.aniso_B[1][3]                            0.0000 
_refine.aniso_B[2][2]                            1.0200 
_refine.aniso_B[2][3]                            0.0000 
_refine.aniso_B[3][3]                            -3.3100 
_refine.B_iso_max                                319.030 
_refine.B_iso_mean                               167.3030 
_refine.B_iso_min                                86.110 
_refine.correlation_coeff_Fo_to_Fc               0.9760 
_refine.correlation_coeff_Fo_to_Fc_free          0.9350 
_refine.details                                  
'HYDROGENS HAVE BEEN ADDED IN THE RIDING POSITIONS U VALUES      : REFINED INDIVIDUALLY' 
_refine.diff_density_max                         ? 
_refine.diff_density_max_esd                     ? 
_refine.diff_density_min                         ? 
_refine.diff_density_min_esd                     ? 
_refine.diff_density_rms                         ? 
_refine.diff_density_rms_esd                     ? 
_refine.entry_id                                 5NNX 
_refine.pdbx_refine_id                           'X-RAY DIFFRACTION' 
_refine.ls_abs_structure_details                 ? 
_refine.ls_abs_structure_Flack                   ? 
_refine.ls_abs_structure_Flack_esd               ? 
_refine.ls_abs_structure_Rogers                  ? 
_refine.ls_abs_structure_Rogers_esd              ? 
_refine.ls_d_res_high                            3.2900 
_refine.ls_d_res_low                             46 
_refine.ls_extinction_coef                       ? 
_refine.ls_extinction_coef_esd                   ? 
_refine.ls_extinction_expression                 ? 
_refine.ls_extinction_method                     ? 
_refine.ls_goodness_of_fit_all                   ? 
_refine.ls_goodness_of_fit_all_esd               ? 
_refine.ls_goodness_of_fit_obs                   ? 
_refine.ls_goodness_of_fit_obs_esd               ? 
_refine.ls_hydrogen_treatment                    ? 
_refine.ls_matrix_type                           ? 
_refine.ls_number_constraints                    ? 
_refine.ls_number_parameters                     ? 
_refine.ls_number_reflns_all                     ? 
_refine.ls_number_reflns_obs                     5205 
_refine.ls_number_reflns_R_free                  601 
_refine.ls_number_reflns_R_work                  ? 
_refine.ls_number_restraints                     ? 
_refine.ls_percent_reflns_obs                    96.5100 
_refine.ls_percent_reflns_R_free                 10.4000 
_refine.ls_R_factor_all                          ? 
_refine.ls_R_factor_obs                          0.2032 
_refine.ls_R_factor_R_free                       0.2777 
_refine.ls_R_factor_R_free_error                 ? 
_refine.ls_R_factor_R_free_error_details         ? 
_refine.ls_R_factor_R_work                       0.1955 
_refine.ls_R_Fsqd_factor_obs                     ? 
_refine.ls_R_I_factor_obs                        ? 
_refine.ls_redundancy_reflns_all                 ? 
_refine.ls_redundancy_reflns_obs                 ? 
_refine.ls_restrained_S_all                      ? 
_refine.ls_restrained_S_obs                      ? 
_refine.ls_shift_over_esd_max                    ? 
_refine.ls_shift_over_esd_mean                   ? 
_refine.ls_structure_factor_coef                 ? 
_refine.ls_weighting_details                     ? 
_refine.ls_weighting_scheme                      ? 
_refine.ls_wR_factor_all                         ? 
_refine.ls_wR_factor_obs                         ? 
_refine.ls_wR_factor_R_free                      ? 
_refine.ls_wR_factor_R_work                      ? 
_refine.occupancy_max                            ? 
_refine.occupancy_min                            ? 
_refine.solvent_model_details                    ? 
_refine.solvent_model_param_bsol                 ? 
_refine.solvent_model_param_ksol                 ? 
_refine.ls_R_factor_gt                           ? 
_refine.ls_goodness_of_fit_gt                    ? 
_refine.ls_goodness_of_fit_ref                   ? 
_refine.ls_shift_over_su_max                     ? 
_refine.ls_shift_over_su_max_lt                  ? 
_refine.ls_shift_over_su_mean                    ? 
_refine.ls_shift_over_su_mean_lt                 ? 
_refine.pdbx_ls_sigma_I                          ? 
_refine.pdbx_ls_sigma_F                          0.000 
_refine.pdbx_ls_sigma_Fsqd                       ? 
_refine.pdbx_data_cutoff_high_absF               ? 
_refine.pdbx_data_cutoff_high_rms_absF           ? 
_refine.pdbx_data_cutoff_low_absF                ? 
_refine.pdbx_isotropic_thermal_model             ? 
_refine.pdbx_ls_cross_valid_method               THROUGHOUT 
_refine.pdbx_method_to_determine_struct          'MOLECULAR REPLACEMENT' 
_refine.pdbx_starting_model                      4Z8E 
_refine.pdbx_stereochemistry_target_values       ? 
_refine.pdbx_R_Free_selection_details            RANDOM 
_refine.pdbx_stereochem_target_val_spec_case     ? 
_refine.pdbx_overall_ESU_R                       ? 
_refine.pdbx_overall_ESU_R_Free                  0.4960 
_refine.pdbx_solvent_vdw_probe_radii             1.2000 
_refine.pdbx_solvent_ion_probe_radii             0.8000 
_refine.pdbx_solvent_shrinkage_radii             0.8000 
_refine.pdbx_real_space_R                        ? 
_refine.pdbx_density_correlation                 ? 
_refine.pdbx_pd_number_of_powder_patterns        ? 
_refine.pdbx_pd_number_of_points                 ? 
_refine.pdbx_pd_meas_number_of_points            ? 
_refine.pdbx_pd_proc_ls_prof_R_factor            ? 
_refine.pdbx_pd_proc_ls_prof_wR_factor           ? 
_refine.pdbx_pd_Marquardt_correlation_coeff      ? 
_refine.pdbx_pd_Fsqrd_R_factor                   ? 
_refine.pdbx_pd_ls_matrix_band_width             ? 
_refine.pdbx_overall_phase_error                 ? 
_refine.pdbx_overall_SU_R_free_Cruickshank_DPI   ? 
_refine.pdbx_overall_SU_R_free_Blow_DPI          ? 
_refine.pdbx_overall_SU_R_Blow_DPI               ? 
_refine.pdbx_TLS_residual_ADP_flag               ? 
_refine.pdbx_diffrn_id                           1 
_refine.overall_SU_B                             31.0300 
_refine.overall_SU_ML                            0.4450 
_refine.overall_SU_R_Cruickshank_DPI             ? 
_refine.overall_SU_R_free                        ? 
_refine.overall_FOM_free_R_set                   ? 
_refine.overall_FOM_work_R_set                   ? 
_refine.pdbx_average_fsc_overall                 ? 
_refine.pdbx_average_fsc_work                    ? 
_refine.pdbx_average_fsc_free                    ? 
# 
_refine_hist.cycle_id                         final 
_refine_hist.pdbx_refine_id                   'X-RAY DIFFRACTION' 
_refine_hist.d_res_high                       3.2900 
_refine_hist.d_res_low                        46 
_refine_hist.pdbx_number_atoms_ligand         0 
_refine_hist.number_atoms_solvent             56 
_refine_hist.number_atoms_total               1396 
_refine_hist.pdbx_number_residues_total       110 
_refine_hist.pdbx_B_iso_mean_solvent          139.39 
_refine_hist.pdbx_number_atoms_protein        602 
_refine_hist.pdbx_number_atoms_nucleic_acid   738 
# 
loop_
_refine_ls_restr.pdbx_refine_id 
_refine_ls_restr.criterion 
_refine_ls_restr.dev_ideal 
_refine_ls_restr.dev_ideal_target 
_refine_ls_restr.number 
_refine_ls_restr.rejects 
_refine_ls_restr.type 
_refine_ls_restr.weight 
_refine_ls_restr.pdbx_restraint_function 
'X-RAY DIFFRACTION' ? 0.032  0.017  1474 ? r_bond_refined_d       ? ? 
'X-RAY DIFFRACTION' ? 0.003  0.020  1021 ? r_bond_other_d         ? ? 
'X-RAY DIFFRACTION' ? 1.650  1.490  2083 ? r_angle_refined_deg    ? ? 
'X-RAY DIFFRACTION' ? 1.499  3.000  2374 ? r_angle_other_deg      ? ? 
'X-RAY DIFFRACTION' ? 22.746 6.678  188  ? r_dihedral_angle_1_deg ? ? 
'X-RAY DIFFRACTION' ? 31.137 20.000 26   ? r_dihedral_angle_2_deg ? ? 
'X-RAY DIFFRACTION' ? 24.422 15.000 114  ? r_dihedral_angle_3_deg ? ? 
'X-RAY DIFFRACTION' ? 18.329 15.000 10   ? r_dihedral_angle_4_deg ? ? 
'X-RAY DIFFRACTION' ? 0.249  0.240  225  ? r_chiral_restr         ? ? 
'X-RAY DIFFRACTION' ? 0.012  0.020  1105 ? r_gen_planes_refined   ? ? 
'X-RAY DIFFRACTION' ? 0.003  0.020  327  ? r_gen_planes_other     ? ? 
# 
_refine_ls_shell.pdbx_refine_id                   'X-RAY DIFFRACTION' 
_refine_ls_shell.d_res_high                       3.2890 
_refine_ls_shell.d_res_low                        3.3750 
_refine_ls_shell.number_reflns_all                365 
_refine_ls_shell.number_reflns_obs                ? 
_refine_ls_shell.number_reflns_R_free             36 
_refine_ls_shell.number_reflns_R_work             329 
_refine_ls_shell.percent_reflns_obs               82.5800 
_refine_ls_shell.percent_reflns_R_free            ? 
_refine_ls_shell.R_factor_all                     ? 
_refine_ls_shell.R_factor_obs                     ? 
_refine_ls_shell.R_factor_R_free                  0.4670 
_refine_ls_shell.R_factor_R_free_error            0.0000 
_refine_ls_shell.R_factor_R_work                  0.4440 
_refine_ls_shell.redundancy_reflns_all            ? 
_refine_ls_shell.redundancy_reflns_obs            ? 
_refine_ls_shell.wR_factor_all                    ? 
_refine_ls_shell.wR_factor_obs                    ? 
_refine_ls_shell.wR_factor_R_free                 ? 
_refine_ls_shell.wR_factor_R_work                 ? 
_refine_ls_shell.pdbx_total_number_of_bins_used   20 
_refine_ls_shell.pdbx_phase_error                 ? 
_refine_ls_shell.pdbx_fsc_work                    ? 
_refine_ls_shell.pdbx_fsc_free                    ? 
# 
_struct.entry_id                     5NNX 
_struct.title                        'TEAD1 bound to DNA' 
_struct.pdbx_model_details           ? 
_struct.pdbx_formula_weight          ? 
_struct.pdbx_formula_weight_method   ? 
_struct.pdbx_model_type_details      ? 
_struct.pdbx_CASP_flag               N 
# 
_struct_keywords.entry_id        5NNX 
_struct_keywords.text            'Transcription factor, DNA binding, Transcription' 
_struct_keywords.pdbx_keywords   TRANSCRIPTION 
# 
loop_
_struct_asym.id 
_struct_asym.pdbx_blank_PDB_chainid_flag 
_struct_asym.pdbx_modified 
_struct_asym.entity_id 
_struct_asym.details 
A N N 1 ? 
B N N 2 ? 
C N N 3 ? 
D N N 4 ? 
E N N 4 ? 
F N N 4 ? 
# 
loop_
_struct_ref.id 
_struct_ref.db_name 
_struct_ref.db_code 
_struct_ref.pdbx_db_accession 
_struct_ref.pdbx_db_isoform 
_struct_ref.entity_id 
_struct_ref.pdbx_seq_one_letter_code 
_struct_ref.pdbx_align_begin 
1 PDB 5NNX        5NNX   ? 1 ?                                                                          1  
2 PDB 5NNX        5NNX   ? 2 ?                                                                          1  
3 UNP TEAD1_HUMAN P28347 ? 3 AEGVWSPDIEQSFQEALAIYPPCGRRKIILSDEGKMYGRNELIARYIKLRTGKTRTRKQVSSHIQVLARRKSRD 31 
# 
loop_
_struct_ref_seq.align_id 
_struct_ref_seq.ref_id 
_struct_ref_seq.pdbx_PDB_id_code 
_struct_ref_seq.pdbx_strand_id 
_struct_ref_seq.seq_align_beg 
_struct_ref_seq.pdbx_seq_align_beg_ins_code 
_struct_ref_seq.seq_align_end 
_struct_ref_seq.pdbx_seq_align_end_ins_code 
_struct_ref_seq.pdbx_db_accession 
_struct_ref_seq.db_align_beg 
_struct_ref_seq.pdbx_db_align_beg_ins_code 
_struct_ref_seq.db_align_end 
_struct_ref_seq.pdbx_db_align_end_ins_code 
_struct_ref_seq.pdbx_auth_seq_align_beg 
_struct_ref_seq.pdbx_auth_seq_align_end 
1 1 5NNX C 1 ? 18 ? 5NNX   1  ? 18  ? 1  18  
2 2 5NNX F 1 ? 18 ? 5NNX   2  ? 19  ? 2  19  
3 3 5NNX A 1 ? 74 ? P28347 31 ? 104 ? 31 104 
# 
_pdbx_struct_assembly.id                   1 
_pdbx_struct_assembly.details              author_defined_assembly 
_pdbx_struct_assembly.method_details       ? 
_pdbx_struct_assembly.oligomeric_details   nonameric 
_pdbx_struct_assembly.oligomeric_count     9 
# 
loop_
_pdbx_struct_assembly_gen.assembly_id 
_pdbx_struct_assembly_gen.oper_expression 
_pdbx_struct_assembly_gen.asym_id_list 
1 1 A,B,C,D,E,F 
1 2 A,B,C,D,E,F 
1 3 A,B,C,D,E,F 
# 
_pdbx_struct_assembly_auth_evidence.id                     1 
_pdbx_struct_assembly_auth_evidence.assembly_id            1 
_pdbx_struct_assembly_auth_evidence.experimental_support   none 
_pdbx_struct_assembly_auth_evidence.details                ? 
# 
loop_
_pdbx_struct_oper_list.id 
_pdbx_struct_oper_list.type 
_pdbx_struct_oper_list.name 
_pdbx_struct_oper_list.symmetry_operation 
_pdbx_struct_oper_list.matrix[1][1] 
_pdbx_struct_oper_list.matrix[1][2] 
_pdbx_struct_oper_list.matrix[1][3] 
_pdbx_struct_oper_list.vector[1] 
_pdbx_struct_oper_list.matrix[2][1] 
_pdbx_struct_oper_list.matrix[2][2] 
_pdbx_struct_oper_list.matrix[2][3] 
_pdbx_struct_oper_list.vector[2] 
_pdbx_struct_oper_list.matrix[3][1] 
_pdbx_struct_oper_list.matrix[3][2] 
_pdbx_struct_oper_list.matrix[3][3] 
_pdbx_struct_oper_list.vector[3] 
1 'identity operation'         1_555 x,y,z     1.0000000000  0.0000000000  0.0000000000  0.0000000000  0.0000000000  1.0000000000 0.0000000000  0.0000000000  0.0000000000  0.0000000000  1.0000000000  0.0000000000   
2 'crystal symmetry operation' 2_555 -y,x-y,z  -0.3184276050 -0.1731375667 0.9320017400  17.4059112006 -0.7431439628 0.6559739592 -0.1320424758 10.7475441380 -0.5885073584 -0.7346574357 -0.3375463542 10.2677377052  
3 'crystal symmetry operation' 3_555 -x+y,-x,z -0.3184276050 -0.7431439628 -0.5885073584 19.5721343514 -0.1731375667 0.6559739592 -0.7346574357 3.5067778845  0.9320017400  -0.1320424758 -0.3375463542 -11.3373697613 
# 
loop_
_struct_conf.conf_type_id 
_struct_conf.id 
_struct_conf.pdbx_PDB_helix_id 
_struct_conf.beg_label_comp_id 
_struct_conf.beg_label_asym_id 
_struct_conf.beg_label_seq_id 
_struct_conf.pdbx_beg_PDB_ins_code 
_struct_conf.end_label_comp_id 
_struct_conf.end_label_asym_id 
_struct_conf.end_label_seq_id 
_struct_conf.pdbx_end_PDB_ins_code 
_struct_conf.beg_auth_comp_id 
_struct_conf.beg_auth_asym_id 
_struct_conf.beg_auth_seq_id 
_struct_conf.end_auth_comp_id 
_struct_conf.end_auth_asym_id 
_struct_conf.end_auth_seq_id 
_struct_conf.pdbx_PDB_helix_class 
_struct_conf.details 
_struct_conf.pdbx_PDB_helix_length 
HELX_P HELX_P1 AA1 ASP C 8  ? TYR C 20 ? ASP A 38 TYR A 50  1 ? 13 
HELX_P HELX_P2 AA2 GLY C 38 ? THR C 51 ? GLY A 68 THR A 81  1 ? 14 
HELX_P HELX_P3 AA3 THR C 56 ? LYS C 71 ? THR A 86 LYS A 101 1 ? 16 
# 
_struct_conf_type.id          HELX_P 
_struct_conf_type.criteria    ? 
_struct_conf_type.reference   ? 
# 
loop_
_struct_conn.id 
_struct_conn.conn_type_id 
_struct_conn.pdbx_leaving_atom_flag 
_struct_conn.pdbx_PDB_id 
_struct_conn.ptnr1_label_asym_id 
_struct_conn.ptnr1_label_comp_id 
_struct_conn.ptnr1_label_seq_id 
_struct_conn.ptnr1_label_atom_id 
_struct_conn.pdbx_ptnr1_label_alt_id 
_struct_conn.pdbx_ptnr1_PDB_ins_code 
_struct_conn.pdbx_ptnr1_standard_comp_id 
_struct_conn.ptnr1_symmetry 
_struct_conn.ptnr2_label_asym_id 
_struct_conn.ptnr2_label_comp_id 
_struct_conn.ptnr2_label_seq_id 
_struct_conn.ptnr2_label_atom_id 
_struct_conn.pdbx_ptnr2_label_alt_id 
_struct_conn.pdbx_ptnr2_PDB_ins_code 
_struct_conn.ptnr1_auth_asym_id 
_struct_conn.ptnr1_auth_comp_id 
_struct_conn.ptnr1_auth_seq_id 
_struct_conn.ptnr2_auth_asym_id 
_struct_conn.ptnr2_auth_comp_id 
_struct_conn.ptnr2_auth_seq_id 
_struct_conn.ptnr2_symmetry 
_struct_conn.pdbx_ptnr3_label_atom_id 
_struct_conn.pdbx_ptnr3_label_seq_id 
_struct_conn.pdbx_ptnr3_label_comp_id 
_struct_conn.pdbx_ptnr3_label_asym_id 
_struct_conn.pdbx_ptnr3_label_alt_id 
_struct_conn.pdbx_ptnr3_PDB_ins_code 
_struct_conn.details 
_struct_conn.pdbx_dist_value 
_struct_conn.pdbx_value_order 
_struct_conn.pdbx_role 
hydrog1  hydrog ? ? A DC 1  N3 ? ? ? 1_555 B DG 18 N1 ? ? C DC 1  F DG 19 1_555 ? ? ? ? ? ? WATSON-CRICK ? ? ? 
hydrog2  hydrog ? ? A DC 1  N4 ? ? ? 1_555 B DG 18 O6 ? ? C DC 1  F DG 19 1_555 ? ? ? ? ? ? WATSON-CRICK ? ? ? 
hydrog3  hydrog ? ? A DC 1  O2 ? ? ? 1_555 B DG 18 N2 ? ? C DC 1  F DG 19 1_555 ? ? ? ? ? ? WATSON-CRICK ? ? ? 
hydrog4  hydrog ? ? A DA 2  N1 ? ? ? 1_555 B DT 17 N3 ? ? C DA 2  F DT 18 1_555 ? ? ? ? ? ? WATSON-CRICK ? ? ? 
hydrog5  hydrog ? ? A DA 2  N6 ? ? ? 1_555 B DT 17 O4 ? ? C DA 2  F DT 18 1_555 ? ? ? ? ? ? WATSON-CRICK ? ? ? 
hydrog6  hydrog ? ? A DC 3  N3 ? ? ? 1_555 B DG 16 N1 ? ? C DC 3  F DG 17 1_555 ? ? ? ? ? ? WATSON-CRICK ? ? ? 
hydrog7  hydrog ? ? A DC 3  N4 ? ? ? 1_555 B DG 16 O6 ? ? C DC 3  F DG 17 1_555 ? ? ? ? ? ? WATSON-CRICK ? ? ? 
hydrog8  hydrog ? ? A DC 3  O2 ? ? ? 1_555 B DG 16 N2 ? ? C DC 3  F DG 17 1_555 ? ? ? ? ? ? WATSON-CRICK ? ? ? 
hydrog9  hydrog ? ? A DA 4  N1 ? ? ? 1_555 B DT 15 N3 ? ? C DA 4  F DT 16 1_555 ? ? ? ? ? ? WATSON-CRICK ? ? ? 
hydrog10 hydrog ? ? A DA 4  N6 ? ? ? 1_555 B DT 15 O4 ? ? C DA 4  F DT 16 1_555 ? ? ? ? ? ? WATSON-CRICK ? ? ? 
hydrog11 hydrog ? ? A DT 5  N3 ? ? ? 1_555 B DA 14 N1 ? ? C DT 5  F DA 15 1_555 ? ? ? ? ? ? WATSON-CRICK ? ? ? 
hydrog12 hydrog ? ? A DT 5  O4 ? ? ? 1_555 B DA 14 N6 ? ? C DT 5  F DA 15 1_555 ? ? ? ? ? ? WATSON-CRICK ? ? ? 
hydrog13 hydrog ? ? A DT 6  N3 ? ? ? 1_555 B DA 13 N1 ? ? C DT 6  F DA 14 1_555 ? ? ? ? ? ? WATSON-CRICK ? ? ? 
hydrog14 hydrog ? ? A DT 6  O4 ? ? ? 1_555 B DA 13 N6 ? ? C DT 6  F DA 14 1_555 ? ? ? ? ? ? WATSON-CRICK ? ? ? 
hydrog15 hydrog ? ? A DC 7  N3 ? ? ? 1_555 B DG 12 N1 ? ? C DC 7  F DG 13 1_555 ? ? ? ? ? ? WATSON-CRICK ? ? ? 
hydrog16 hydrog ? ? A DC 7  N4 ? ? ? 1_555 B DG 12 O6 ? ? C DC 7  F DG 13 1_555 ? ? ? ? ? ? WATSON-CRICK ? ? ? 
hydrog17 hydrog ? ? A DC 7  O2 ? ? ? 1_555 B DG 12 N2 ? ? C DC 7  F DG 13 1_555 ? ? ? ? ? ? WATSON-CRICK ? ? ? 
hydrog18 hydrog ? ? A DC 8  N3 ? ? ? 1_555 B DG 11 N1 ? ? C DC 8  F DG 12 1_555 ? ? ? ? ? ? WATSON-CRICK ? ? ? 
hydrog19 hydrog ? ? A DC 8  N4 ? ? ? 1_555 B DG 11 O6 ? ? C DC 8  F DG 12 1_555 ? ? ? ? ? ? WATSON-CRICK ? ? ? 
hydrog20 hydrog ? ? A DC 8  O2 ? ? ? 1_555 B DG 11 N2 ? ? C DC 8  F DG 12 1_555 ? ? ? ? ? ? WATSON-CRICK ? ? ? 
hydrog21 hydrog ? ? A DG 9  N1 ? ? ? 1_555 B DC 10 N3 ? ? C DG 9  F DC 11 1_555 ? ? ? ? ? ? WATSON-CRICK ? ? ? 
hydrog22 hydrog ? ? A DG 9  N2 ? ? ? 1_555 B DC 10 O2 ? ? C DG 9  F DC 11 1_555 ? ? ? ? ? ? WATSON-CRICK ? ? ? 
hydrog23 hydrog ? ? A DG 9  O6 ? ? ? 1_555 B DC 10 N4 ? ? C DG 9  F DC 11 1_555 ? ? ? ? ? ? WATSON-CRICK ? ? ? 
hydrog24 hydrog ? ? A DC 10 N3 ? ? ? 1_555 B DG 9  N1 ? ? C DC 10 F DG 10 1_555 ? ? ? ? ? ? WATSON-CRICK ? ? ? 
hydrog25 hydrog ? ? A DC 10 N4 ? ? ? 1_555 B DG 9  O6 ? ? C DC 10 F DG 10 1_555 ? ? ? ? ? ? WATSON-CRICK ? ? ? 
hydrog26 hydrog ? ? A DC 10 O2 ? ? ? 1_555 B DG 9  N2 ? ? C DC 10 F DG 10 1_555 ? ? ? ? ? ? WATSON-CRICK ? ? ? 
hydrog27 hydrog ? ? A DA 11 N1 ? ? ? 1_555 B DT 8  N3 ? ? C DA 11 F DT 9  1_555 ? ? ? ? ? ? WATSON-CRICK ? ? ? 
hydrog28 hydrog ? ? A DA 11 N6 ? ? ? 1_555 B DT 8  O4 ? ? C DA 11 F DT 9  1_555 ? ? ? ? ? ? WATSON-CRICK ? ? ? 
hydrog29 hydrog ? ? A DT 12 O4 ? ? ? 1_555 B DA 7  N6 ? ? C DT 12 F DA 8  1_555 ? ? ? ? ? ? 'DT-DA PAIR' ? ? ? 
hydrog30 hydrog ? ? A DC 13 N3 ? ? ? 1_555 B DG 6  N1 ? ? C DC 13 F DG 7  1_555 ? ? ? ? ? ? WATSON-CRICK ? ? ? 
hydrog31 hydrog ? ? A DC 13 N4 ? ? ? 1_555 B DG 6  O6 ? ? C DC 13 F DG 7  1_555 ? ? ? ? ? ? WATSON-CRICK ? ? ? 
hydrog32 hydrog ? ? A DC 13 O2 ? ? ? 1_555 B DG 6  N2 ? ? C DC 13 F DG 7  1_555 ? ? ? ? ? ? WATSON-CRICK ? ? ? 
hydrog33 hydrog ? ? A DG 14 N1 ? ? ? 1_555 B DC 5  N3 ? ? C DG 14 F DC 6  1_555 ? ? ? ? ? ? WATSON-CRICK ? ? ? 
hydrog34 hydrog ? ? A DG 14 N2 ? ? ? 1_555 B DC 5  O2 ? ? C DG 14 F DC 6  1_555 ? ? ? ? ? ? WATSON-CRICK ? ? ? 
hydrog35 hydrog ? ? A DG 14 O6 ? ? ? 1_555 B DC 5  N4 ? ? C DG 14 F DC 6  1_555 ? ? ? ? ? ? WATSON-CRICK ? ? ? 
hydrog36 hydrog ? ? A DA 15 N1 ? ? ? 1_555 B DT 4  N3 ? ? C DA 15 F DT 5  1_555 ? ? ? ? ? ? WATSON-CRICK ? ? ? 
hydrog37 hydrog ? ? A DA 15 N6 ? ? ? 1_555 B DT 4  O4 ? ? C DA 15 F DT 5  1_555 ? ? ? ? ? ? WATSON-CRICK ? ? ? 
hydrog38 hydrog ? ? A DT 16 N3 ? ? ? 1_555 B DA 3  N1 ? ? C DT 16 F DA 4  1_555 ? ? ? ? ? ? WATSON-CRICK ? ? ? 
hydrog39 hydrog ? ? A DT 16 O4 ? ? ? 1_555 B DA 3  N6 ? ? C DT 16 F DA 4  1_555 ? ? ? ? ? ? WATSON-CRICK ? ? ? 
hydrog40 hydrog ? ? A DC 17 N3 ? ? ? 1_555 B DG 2  N1 ? ? C DC 17 F DG 3  1_555 ? ? ? ? ? ? 'DC-DG PAIR' ? ? ? 
# 
_struct_conn_type.id          hydrog 
_struct_conn_type.criteria    ? 
_struct_conn_type.reference   ? 
# 
_struct_mon_prot_cis.pdbx_id                1 
_struct_mon_prot_cis.label_comp_id          GLY 
_struct_mon_prot_cis.label_seq_id           24 
_struct_mon_prot_cis.label_asym_id          C 
_struct_mon_prot_cis.label_alt_id           . 
_struct_mon_prot_cis.pdbx_PDB_ins_code      ? 
_struct_mon_prot_cis.auth_comp_id           GLY 
_struct_mon_prot_cis.auth_seq_id            54 
_struct_mon_prot_cis.auth_asym_id           A 
_struct_mon_prot_cis.pdbx_label_comp_id_2   ARG 
_struct_mon_prot_cis.pdbx_label_seq_id_2    25 
_struct_mon_prot_cis.pdbx_label_asym_id_2   C 
_struct_mon_prot_cis.pdbx_PDB_ins_code_2    ? 
_struct_mon_prot_cis.pdbx_auth_comp_id_2    ARG 
_struct_mon_prot_cis.pdbx_auth_seq_id_2     55 
_struct_mon_prot_cis.pdbx_auth_asym_id_2    A 
_struct_mon_prot_cis.pdbx_PDB_model_num     1 
_struct_mon_prot_cis.pdbx_omega_angle       7.44 
# 
_pdbx_validate_close_contact.id               1 
_pdbx_validate_close_contact.PDB_model_num    1 
_pdbx_validate_close_contact.auth_atom_id_1   O 
_pdbx_validate_close_contact.auth_asym_id_1   A 
_pdbx_validate_close_contact.auth_comp_id_1   VAL 
_pdbx_validate_close_contact.auth_seq_id_1    90 
_pdbx_validate_close_contact.PDB_ins_code_1   ? 
_pdbx_validate_close_contact.label_alt_id_1   ? 
_pdbx_validate_close_contact.auth_atom_id_2   O 
_pdbx_validate_close_contact.auth_asym_id_2   A 
_pdbx_validate_close_contact.auth_comp_id_2   HIS 
_pdbx_validate_close_contact.auth_seq_id_2    93 
_pdbx_validate_close_contact.PDB_ins_code_2   ? 
_pdbx_validate_close_contact.label_alt_id_2   ? 
_pdbx_validate_close_contact.dist             2.08 
# 
loop_
_pdbx_validate_rmsd_angle.id 
_pdbx_validate_rmsd_angle.PDB_model_num 
_pdbx_validate_rmsd_angle.auth_atom_id_1 
_pdbx_validate_rmsd_angle.auth_asym_id_1 
_pdbx_validate_rmsd_angle.auth_comp_id_1 
_pdbx_validate_rmsd_angle.auth_seq_id_1 
_pdbx_validate_rmsd_angle.PDB_ins_code_1 
_pdbx_validate_rmsd_angle.label_alt_id_1 
_pdbx_validate_rmsd_angle.auth_atom_id_2 
_pdbx_validate_rmsd_angle.auth_asym_id_2 
_pdbx_validate_rmsd_angle.auth_comp_id_2 
_pdbx_validate_rmsd_angle.auth_seq_id_2 
_pdbx_validate_rmsd_angle.PDB_ins_code_2 
_pdbx_validate_rmsd_angle.label_alt_id_2 
_pdbx_validate_rmsd_angle.auth_atom_id_3 
_pdbx_validate_rmsd_angle.auth_asym_id_3 
_pdbx_validate_rmsd_angle.auth_comp_id_3 
_pdbx_validate_rmsd_angle.auth_seq_id_3 
_pdbx_validate_rmsd_angle.PDB_ins_code_3 
_pdbx_validate_rmsd_angle.label_alt_id_3 
_pdbx_validate_rmsd_angle.angle_value 
_pdbx_validate_rmsd_angle.angle_target_value 
_pdbx_validate_rmsd_angle.angle_deviation 
_pdbx_validate_rmsd_angle.angle_standard_deviation 
_pdbx_validate_rmsd_angle.linker_flag 
1 1 C A TYR 50 ? ? N A PRO 51 ? ? CA A PRO 51 ? ? 105.03 119.30 -14.27 1.50 Y 
2 1 C A PRO 51 ? ? N A PRO 52 ? ? CA A PRO 52 ? ? 129.60 119.30 10.30  1.50 Y 
# 
loop_
_pdbx_validate_torsion.id 
_pdbx_validate_torsion.PDB_model_num 
_pdbx_validate_torsion.auth_comp_id 
_pdbx_validate_torsion.auth_asym_id 
_pdbx_validate_torsion.auth_seq_id 
_pdbx_validate_torsion.PDB_ins_code 
_pdbx_validate_torsion.label_alt_id 
_pdbx_validate_torsion.phi 
_pdbx_validate_torsion.psi 
1  1 GLU A 32 ? ? -158.06 -103.16 
2  1 TRP A 35 ? ? 78.80   145.26  
3  1 LEU A 47 ? ? -25.32  -48.25  
4  1 TYR A 50 ? ? -86.34  -86.99  
5  1 PRO A 52 ? ? -9.99   -67.28  
6  1 ARG A 55 ? ? -166.78 -68.26  
7  1 ARG A 56 ? ? -55.17  -8.64   
8  1 LYS A 57 ? ? 95.23   -93.34  
9  1 ILE A 58 ? ? -170.57 71.05   
10 1 LEU A 60 ? ? -103.96 57.38   
11 1 ASP A 62 ? ? -153.57 -67.35  
12 1 GLU A 63 ? ? -135.75 -106.32 
13 1 LYS A 65 ? ? 170.57  100.72  
14 1 ARG A 69 ? ? -49.80  -72.55  
15 1 ARG A 85 ? ? -2.84   103.44  
16 1 SER A 92 ? ? -48.25  -79.78  
17 1 ILE A 94 ? ? 111.46  -60.75  
# 
_pdbx_validate_polymer_linkage.id               1 
_pdbx_validate_polymer_linkage.PDB_model_num    1 
_pdbx_validate_polymer_linkage.auth_atom_id_1   "O3'" 
_pdbx_validate_polymer_linkage.auth_asym_id_1   F 
_pdbx_validate_polymer_linkage.auth_comp_id_1   DT 
_pdbx_validate_polymer_linkage.auth_seq_id_1    18 
_pdbx_validate_polymer_linkage.PDB_ins_code_1   ? 
_pdbx_validate_polymer_linkage.label_alt_id_1   ? 
_pdbx_validate_polymer_linkage.auth_atom_id_2   P 
_pdbx_validate_polymer_linkage.auth_asym_id_2   F 
_pdbx_validate_polymer_linkage.auth_comp_id_2   DG 
_pdbx_validate_polymer_linkage.auth_seq_id_2    19 
_pdbx_validate_polymer_linkage.PDB_ins_code_2   ? 
_pdbx_validate_polymer_linkage.label_alt_id_2   ? 
_pdbx_validate_polymer_linkage.dist             2.70 
# 
_phasing.method   MR 
# 
loop_
_pdbx_distant_solvent_atoms.id 
_pdbx_distant_solvent_atoms.PDB_model_num 
_pdbx_distant_solvent_atoms.auth_atom_id 
_pdbx_distant_solvent_atoms.label_alt_id 
_pdbx_distant_solvent_atoms.auth_asym_id 
_pdbx_distant_solvent_atoms.auth_comp_id 
_pdbx_distant_solvent_atoms.auth_seq_id 
_pdbx_distant_solvent_atoms.PDB_ins_code 
_pdbx_distant_solvent_atoms.neighbor_macromolecule_distance 
_pdbx_distant_solvent_atoms.neighbor_ligand_distance 
1 1 O ? C HOH 115 ? 6.30 . 
2 1 O ? C HOH 116 ? 6.48 . 
3 1 O ? F HOH 116 ? 7.28 . 
4 1 O ? A HOH 223 ? 5.86 . 
5 1 O ? A HOH 224 ? 6.73 . 
# 
loop_
_chem_comp_atom.comp_id 
_chem_comp_atom.atom_id 
_chem_comp_atom.type_symbol 
_chem_comp_atom.pdbx_aromatic_flag 
_chem_comp_atom.pdbx_stereo_config 
_chem_comp_atom.pdbx_ordinal 
ALA N      N N N 1   
ALA CA     C N S 2   
ALA C      C N N 3   
ALA O      O N N 4   
ALA CB     C N N 5   
ALA OXT    O N N 6   
ALA H      H N N 7   
ALA H2     H N N 8   
ALA HA     H N N 9   
ALA HB1    H N N 10  
ALA HB2    H N N 11  
ALA HB3    H N N 12  
ALA HXT    H N N 13  
ARG N      N N N 14  
ARG CA     C N S 15  
ARG C      C N N 16  
ARG O      O N N 17  
ARG CB     C N N 18  
ARG CG     C N N 19  
ARG CD     C N N 20  
ARG NE     N N N 21  
ARG CZ     C N N 22  
ARG NH1    N N N 23  
ARG NH2    N N N 24  
ARG OXT    O N N 25  
ARG H      H N N 26  
ARG H2     H N N 27  
ARG HA     H N N 28  
ARG HB2    H N N 29  
ARG HB3    H N N 30  
ARG HG2    H N N 31  
ARG HG3    H N N 32  
ARG HD2    H N N 33  
ARG HD3    H N N 34  
ARG HE     H N N 35  
ARG HH11   H N N 36  
ARG HH12   H N N 37  
ARG HH21   H N N 38  
ARG HH22   H N N 39  
ARG HXT    H N N 40  
ASN N      N N N 41  
ASN CA     C N S 42  
ASN C      C N N 43  
ASN O      O N N 44  
ASN CB     C N N 45  
ASN CG     C N N 46  
ASN OD1    O N N 47  
ASN ND2    N N N 48  
ASN OXT    O N N 49  
ASN H      H N N 50  
ASN H2     H N N 51  
ASN HA     H N N 52  
ASN HB2    H N N 53  
ASN HB3    H N N 54  
ASN HD21   H N N 55  
ASN HD22   H N N 56  
ASN HXT    H N N 57  
ASP N      N N N 58  
ASP CA     C N S 59  
ASP C      C N N 60  
ASP O      O N N 61  
ASP CB     C N N 62  
ASP CG     C N N 63  
ASP OD1    O N N 64  
ASP OD2    O N N 65  
ASP OXT    O N N 66  
ASP H      H N N 67  
ASP H2     H N N 68  
ASP HA     H N N 69  
ASP HB2    H N N 70  
ASP HB3    H N N 71  
ASP HD2    H N N 72  
ASP HXT    H N N 73  
CYS N      N N N 74  
CYS CA     C N R 75  
CYS C      C N N 76  
CYS O      O N N 77  
CYS CB     C N N 78  
CYS SG     S N N 79  
CYS OXT    O N N 80  
CYS H      H N N 81  
CYS H2     H N N 82  
CYS HA     H N N 83  
CYS HB2    H N N 84  
CYS HB3    H N N 85  
CYS HG     H N N 86  
CYS HXT    H N N 87  
DA  OP3    O N N 88  
DA  P      P N N 89  
DA  OP1    O N N 90  
DA  OP2    O N N 91  
DA  "O5'"  O N N 92  
DA  "C5'"  C N N 93  
DA  "C4'"  C N R 94  
DA  "O4'"  O N N 95  
DA  "C3'"  C N S 96  
DA  "O3'"  O N N 97  
DA  "C2'"  C N N 98  
DA  "C1'"  C N R 99  
DA  N9     N Y N 100 
DA  C8     C Y N 101 
DA  N7     N Y N 102 
DA  C5     C Y N 103 
DA  C6     C Y N 104 
DA  N6     N N N 105 
DA  N1     N Y N 106 
DA  C2     C Y N 107 
DA  N3     N Y N 108 
DA  C4     C Y N 109 
DA  HOP3   H N N 110 
DA  HOP2   H N N 111 
DA  "H5'"  H N N 112 
DA  "H5''" H N N 113 
DA  "H4'"  H N N 114 
DA  "H3'"  H N N 115 
DA  "HO3'" H N N 116 
DA  "H2'"  H N N 117 
DA  "H2''" H N N 118 
DA  "H1'"  H N N 119 
DA  H8     H N N 120 
DA  H61    H N N 121 
DA  H62    H N N 122 
DA  H2     H N N 123 
DC  OP3    O N N 124 
DC  P      P N N 125 
DC  OP1    O N N 126 
DC  OP2    O N N 127 
DC  "O5'"  O N N 128 
DC  "C5'"  C N N 129 
DC  "C4'"  C N R 130 
DC  "O4'"  O N N 131 
DC  "C3'"  C N S 132 
DC  "O3'"  O N N 133 
DC  "C2'"  C N N 134 
DC  "C1'"  C N R 135 
DC  N1     N N N 136 
DC  C2     C N N 137 
DC  O2     O N N 138 
DC  N3     N N N 139 
DC  C4     C N N 140 
DC  N4     N N N 141 
DC  C5     C N N 142 
DC  C6     C N N 143 
DC  HOP3   H N N 144 
DC  HOP2   H N N 145 
DC  "H5'"  H N N 146 
DC  "H5''" H N N 147 
DC  "H4'"  H N N 148 
DC  "H3'"  H N N 149 
DC  "HO3'" H N N 150 
DC  "H2'"  H N N 151 
DC  "H2''" H N N 152 
DC  "H1'"  H N N 153 
DC  H41    H N N 154 
DC  H42    H N N 155 
DC  H5     H N N 156 
DC  H6     H N N 157 
DG  OP3    O N N 158 
DG  P      P N N 159 
DG  OP1    O N N 160 
DG  OP2    O N N 161 
DG  "O5'"  O N N 162 
DG  "C5'"  C N N 163 
DG  "C4'"  C N R 164 
DG  "O4'"  O N N 165 
DG  "C3'"  C N S 166 
DG  "O3'"  O N N 167 
DG  "C2'"  C N N 168 
DG  "C1'"  C N R 169 
DG  N9     N Y N 170 
DG  C8     C Y N 171 
DG  N7     N Y N 172 
DG  C5     C Y N 173 
DG  C6     C N N 174 
DG  O6     O N N 175 
DG  N1     N N N 176 
DG  C2     C N N 177 
DG  N2     N N N 178 
DG  N3     N N N 179 
DG  C4     C Y N 180 
DG  HOP3   H N N 181 
DG  HOP2   H N N 182 
DG  "H5'"  H N N 183 
DG  "H5''" H N N 184 
DG  "H4'"  H N N 185 
DG  "H3'"  H N N 186 
DG  "HO3'" H N N 187 
DG  "H2'"  H N N 188 
DG  "H2''" H N N 189 
DG  "H1'"  H N N 190 
DG  H8     H N N 191 
DG  H1     H N N 192 
DG  H21    H N N 193 
DG  H22    H N N 194 
DT  OP3    O N N 195 
DT  P      P N N 196 
DT  OP1    O N N 197 
DT  OP2    O N N 198 
DT  "O5'"  O N N 199 
DT  "C5'"  C N N 200 
DT  "C4'"  C N R 201 
DT  "O4'"  O N N 202 
DT  "C3'"  C N S 203 
DT  "O3'"  O N N 204 
DT  "C2'"  C N N 205 
DT  "C1'"  C N R 206 
DT  N1     N N N 207 
DT  C2     C N N 208 
DT  O2     O N N 209 
DT  N3     N N N 210 
DT  C4     C N N 211 
DT  O4     O N N 212 
DT  C5     C N N 213 
DT  C7     C N N 214 
DT  C6     C N N 215 
DT  HOP3   H N N 216 
DT  HOP2   H N N 217 
DT  "H5'"  H N N 218 
DT  "H5''" H N N 219 
DT  "H4'"  H N N 220 
DT  "H3'"  H N N 221 
DT  "HO3'" H N N 222 
DT  "H2'"  H N N 223 
DT  "H2''" H N N 224 
DT  "H1'"  H N N 225 
DT  H3     H N N 226 
DT  H71    H N N 227 
DT  H72    H N N 228 
DT  H73    H N N 229 
DT  H6     H N N 230 
GLN N      N N N 231 
GLN CA     C N S 232 
GLN C      C N N 233 
GLN O      O N N 234 
GLN CB     C N N 235 
GLN CG     C N N 236 
GLN CD     C N N 237 
GLN OE1    O N N 238 
GLN NE2    N N N 239 
GLN OXT    O N N 240 
GLN H      H N N 241 
GLN H2     H N N 242 
GLN HA     H N N 243 
GLN HB2    H N N 244 
GLN HB3    H N N 245 
GLN HG2    H N N 246 
GLN HG3    H N N 247 
GLN HE21   H N N 248 
GLN HE22   H N N 249 
GLN HXT    H N N 250 
GLU N      N N N 251 
GLU CA     C N S 252 
GLU C      C N N 253 
GLU O      O N N 254 
GLU CB     C N N 255 
GLU CG     C N N 256 
GLU CD     C N N 257 
GLU OE1    O N N 258 
GLU OE2    O N N 259 
GLU OXT    O N N 260 
GLU H      H N N 261 
GLU H2     H N N 262 
GLU HA     H N N 263 
GLU HB2    H N N 264 
GLU HB3    H N N 265 
GLU HG2    H N N 266 
GLU HG3    H N N 267 
GLU HE2    H N N 268 
GLU HXT    H N N 269 
GLY N      N N N 270 
GLY CA     C N N 271 
GLY C      C N N 272 
GLY O      O N N 273 
GLY OXT    O N N 274 
GLY H      H N N 275 
GLY H2     H N N 276 
GLY HA2    H N N 277 
GLY HA3    H N N 278 
GLY HXT    H N N 279 
HIS N      N N N 280 
HIS CA     C N S 281 
HIS C      C N N 282 
HIS O      O N N 283 
HIS CB     C N N 284 
HIS CG     C Y N 285 
HIS ND1    N Y N 286 
HIS CD2    C Y N 287 
HIS CE1    C Y N 288 
HIS NE2    N Y N 289 
HIS OXT    O N N 290 
HIS H      H N N 291 
HIS H2     H N N 292 
HIS HA     H N N 293 
HIS HB2    H N N 294 
HIS HB3    H N N 295 
HIS HD1    H N N 296 
HIS HD2    H N N 297 
HIS HE1    H N N 298 
HIS HE2    H N N 299 
HIS HXT    H N N 300 
HOH O      O N N 301 
HOH H1     H N N 302 
HOH H2     H N N 303 
ILE N      N N N 304 
ILE CA     C N S 305 
ILE C      C N N 306 
ILE O      O N N 307 
ILE CB     C N S 308 
ILE CG1    C N N 309 
ILE CG2    C N N 310 
ILE CD1    C N N 311 
ILE OXT    O N N 312 
ILE H      H N N 313 
ILE H2     H N N 314 
ILE HA     H N N 315 
ILE HB     H N N 316 
ILE HG12   H N N 317 
ILE HG13   H N N 318 
ILE HG21   H N N 319 
ILE HG22   H N N 320 
ILE HG23   H N N 321 
ILE HD11   H N N 322 
ILE HD12   H N N 323 
ILE HD13   H N N 324 
ILE HXT    H N N 325 
LEU N      N N N 326 
LEU CA     C N S 327 
LEU C      C N N 328 
LEU O      O N N 329 
LEU CB     C N N 330 
LEU CG     C N N 331 
LEU CD1    C N N 332 
LEU CD2    C N N 333 
LEU OXT    O N N 334 
LEU H      H N N 335 
LEU H2     H N N 336 
LEU HA     H N N 337 
LEU HB2    H N N 338 
LEU HB3    H N N 339 
LEU HG     H N N 340 
LEU HD11   H N N 341 
LEU HD12   H N N 342 
LEU HD13   H N N 343 
LEU HD21   H N N 344 
LEU HD22   H N N 345 
LEU HD23   H N N 346 
LEU HXT    H N N 347 
LYS N      N N N 348 
LYS CA     C N S 349 
LYS C      C N N 350 
LYS O      O N N 351 
LYS CB     C N N 352 
LYS CG     C N N 353 
LYS CD     C N N 354 
LYS CE     C N N 355 
LYS NZ     N N N 356 
LYS OXT    O N N 357 
LYS H      H N N 358 
LYS H2     H N N 359 
LYS HA     H N N 360 
LYS HB2    H N N 361 
LYS HB3    H N N 362 
LYS HG2    H N N 363 
LYS HG3    H N N 364 
LYS HD2    H N N 365 
LYS HD3    H N N 366 
LYS HE2    H N N 367 
LYS HE3    H N N 368 
LYS HZ1    H N N 369 
LYS HZ2    H N N 370 
LYS HZ3    H N N 371 
LYS HXT    H N N 372 
MET N      N N N 373 
MET CA     C N S 374 
MET C      C N N 375 
MET O      O N N 376 
MET CB     C N N 377 
MET CG     C N N 378 
MET SD     S N N 379 
MET CE     C N N 380 
MET OXT    O N N 381 
MET H      H N N 382 
MET H2     H N N 383 
MET HA     H N N 384 
MET HB2    H N N 385 
MET HB3    H N N 386 
MET HG2    H N N 387 
MET HG3    H N N 388 
MET HE1    H N N 389 
MET HE2    H N N 390 
MET HE3    H N N 391 
MET HXT    H N N 392 
PHE N      N N N 393 
PHE CA     C N S 394 
PHE C      C N N 395 
PHE O      O N N 396 
PHE CB     C N N 397 
PHE CG     C Y N 398 
PHE CD1    C Y N 399 
PHE CD2    C Y N 400 
PHE CE1    C Y N 401 
PHE CE2    C Y N 402 
PHE CZ     C Y N 403 
PHE OXT    O N N 404 
PHE H      H N N 405 
PHE H2     H N N 406 
PHE HA     H N N 407 
PHE HB2    H N N 408 
PHE HB3    H N N 409 
PHE HD1    H N N 410 
PHE HD2    H N N 411 
PHE HE1    H N N 412 
PHE HE2    H N N 413 
PHE HZ     H N N 414 
PHE HXT    H N N 415 
PRO N      N N N 416 
PRO CA     C N S 417 
PRO C      C N N 418 
PRO O      O N N 419 
PRO CB     C N N 420 
PRO CG     C N N 421 
PRO CD     C N N 422 
PRO OXT    O N N 423 
PRO H      H N N 424 
PRO HA     H N N 425 
PRO HB2    H N N 426 
PRO HB3    H N N 427 
PRO HG2    H N N 428 
PRO HG3    H N N 429 
PRO HD2    H N N 430 
PRO HD3    H N N 431 
PRO HXT    H N N 432 
SER N      N N N 433 
SER CA     C N S 434 
SER C      C N N 435 
SER O      O N N 436 
SER CB     C N N 437 
SER OG     O N N 438 
SER OXT    O N N 439 
SER H      H N N 440 
SER H2     H N N 441 
SER HA     H N N 442 
SER HB2    H N N 443 
SER HB3    H N N 444 
SER HG     H N N 445 
SER HXT    H N N 446 
THR N      N N N 447 
THR CA     C N S 448 
THR C      C N N 449 
THR O      O N N 450 
THR CB     C N R 451 
THR OG1    O N N 452 
THR CG2    C N N 453 
THR OXT    O N N 454 
THR H      H N N 455 
THR H2     H N N 456 
THR HA     H N N 457 
THR HB     H N N 458 
THR HG1    H N N 459 
THR HG21   H N N 460 
THR HG22   H N N 461 
THR HG23   H N N 462 
THR HXT    H N N 463 
TRP N      N N N 464 
TRP CA     C N S 465 
TRP C      C N N 466 
TRP O      O N N 467 
TRP CB     C N N 468 
TRP CG     C Y N 469 
TRP CD1    C Y N 470 
TRP CD2    C Y N 471 
TRP NE1    N Y N 472 
TRP CE2    C Y N 473 
TRP CE3    C Y N 474 
TRP CZ2    C Y N 475 
TRP CZ3    C Y N 476 
TRP CH2    C Y N 477 
TRP OXT    O N N 478 
TRP H      H N N 479 
TRP H2     H N N 480 
TRP HA     H N N 481 
TRP HB2    H N N 482 
TRP HB3    H N N 483 
TRP HD1    H N N 484 
TRP HE1    H N N 485 
TRP HE3    H N N 486 
TRP HZ2    H N N 487 
TRP HZ3    H N N 488 
TRP HH2    H N N 489 
TRP HXT    H N N 490 
TYR N      N N N 491 
TYR CA     C N S 492 
TYR C      C N N 493 
TYR O      O N N 494 
TYR CB     C N N 495 
TYR CG     C Y N 496 
TYR CD1    C Y N 497 
TYR CD2    C Y N 498 
TYR CE1    C Y N 499 
TYR CE2    C Y N 500 
TYR CZ     C Y N 501 
TYR OH     O N N 502 
TYR OXT    O N N 503 
TYR H      H N N 504 
TYR H2     H N N 505 
TYR HA     H N N 506 
TYR HB2    H N N 507 
TYR HB3    H N N 508 
TYR HD1    H N N 509 
TYR HD2    H N N 510 
TYR HE1    H N N 511 
TYR HE2    H N N 512 
TYR HH     H N N 513 
TYR HXT    H N N 514 
VAL N      N N N 515 
VAL CA     C N S 516 
VAL C      C N N 517 
VAL O      O N N 518 
VAL CB     C N N 519 
VAL CG1    C N N 520 
VAL CG2    C N N 521 
VAL OXT    O N N 522 
VAL H      H N N 523 
VAL H2     H N N 524 
VAL HA     H N N 525 
VAL HB     H N N 526 
VAL HG11   H N N 527 
VAL HG12   H N N 528 
VAL HG13   H N N 529 
VAL HG21   H N N 530 
VAL HG22   H N N 531 
VAL HG23   H N N 532 
VAL HXT    H N N 533 
# 
loop_
_chem_comp_bond.comp_id 
_chem_comp_bond.atom_id_1 
_chem_comp_bond.atom_id_2 
_chem_comp_bond.value_order 
_chem_comp_bond.pdbx_aromatic_flag 
_chem_comp_bond.pdbx_stereo_config 
_chem_comp_bond.pdbx_ordinal 
ALA N     CA     sing N N 1   
ALA N     H      sing N N 2   
ALA N     H2     sing N N 3   
ALA CA    C      sing N N 4   
ALA CA    CB     sing N N 5   
ALA CA    HA     sing N N 6   
ALA C     O      doub N N 7   
ALA C     OXT    sing N N 8   
ALA CB    HB1    sing N N 9   
ALA CB    HB2    sing N N 10  
ALA CB    HB3    sing N N 11  
ALA OXT   HXT    sing N N 12  
ARG N     CA     sing N N 13  
ARG N     H      sing N N 14  
ARG N     H2     sing N N 15  
ARG CA    C      sing N N 16  
ARG CA    CB     sing N N 17  
ARG CA    HA     sing N N 18  
ARG C     O      doub N N 19  
ARG C     OXT    sing N N 20  
ARG CB    CG     sing N N 21  
ARG CB    HB2    sing N N 22  
ARG CB    HB3    sing N N 23  
ARG CG    CD     sing N N 24  
ARG CG    HG2    sing N N 25  
ARG CG    HG3    sing N N 26  
ARG CD    NE     sing N N 27  
ARG CD    HD2    sing N N 28  
ARG CD    HD3    sing N N 29  
ARG NE    CZ     sing N N 30  
ARG NE    HE     sing N N 31  
ARG CZ    NH1    sing N N 32  
ARG CZ    NH2    doub N N 33  
ARG NH1   HH11   sing N N 34  
ARG NH1   HH12   sing N N 35  
ARG NH2   HH21   sing N N 36  
ARG NH2   HH22   sing N N 37  
ARG OXT   HXT    sing N N 38  
ASN N     CA     sing N N 39  
ASN N     H      sing N N 40  
ASN N     H2     sing N N 41  
ASN CA    C      sing N N 42  
ASN CA    CB     sing N N 43  
ASN CA    HA     sing N N 44  
ASN C     O      doub N N 45  
ASN C     OXT    sing N N 46  
ASN CB    CG     sing N N 47  
ASN CB    HB2    sing N N 48  
ASN CB    HB3    sing N N 49  
ASN CG    OD1    doub N N 50  
ASN CG    ND2    sing N N 51  
ASN ND2   HD21   sing N N 52  
ASN ND2   HD22   sing N N 53  
ASN OXT   HXT    sing N N 54  
ASP N     CA     sing N N 55  
ASP N     H      sing N N 56  
ASP N     H2     sing N N 57  
ASP CA    C      sing N N 58  
ASP CA    CB     sing N N 59  
ASP CA    HA     sing N N 60  
ASP C     O      doub N N 61  
ASP C     OXT    sing N N 62  
ASP CB    CG     sing N N 63  
ASP CB    HB2    sing N N 64  
ASP CB    HB3    sing N N 65  
ASP CG    OD1    doub N N 66  
ASP CG    OD2    sing N N 67  
ASP OD2   HD2    sing N N 68  
ASP OXT   HXT    sing N N 69  
CYS N     CA     sing N N 70  
CYS N     H      sing N N 71  
CYS N     H2     sing N N 72  
CYS CA    C      sing N N 73  
CYS CA    CB     sing N N 74  
CYS CA    HA     sing N N 75  
CYS C     O      doub N N 76  
CYS C     OXT    sing N N 77  
CYS CB    SG     sing N N 78  
CYS CB    HB2    sing N N 79  
CYS CB    HB3    sing N N 80  
CYS SG    HG     sing N N 81  
CYS OXT   HXT    sing N N 82  
DA  OP3   P      sing N N 83  
DA  OP3   HOP3   sing N N 84  
DA  P     OP1    doub N N 85  
DA  P     OP2    sing N N 86  
DA  P     "O5'"  sing N N 87  
DA  OP2   HOP2   sing N N 88  
DA  "O5'" "C5'"  sing N N 89  
DA  "C5'" "C4'"  sing N N 90  
DA  "C5'" "H5'"  sing N N 91  
DA  "C5'" "H5''" sing N N 92  
DA  "C4'" "O4'"  sing N N 93  
DA  "C4'" "C3'"  sing N N 94  
DA  "C4'" "H4'"  sing N N 95  
DA  "O4'" "C1'"  sing N N 96  
DA  "C3'" "O3'"  sing N N 97  
DA  "C3'" "C2'"  sing N N 98  
DA  "C3'" "H3'"  sing N N 99  
DA  "O3'" "HO3'" sing N N 100 
DA  "C2'" "C1'"  sing N N 101 
DA  "C2'" "H2'"  sing N N 102 
DA  "C2'" "H2''" sing N N 103 
DA  "C1'" N9     sing N N 104 
DA  "C1'" "H1'"  sing N N 105 
DA  N9    C8     sing Y N 106 
DA  N9    C4     sing Y N 107 
DA  C8    N7     doub Y N 108 
DA  C8    H8     sing N N 109 
DA  N7    C5     sing Y N 110 
DA  C5    C6     sing Y N 111 
DA  C5    C4     doub Y N 112 
DA  C6    N6     sing N N 113 
DA  C6    N1     doub Y N 114 
DA  N6    H61    sing N N 115 
DA  N6    H62    sing N N 116 
DA  N1    C2     sing Y N 117 
DA  C2    N3     doub Y N 118 
DA  C2    H2     sing N N 119 
DA  N3    C4     sing Y N 120 
DC  OP3   P      sing N N 121 
DC  OP3   HOP3   sing N N 122 
DC  P     OP1    doub N N 123 
DC  P     OP2    sing N N 124 
DC  P     "O5'"  sing N N 125 
DC  OP2   HOP2   sing N N 126 
DC  "O5'" "C5'"  sing N N 127 
DC  "C5'" "C4'"  sing N N 128 
DC  "C5'" "H5'"  sing N N 129 
DC  "C5'" "H5''" sing N N 130 
DC  "C4'" "O4'"  sing N N 131 
DC  "C4'" "C3'"  sing N N 132 
DC  "C4'" "H4'"  sing N N 133 
DC  "O4'" "C1'"  sing N N 134 
DC  "C3'" "O3'"  sing N N 135 
DC  "C3'" "C2'"  sing N N 136 
DC  "C3'" "H3'"  sing N N 137 
DC  "O3'" "HO3'" sing N N 138 
DC  "C2'" "C1'"  sing N N 139 
DC  "C2'" "H2'"  sing N N 140 
DC  "C2'" "H2''" sing N N 141 
DC  "C1'" N1     sing N N 142 
DC  "C1'" "H1'"  sing N N 143 
DC  N1    C2     sing N N 144 
DC  N1    C6     sing N N 145 
DC  C2    O2     doub N N 146 
DC  C2    N3     sing N N 147 
DC  N3    C4     doub N N 148 
DC  C4    N4     sing N N 149 
DC  C4    C5     sing N N 150 
DC  N4    H41    sing N N 151 
DC  N4    H42    sing N N 152 
DC  C5    C6     doub N N 153 
DC  C5    H5     sing N N 154 
DC  C6    H6     sing N N 155 
DG  OP3   P      sing N N 156 
DG  OP3   HOP3   sing N N 157 
DG  P     OP1    doub N N 158 
DG  P     OP2    sing N N 159 
DG  P     "O5'"  sing N N 160 
DG  OP2   HOP2   sing N N 161 
DG  "O5'" "C5'"  sing N N 162 
DG  "C5'" "C4'"  sing N N 163 
DG  "C5'" "H5'"  sing N N 164 
DG  "C5'" "H5''" sing N N 165 
DG  "C4'" "O4'"  sing N N 166 
DG  "C4'" "C3'"  sing N N 167 
DG  "C4'" "H4'"  sing N N 168 
DG  "O4'" "C1'"  sing N N 169 
DG  "C3'" "O3'"  sing N N 170 
DG  "C3'" "C2'"  sing N N 171 
DG  "C3'" "H3'"  sing N N 172 
DG  "O3'" "HO3'" sing N N 173 
DG  "C2'" "C1'"  sing N N 174 
DG  "C2'" "H2'"  sing N N 175 
DG  "C2'" "H2''" sing N N 176 
DG  "C1'" N9     sing N N 177 
DG  "C1'" "H1'"  sing N N 178 
DG  N9    C8     sing Y N 179 
DG  N9    C4     sing Y N 180 
DG  C8    N7     doub Y N 181 
DG  C8    H8     sing N N 182 
DG  N7    C5     sing Y N 183 
DG  C5    C6     sing N N 184 
DG  C5    C4     doub Y N 185 
DG  C6    O6     doub N N 186 
DG  C6    N1     sing N N 187 
DG  N1    C2     sing N N 188 
DG  N1    H1     sing N N 189 
DG  C2    N2     sing N N 190 
DG  C2    N3     doub N N 191 
DG  N2    H21    sing N N 192 
DG  N2    H22    sing N N 193 
DG  N3    C4     sing N N 194 
DT  OP3   P      sing N N 195 
DT  OP3   HOP3   sing N N 196 
DT  P     OP1    doub N N 197 
DT  P     OP2    sing N N 198 
DT  P     "O5'"  sing N N 199 
DT  OP2   HOP2   sing N N 200 
DT  "O5'" "C5'"  sing N N 201 
DT  "C5'" "C4'"  sing N N 202 
DT  "C5'" "H5'"  sing N N 203 
DT  "C5'" "H5''" sing N N 204 
DT  "C4'" "O4'"  sing N N 205 
DT  "C4'" "C3'"  sing N N 206 
DT  "C4'" "H4'"  sing N N 207 
DT  "O4'" "C1'"  sing N N 208 
DT  "C3'" "O3'"  sing N N 209 
DT  "C3'" "C2'"  sing N N 210 
DT  "C3'" "H3'"  sing N N 211 
DT  "O3'" "HO3'" sing N N 212 
DT  "C2'" "C1'"  sing N N 213 
DT  "C2'" "H2'"  sing N N 214 
DT  "C2'" "H2''" sing N N 215 
DT  "C1'" N1     sing N N 216 
DT  "C1'" "H1'"  sing N N 217 
DT  N1    C2     sing N N 218 
DT  N1    C6     sing N N 219 
DT  C2    O2     doub N N 220 
DT  C2    N3     sing N N 221 
DT  N3    C4     sing N N 222 
DT  N3    H3     sing N N 223 
DT  C4    O4     doub N N 224 
DT  C4    C5     sing N N 225 
DT  C5    C7     sing N N 226 
DT  C5    C6     doub N N 227 
DT  C7    H71    sing N N 228 
DT  C7    H72    sing N N 229 
DT  C7    H73    sing N N 230 
DT  C6    H6     sing N N 231 
GLN N     CA     sing N N 232 
GLN N     H      sing N N 233 
GLN N     H2     sing N N 234 
GLN CA    C      sing N N 235 
GLN CA    CB     sing N N 236 
GLN CA    HA     sing N N 237 
GLN C     O      doub N N 238 
GLN C     OXT    sing N N 239 
GLN CB    CG     sing N N 240 
GLN CB    HB2    sing N N 241 
GLN CB    HB3    sing N N 242 
GLN CG    CD     sing N N 243 
GLN CG    HG2    sing N N 244 
GLN CG    HG3    sing N N 245 
GLN CD    OE1    doub N N 246 
GLN CD    NE2    sing N N 247 
GLN NE2   HE21   sing N N 248 
GLN NE2   HE22   sing N N 249 
GLN OXT   HXT    sing N N 250 
GLU N     CA     sing N N 251 
GLU N     H      sing N N 252 
GLU N     H2     sing N N 253 
GLU CA    C      sing N N 254 
GLU CA    CB     sing N N 255 
GLU CA    HA     sing N N 256 
GLU C     O      doub N N 257 
GLU C     OXT    sing N N 258 
GLU CB    CG     sing N N 259 
GLU CB    HB2    sing N N 260 
GLU CB    HB3    sing N N 261 
GLU CG    CD     sing N N 262 
GLU CG    HG2    sing N N 263 
GLU CG    HG3    sing N N 264 
GLU CD    OE1    doub N N 265 
GLU CD    OE2    sing N N 266 
GLU OE2   HE2    sing N N 267 
GLU OXT   HXT    sing N N 268 
GLY N     CA     sing N N 269 
GLY N     H      sing N N 270 
GLY N     H2     sing N N 271 
GLY CA    C      sing N N 272 
GLY CA    HA2    sing N N 273 
GLY CA    HA3    sing N N 274 
GLY C     O      doub N N 275 
GLY C     OXT    sing N N 276 
GLY OXT   HXT    sing N N 277 
HIS N     CA     sing N N 278 
HIS N     H      sing N N 279 
HIS N     H2     sing N N 280 
HIS CA    C      sing N N 281 
HIS CA    CB     sing N N 282 
HIS CA    HA     sing N N 283 
HIS C     O      doub N N 284 
HIS C     OXT    sing N N 285 
HIS CB    CG     sing N N 286 
HIS CB    HB2    sing N N 287 
HIS CB    HB3    sing N N 288 
HIS CG    ND1    sing Y N 289 
HIS CG    CD2    doub Y N 290 
HIS ND1   CE1    doub Y N 291 
HIS ND1   HD1    sing N N 292 
HIS CD2   NE2    sing Y N 293 
HIS CD2   HD2    sing N N 294 
HIS CE1   NE2    sing Y N 295 
HIS CE1   HE1    sing N N 296 
HIS NE2   HE2    sing N N 297 
HIS OXT   HXT    sing N N 298 
HOH O     H1     sing N N 299 
HOH O     H2     sing N N 300 
ILE N     CA     sing N N 301 
ILE N     H      sing N N 302 
ILE N     H2     sing N N 303 
ILE CA    C      sing N N 304 
ILE CA    CB     sing N N 305 
ILE CA    HA     sing N N 306 
ILE C     O      doub N N 307 
ILE C     OXT    sing N N 308 
ILE CB    CG1    sing N N 309 
ILE CB    CG2    sing N N 310 
ILE CB    HB     sing N N 311 
ILE CG1   CD1    sing N N 312 
ILE CG1   HG12   sing N N 313 
ILE CG1   HG13   sing N N 314 
ILE CG2   HG21   sing N N 315 
ILE CG2   HG22   sing N N 316 
ILE CG2   HG23   sing N N 317 
ILE CD1   HD11   sing N N 318 
ILE CD1   HD12   sing N N 319 
ILE CD1   HD13   sing N N 320 
ILE OXT   HXT    sing N N 321 
LEU N     CA     sing N N 322 
LEU N     H      sing N N 323 
LEU N     H2     sing N N 324 
LEU CA    C      sing N N 325 
LEU CA    CB     sing N N 326 
LEU CA    HA     sing N N 327 
LEU C     O      doub N N 328 
LEU C     OXT    sing N N 329 
LEU CB    CG     sing N N 330 
LEU CB    HB2    sing N N 331 
LEU CB    HB3    sing N N 332 
LEU CG    CD1    sing N N 333 
LEU CG    CD2    sing N N 334 
LEU CG    HG     sing N N 335 
LEU CD1   HD11   sing N N 336 
LEU CD1   HD12   sing N N 337 
LEU CD1   HD13   sing N N 338 
LEU CD2   HD21   sing N N 339 
LEU CD2   HD22   sing N N 340 
LEU CD2   HD23   sing N N 341 
LEU OXT   HXT    sing N N 342 
LYS N     CA     sing N N 343 
LYS N     H      sing N N 344 
LYS N     H2     sing N N 345 
LYS CA    C      sing N N 346 
LYS CA    CB     sing N N 347 
LYS CA    HA     sing N N 348 
LYS C     O      doub N N 349 
LYS C     OXT    sing N N 350 
LYS CB    CG     sing N N 351 
LYS CB    HB2    sing N N 352 
LYS CB    HB3    sing N N 353 
LYS CG    CD     sing N N 354 
LYS CG    HG2    sing N N 355 
LYS CG    HG3    sing N N 356 
LYS CD    CE     sing N N 357 
LYS CD    HD2    sing N N 358 
LYS CD    HD3    sing N N 359 
LYS CE    NZ     sing N N 360 
LYS CE    HE2    sing N N 361 
LYS CE    HE3    sing N N 362 
LYS NZ    HZ1    sing N N 363 
LYS NZ    HZ2    sing N N 364 
LYS NZ    HZ3    sing N N 365 
LYS OXT   HXT    sing N N 366 
MET N     CA     sing N N 367 
MET N     H      sing N N 368 
MET N     H2     sing N N 369 
MET CA    C      sing N N 370 
MET CA    CB     sing N N 371 
MET CA    HA     sing N N 372 
MET C     O      doub N N 373 
MET C     OXT    sing N N 374 
MET CB    CG     sing N N 375 
MET CB    HB2    sing N N 376 
MET CB    HB3    sing N N 377 
MET CG    SD     sing N N 378 
MET CG    HG2    sing N N 379 
MET CG    HG3    sing N N 380 
MET SD    CE     sing N N 381 
MET CE    HE1    sing N N 382 
MET CE    HE2    sing N N 383 
MET CE    HE3    sing N N 384 
MET OXT   HXT    sing N N 385 
PHE N     CA     sing N N 386 
PHE N     H      sing N N 387 
PHE N     H2     sing N N 388 
PHE CA    C      sing N N 389 
PHE CA    CB     sing N N 390 
PHE CA    HA     sing N N 391 
PHE C     O      doub N N 392 
PHE C     OXT    sing N N 393 
PHE CB    CG     sing N N 394 
PHE CB    HB2    sing N N 395 
PHE CB    HB3    sing N N 396 
PHE CG    CD1    doub Y N 397 
PHE CG    CD2    sing Y N 398 
PHE CD1   CE1    sing Y N 399 
PHE CD1   HD1    sing N N 400 
PHE CD2   CE2    doub Y N 401 
PHE CD2   HD2    sing N N 402 
PHE CE1   CZ     doub Y N 403 
PHE CE1   HE1    sing N N 404 
PHE CE2   CZ     sing Y N 405 
PHE CE2   HE2    sing N N 406 
PHE CZ    HZ     sing N N 407 
PHE OXT   HXT    sing N N 408 
PRO N     CA     sing N N 409 
PRO N     CD     sing N N 410 
PRO N     H      sing N N 411 
PRO CA    C      sing N N 412 
PRO CA    CB     sing N N 413 
PRO CA    HA     sing N N 414 
PRO C     O      doub N N 415 
PRO C     OXT    sing N N 416 
PRO CB    CG     sing N N 417 
PRO CB    HB2    sing N N 418 
PRO CB    HB3    sing N N 419 
PRO CG    CD     sing N N 420 
PRO CG    HG2    sing N N 421 
PRO CG    HG3    sing N N 422 
PRO CD    HD2    sing N N 423 
PRO CD    HD3    sing N N 424 
PRO OXT   HXT    sing N N 425 
SER N     CA     sing N N 426 
SER N     H      sing N N 427 
SER N     H2     sing N N 428 
SER CA    C      sing N N 429 
SER CA    CB     sing N N 430 
SER CA    HA     sing N N 431 
SER C     O      doub N N 432 
SER C     OXT    sing N N 433 
SER CB    OG     sing N N 434 
SER CB    HB2    sing N N 435 
SER CB    HB3    sing N N 436 
SER OG    HG     sing N N 437 
SER OXT   HXT    sing N N 438 
THR N     CA     sing N N 439 
THR N     H      sing N N 440 
THR N     H2     sing N N 441 
THR CA    C      sing N N 442 
THR CA    CB     sing N N 443 
THR CA    HA     sing N N 444 
THR C     O      doub N N 445 
THR C     OXT    sing N N 446 
THR CB    OG1    sing N N 447 
THR CB    CG2    sing N N 448 
THR CB    HB     sing N N 449 
THR OG1   HG1    sing N N 450 
THR CG2   HG21   sing N N 451 
THR CG2   HG22   sing N N 452 
THR CG2   HG23   sing N N 453 
THR OXT   HXT    sing N N 454 
TRP N     CA     sing N N 455 
TRP N     H      sing N N 456 
TRP N     H2     sing N N 457 
TRP CA    C      sing N N 458 
TRP CA    CB     sing N N 459 
TRP CA    HA     sing N N 460 
TRP C     O      doub N N 461 
TRP C     OXT    sing N N 462 
TRP CB    CG     sing N N 463 
TRP CB    HB2    sing N N 464 
TRP CB    HB3    sing N N 465 
TRP CG    CD1    doub Y N 466 
TRP CG    CD2    sing Y N 467 
TRP CD1   NE1    sing Y N 468 
TRP CD1   HD1    sing N N 469 
TRP CD2   CE2    doub Y N 470 
TRP CD2   CE3    sing Y N 471 
TRP NE1   CE2    sing Y N 472 
TRP NE1   HE1    sing N N 473 
TRP CE2   CZ2    sing Y N 474 
TRP CE3   CZ3    doub Y N 475 
TRP CE3   HE3    sing N N 476 
TRP CZ2   CH2    doub Y N 477 
TRP CZ2   HZ2    sing N N 478 
TRP CZ3   CH2    sing Y N 479 
TRP CZ3   HZ3    sing N N 480 
TRP CH2   HH2    sing N N 481 
TRP OXT   HXT    sing N N 482 
TYR N     CA     sing N N 483 
TYR N     H      sing N N 484 
TYR N     H2     sing N N 485 
TYR CA    C      sing N N 486 
TYR CA    CB     sing N N 487 
TYR CA    HA     sing N N 488 
TYR C     O      doub N N 489 
TYR C     OXT    sing N N 490 
TYR CB    CG     sing N N 491 
TYR CB    HB2    sing N N 492 
TYR CB    HB3    sing N N 493 
TYR CG    CD1    doub Y N 494 
TYR CG    CD2    sing Y N 495 
TYR CD1   CE1    sing Y N 496 
TYR CD1   HD1    sing N N 497 
TYR CD2   CE2    doub Y N 498 
TYR CD2   HD2    sing N N 499 
TYR CE1   CZ     doub Y N 500 
TYR CE1   HE1    sing N N 501 
TYR CE2   CZ     sing Y N 502 
TYR CE2   HE2    sing N N 503 
TYR CZ    OH     sing N N 504 
TYR OH    HH     sing N N 505 
TYR OXT   HXT    sing N N 506 
VAL N     CA     sing N N 507 
VAL N     H      sing N N 508 
VAL N     H2     sing N N 509 
VAL CA    C      sing N N 510 
VAL CA    CB     sing N N 511 
VAL CA    HA     sing N N 512 
VAL C     O      doub N N 513 
VAL C     OXT    sing N N 514 
VAL CB    CG1    sing N N 515 
VAL CB    CG2    sing N N 516 
VAL CB    HB     sing N N 517 
VAL CG1   HG11   sing N N 518 
VAL CG1   HG12   sing N N 519 
VAL CG1   HG13   sing N N 520 
VAL CG2   HG21   sing N N 521 
VAL CG2   HG22   sing N N 522 
VAL CG2   HG23   sing N N 523 
VAL OXT   HXT    sing N N 524 
# 
loop_
_ndb_struct_conf_na.entry_id 
_ndb_struct_conf_na.feature 
5NNX 'double helix'        
5NNX 'b-form double helix' 
# 
loop_
_ndb_struct_na_base_pair.model_number 
_ndb_struct_na_base_pair.i_label_asym_id 
_ndb_struct_na_base_pair.i_label_comp_id 
_ndb_struct_na_base_pair.i_label_seq_id 
_ndb_struct_na_base_pair.i_symmetry 
_ndb_struct_na_base_pair.j_label_asym_id 
_ndb_struct_na_base_pair.j_label_comp_id 
_ndb_struct_na_base_pair.j_label_seq_id 
_ndb_struct_na_base_pair.j_symmetry 
_ndb_struct_na_base_pair.shear 
_ndb_struct_na_base_pair.stretch 
_ndb_struct_na_base_pair.stagger 
_ndb_struct_na_base_pair.buckle 
_ndb_struct_na_base_pair.propeller 
_ndb_struct_na_base_pair.opening 
_ndb_struct_na_base_pair.pair_number 
_ndb_struct_na_base_pair.pair_name 
_ndb_struct_na_base_pair.i_auth_asym_id 
_ndb_struct_na_base_pair.i_auth_seq_id 
_ndb_struct_na_base_pair.i_PDB_ins_code 
_ndb_struct_na_base_pair.j_auth_asym_id 
_ndb_struct_na_base_pair.j_auth_seq_id 
_ndb_struct_na_base_pair.j_PDB_ins_code 
_ndb_struct_na_base_pair.hbond_type_28 
_ndb_struct_na_base_pair.hbond_type_12 
1 A DC 1  1_555 B DG 18 1_555 -0.117 -0.010 0.099  -2.350  -20.476 3.685    1  C_DC1:DG19_F  C 1  ? F 19 ? 19 1 
1 A DA 2  1_555 B DT 17 1_555 0.566  0.213  -0.072 1.404   -5.184  -3.889   2  C_DA2:DT18_F  C 2  ? F 18 ? 20 1 
1 A DC 3  1_555 B DG 16 1_555 0.924  -0.096 0.079  -1.164  -14.839 1.336    3  C_DC3:DG17_F  C 3  ? F 17 ? 19 1 
1 A DA 4  1_555 B DT 15 1_555 -0.078 0.060  0.677  -0.678  -16.990 0.967    4  C_DA4:DT16_F  C 4  ? F 16 ? 20 1 
1 A DT 5  1_555 B DA 14 1_555 0.590  -0.411 1.206  -9.674  -19.093 -0.446   5  C_DT5:DA15_F  C 5  ? F 15 ? 20 1 
1 A DT 6  1_555 B DA 13 1_555 -0.630 -0.282 0.779  -8.674  -19.714 -7.193   6  C_DT6:DA14_F  C 6  ? F 14 ? 20 1 
1 A DC 7  1_555 B DG 12 1_555 0.856  -0.330 0.668  -16.445 -14.457 1.563    7  C_DC7:DG13_F  C 7  ? F 13 ? 19 1 
1 A DC 8  1_555 B DG 11 1_555 0.968  -0.411 0.615  -6.838  -0.779  -3.322   8  C_DC8:DG12_F  C 8  ? F 12 ? 19 1 
1 A DG 9  1_555 B DC 10 1_555 0.334  0.030  0.292  9.914   -13.742 -3.926   9  C_DG9:DC11_F  C 9  ? F 11 ? 19 1 
1 A DC 10 1_555 B DG 9  1_555 0.051  -0.364 0.133  -4.607  -14.972 -2.695   10 C_DC10:DG10_F C 10 ? F 10 ? 19 1 
1 A DA 11 1_555 B DT 8  1_555 -0.104 -0.072 0.186  5.527   -5.154  -4.890   11 C_DA11:DT9_F  C 11 ? F 9  ? 20 1 
1 A DT 12 1_555 B DA 7  1_555 -0.980 3.250  1.001  -1.747  -23.191 -110.771 12 C_DT12:DA8_F  C 12 ? F 8  ? ?  ? 
1 A DC 13 1_555 B DG 6  1_555 0.736  -0.109 -0.023 11.042  -20.494 6.531    13 C_DC13:DG7_F  C 13 ? F 7  ? 19 1 
1 A DG 14 1_555 B DC 5  1_555 -0.869 -0.281 0.190  2.605   -15.700 -2.238   14 C_DG14:DC6_F  C 14 ? F 6  ? 19 1 
1 A DA 15 1_555 B DT 4  1_555 0.205  -0.343 -0.345 2.280   -11.870 5.186    15 C_DA15:DT5_F  C 15 ? F 5  ? 20 1 
1 A DT 16 1_555 B DA 3  1_555 -0.876 -0.431 -0.787 1.619   -10.289 -2.119   16 C_DT16:DA4_F  C 16 ? F 4  ? 20 1 
1 A DC 17 1_555 B DG 2  1_555 0.545  0.055  -0.958 -43.516 -33.333 29.249   17 C_DC17:DG3_F  C 17 ? F 3  ? ?  1 
# 
loop_
_ndb_struct_na_base_pair_step.model_number 
_ndb_struct_na_base_pair_step.i_label_asym_id_1 
_ndb_struct_na_base_pair_step.i_label_comp_id_1 
_ndb_struct_na_base_pair_step.i_label_seq_id_1 
_ndb_struct_na_base_pair_step.i_symmetry_1 
_ndb_struct_na_base_pair_step.j_label_asym_id_1 
_ndb_struct_na_base_pair_step.j_label_comp_id_1 
_ndb_struct_na_base_pair_step.j_label_seq_id_1 
_ndb_struct_na_base_pair_step.j_symmetry_1 
_ndb_struct_na_base_pair_step.i_label_asym_id_2 
_ndb_struct_na_base_pair_step.i_label_comp_id_2 
_ndb_struct_na_base_pair_step.i_label_seq_id_2 
_ndb_struct_na_base_pair_step.i_symmetry_2 
_ndb_struct_na_base_pair_step.j_label_asym_id_2 
_ndb_struct_na_base_pair_step.j_label_comp_id_2 
_ndb_struct_na_base_pair_step.j_label_seq_id_2 
_ndb_struct_na_base_pair_step.j_symmetry_2 
_ndb_struct_na_base_pair_step.shift 
_ndb_struct_na_base_pair_step.slide 
_ndb_struct_na_base_pair_step.rise 
_ndb_struct_na_base_pair_step.tilt 
_ndb_struct_na_base_pair_step.roll 
_ndb_struct_na_base_pair_step.twist 
_ndb_struct_na_base_pair_step.x_displacement 
_ndb_struct_na_base_pair_step.y_displacement 
_ndb_struct_na_base_pair_step.helical_rise 
_ndb_struct_na_base_pair_step.inclination 
_ndb_struct_na_base_pair_step.tip 
_ndb_struct_na_base_pair_step.helical_twist 
_ndb_struct_na_base_pair_step.step_number 
_ndb_struct_na_base_pair_step.step_name 
_ndb_struct_na_base_pair_step.i_auth_asym_id_1 
_ndb_struct_na_base_pair_step.i_auth_seq_id_1 
_ndb_struct_na_base_pair_step.i_PDB_ins_code_1 
_ndb_struct_na_base_pair_step.j_auth_asym_id_1 
_ndb_struct_na_base_pair_step.j_auth_seq_id_1 
_ndb_struct_na_base_pair_step.j_PDB_ins_code_1 
_ndb_struct_na_base_pair_step.i_auth_asym_id_2 
_ndb_struct_na_base_pair_step.i_auth_seq_id_2 
_ndb_struct_na_base_pair_step.i_PDB_ins_code_2 
_ndb_struct_na_base_pair_step.j_auth_asym_id_2 
_ndb_struct_na_base_pair_step.j_auth_seq_id_2 
_ndb_struct_na_base_pair_step.j_PDB_ins_code_2 
1 A DC 1  1_555 B DG 18 1_555 A DA 2  1_555 B DT 17 1_555 0.182  1.267  3.392 3.187  7.849  42.409 0.895  0.088  3.565 10.722  
-4.353  43.209  1  CC_DC1DA2:DT18DG19_FF  C 1  ? F 19 ? C 2  ? F 18 ? 
1 A DA 2  1_555 B DT 17 1_555 A DC 3  1_555 B DG 16 1_555 0.835  -1.107 3.320 -0.346 1.647  27.943 -2.680 -1.809 3.240 3.408   
0.716   27.993  2  CC_DA2DC3:DG17DT18_FF  C 2  ? F 18 ? C 3  ? F 17 ? 
1 A DC 3  1_555 B DG 16 1_555 A DA 4  1_555 B DT 15 1_555 0.178  -0.715 2.861 2.221  10.922 37.360 -2.196 -0.039 2.566 16.604  
-3.377  38.930  3  CC_DC3DA4:DT16DG17_FF  C 3  ? F 17 ? C 4  ? F 16 ? 
1 A DA 4  1_555 B DT 15 1_555 A DT 5  1_555 B DA 14 1_555 -0.587 -1.066 3.601 -4.174 -8.140 33.224 -0.341 0.244  3.793 -13.910 
7.134   34.426  4  CC_DA4DT5:DA15DT16_FF  C 4  ? F 16 ? C 5  ? F 15 ? 
1 A DT 5  1_555 B DA 14 1_555 A DT 6  1_555 B DA 13 1_555 -0.815 -0.700 2.904 0.562  -6.312 31.180 -0.231 1.581  2.971 -11.593 
-1.033  31.802  5  CC_DT5DT6:DA14DA15_FF  C 5  ? F 15 ? C 6  ? F 14 ? 
1 A DT 6  1_555 B DA 13 1_555 A DC 7  1_555 B DG 12 1_555 0.603  -0.469 3.288 2.793  -5.371 48.022 -0.148 -0.515 3.347 -6.569  
-3.417  48.379  6  CC_DT6DC7:DG13DA14_FF  C 6  ? F 14 ? C 7  ? F 13 ? 
1 A DC 7  1_555 B DG 12 1_555 A DC 8  1_555 B DG 11 1_555 -0.590 -0.375 3.062 -0.514 4.505  35.861 -1.196 0.884  3.002 7.280   
0.831   36.137  7  CC_DC7DC8:DG12DG13_FF  C 7  ? F 13 ? C 8  ? F 12 ? 
1 A DC 8  1_555 B DG 11 1_555 A DG 9  1_555 B DC 10 1_555 0.164  0.181  3.064 3.086  7.487  28.838 -1.117 0.287  3.016 14.673  
-6.047  29.930  8  CC_DC8DG9:DC11DG12_FF  C 8  ? F 12 ? C 9  ? F 11 ? 
1 A DG 9  1_555 B DC 10 1_555 A DC 10 1_555 B DG 9  1_555 0.579  -0.444 3.561 1.641  -1.039 32.212 -0.596 -0.723 3.598 -1.870  
-2.954  32.269  9  CC_DG9DC10:DG10DC11_FF C 9  ? F 11 ? C 10 ? F 10 ? 
1 A DC 10 1_555 B DG 9  1_555 A DA 11 1_555 B DT 8  1_555 -0.066 -0.413 2.956 -1.756 11.755 30.151 -2.575 -0.157 2.616 21.574  
3.223   32.359  10 CC_DC10DA11:DT9DG10_FF C 10 ? F 10 ? C 11 ? F 9  ? 
1 A DA 11 1_555 B DT 8  1_555 A DT 12 1_555 B DA 7  1_555 0.321  -1.750 3.164 -8.930 -0.433 78.788 -1.361 -0.485 3.127 -0.340  
7.014   79.211  11 CC_DA11DT12:DA8DT9_FF  C 11 ? F 9  ? C 12 ? F 8  ? 
1 A DT 12 1_555 B DA 7  1_555 A DC 13 1_555 B DG 6  1_555 0.749  1.135  3.361 9.827  -6.850 -2.383 3.599  16.338 0.691 45.054  
64.636  -12.213 12 CC_DT12DC13:DG7DA8_FF  C 12 ? F 8  ? C 13 ? F 7  ? 
1 A DC 13 1_555 B DG 6  1_555 A DG 14 1_555 B DC 5  1_555 -0.327 1.165  3.541 1.671  4.165  32.738 1.271  0.886  3.637 7.346   
-2.948  33.036  13 CC_DC13DG14:DC6DG7_FF  C 13 ? F 7  ? C 14 ? F 6  ? 
1 A DG 14 1_555 B DC 5  1_555 A DA 15 1_555 B DT 4  1_555 -0.100 0.423  3.637 -0.276 8.597  39.554 -0.475 0.110  3.647 12.524  
0.402   40.442  14 CC_DG14DA15:DT5DC6_FF  C 14 ? F 6  ? C 15 ? F 5  ? 
1 A DA 15 1_555 B DT 4  1_555 A DT 16 1_555 B DA 3  1_555 -0.942 -0.492 3.651 2.425  3.921  37.044 -1.339 1.824  3.516 6.142   
-3.799  37.320  15 CC_DA15DT16:DA4DT5_FF  C 15 ? F 5  ? C 16 ? F 4  ? 
1 A DT 16 1_555 B DA 3  1_555 A DC 17 1_555 B DG 2  1_555 1.522  1.331  4.712 10.931 22.789 46.009 -0.911 -0.567 5.040 26.908  
-12.907 52.162  16 CC_DT16DC17:DG3DA4_FF  C 16 ? F 4  ? C 17 ? F 3  ? 
# 
_pdbx_initial_refinement_model.id               1 
_pdbx_initial_refinement_model.entity_id_list   ? 
_pdbx_initial_refinement_model.type             'experimental model' 
_pdbx_initial_refinement_model.source_name      PDB 
_pdbx_initial_refinement_model.accession_code   4Z8E 
_pdbx_initial_refinement_model.details          ? 
# 
_atom_sites.entry_id                    5NNX 
_atom_sites.fract_transf_matrix[1][1]   0.00826151 
_atom_sites.fract_transf_matrix[1][2]   0.00473078 
_atom_sites.fract_transf_matrix[1][3]   0.00388536 
_atom_sites.fract_transf_matrix[2][1]   0.00843241 
_atom_sites.fract_transf_matrix[2][2]   0.00118135 
_atom_sites.fract_transf_matrix[2][3]   -0.00576354 
_atom_sites.fract_transf_matrix[3][1]   -0.00220825 
_atom_sites.fract_transf_matrix[3][2]   0.00557182 
_atom_sites.fract_transf_matrix[3][3]   -0.00208876 
_atom_sites.fract_transf_vector[1]      -0.122924 
_atom_sites.fract_transf_vector[2]      -0.111606 
_atom_sites.fract_transf_vector[3]      -0.292234 
# 
loop_
_atom_type.symbol 
C 
N 
O 
P 
S 
# 
loop_
_atom_site.group_PDB 
_atom_site.id 
_atom_site.type_symbol 
_atom_site.label_atom_id 
_atom_site.label_alt_id 
_atom_site.label_comp_id 
_atom_site.label_asym_id 
_atom_site.label_entity_id 
_atom_site.label_seq_id 
_atom_site.pdbx_PDB_ins_code 
_atom_site.Cartn_x 
_atom_site.Cartn_y 
_atom_site.Cartn_z 
_atom_site.occupancy 
_atom_site.B_iso_or_equiv 
_atom_site.pdbx_formal_charge 
_atom_site.auth_seq_id 
_atom_site.auth_comp_id 
_atom_site.auth_asym_id 
_atom_site.auth_atom_id 
_atom_site.pdbx_PDB_model_num 
ATOM   1    P P     . DC  A 1 1  ? -14.009 -9.215  15.101  1.00 285.24 ? 1   DC  C P     1 
ATOM   2    O OP1   . DC  A 1 1  ? -14.618 -10.554 14.860  1.00 244.69 ? 1   DC  C OP1   1 
ATOM   3    O OP2   . DC  A 1 1  ? -14.063 -8.621  16.464  1.00 319.03 ? 1   DC  C OP2   1 
ATOM   4    O "O5'" . DC  A 1 1  ? -12.493 -9.175  14.601  1.00 234.91 ? 1   DC  C "O5'" 1 
ATOM   5    C "C5'" . DC  A 1 1  ? -12.142 -8.753  13.265  1.00 191.08 ? 1   DC  C "C5'" 1 
ATOM   6    C "C4'" . DC  A 1 1  ? -12.384 -9.880  12.288  1.00 182.78 ? 1   DC  C "C4'" 1 
ATOM   7    O "O4'" . DC  A 1 1  ? -13.797 -9.997  12.042  1.00 182.01 ? 1   DC  C "O4'" 1 
ATOM   8    C "C3'" . DC  A 1 1  ? -11.772 -9.703  10.904  1.00 182.18 ? 1   DC  C "C3'" 1 
ATOM   9    O "O3'" . DC  A 1 1  ? -10.440 -10.224 10.887  1.00 186.84 ? 1   DC  C "O3'" 1 
ATOM   10   C "C2'" . DC  A 1 1  ? -12.679 -10.543 10.018  1.00 171.24 ? 1   DC  C "C2'" 1 
ATOM   11   C "C1'" . DC  A 1 1  ? -14.001 -10.617 10.778  1.00 167.58 ? 1   DC  C "C1'" 1 
ATOM   12   N N1    . DC  A 1 1  ? -15.175 -9.985  10.135  1.00 151.74 ? 1   DC  C N1    1 
ATOM   13   C C2    . DC  A 1 1  ? -15.816 -10.681 9.102   1.00 142.97 ? 1   DC  C C2    1 
ATOM   14   O O2    . DC  A 1 1  ? -15.343 -11.767 8.730   1.00 135.07 ? 1   DC  C O2    1 
ATOM   15   N N3    . DC  A 1 1  ? -16.920 -10.144 8.524   1.00 135.62 ? 1   DC  C N3    1 
ATOM   16   C C4    . DC  A 1 1  ? -17.396 -8.971  8.956   1.00 138.45 ? 1   DC  C C4    1 
ATOM   17   N N4    . DC  A 1 1  ? -18.487 -8.476  8.357   1.00 124.40 ? 1   DC  C N4    1 
ATOM   18   C C5    . DC  A 1 1  ? -16.767 -8.245  10.012  1.00 137.47 ? 1   DC  C C5    1 
ATOM   19   C C6    . DC  A 1 1  ? -15.674 -8.786  10.572  1.00 140.95 ? 1   DC  C C6    1 
ATOM   20   P P     . DA  A 1 2  ? -9.188  -9.293  10.509  1.00 191.28 ? 2   DA  C P     1 
ATOM   21   O OP1   . DA  A 1 2  ? -8.133  -9.503  11.536  1.00 199.21 ? 2   DA  C OP1   1 
ATOM   22   O OP2   . DA  A 1 2  ? -9.669  -7.911  10.218  1.00 155.91 ? 2   DA  C OP2   1 
ATOM   23   O "O5'" . DA  A 1 2  ? -8.645  -9.939  9.158   1.00 171.31 ? 2   DA  C "O5'" 1 
ATOM   24   C "C5'" . DA  A 1 2  ? -8.771  -11.344 8.850   1.00 157.37 ? 2   DA  C "C5'" 1 
ATOM   25   C "C4'" . DA  A 1 2  ? -9.245  -11.490 7.423   1.00 158.12 ? 2   DA  C "C4'" 1 
ATOM   26   O "O4'" . DA  A 1 2  ? -10.635 -11.087 7.323   1.00 157.96 ? 2   DA  C "O4'" 1 
ATOM   27   C "C3'" . DA  A 1 2  ? -8.490  -10.619 6.421   1.00 141.58 ? 2   DA  C "C3'" 1 
ATOM   28   O "O3'" . DA  A 1 2  ? -8.236  -11.327 5.209   1.00 138.75 ? 2   DA  C "O3'" 1 
ATOM   29   C "C2'" . DA  A 1 2  ? -9.425  -9.446  6.197   1.00 129.59 ? 2   DA  C "C2'" 1 
ATOM   30   C "C1'" . DA  A 1 2  ? -10.781 -10.105 6.314   1.00 121.71 ? 2   DA  C "C1'" 1 
ATOM   31   N N9    . DA  A 1 2  ? -11.851 -9.196  6.721   1.00 112.66 ? 2   DA  C N9    1 
ATOM   32   C C8    . DA  A 1 2  ? -11.793 -8.219  7.686   1.00 118.77 ? 2   DA  C C8    1 
ATOM   33   N N7    . DA  A 1 2  ? -12.907 -7.537  7.816   1.00 118.85 ? 2   DA  C N7    1 
ATOM   34   C C5    . DA  A 1 2  ? -13.752 -8.096  6.867   1.00 116.88 ? 2   DA  C C5    1 
ATOM   35   C C6    . DA  A 1 2  ? -15.081 -7.810  6.499   1.00 114.55 ? 2   DA  C C6    1 
ATOM   36   N N6    . DA  A 1 2  ? -15.815 -6.853  7.068   1.00 116.69 ? 2   DA  C N6    1 
ATOM   37   N N1    . DA  A 1 2  ? -15.636 -8.555  5.513   1.00 121.06 ? 2   DA  C N1    1 
ATOM   38   C C2    . DA  A 1 2  ? -14.894 -9.520  4.945   1.00 124.83 ? 2   DA  C C2    1 
ATOM   39   N N3    . DA  A 1 2  ? -13.632 -9.875  5.199   1.00 117.83 ? 2   DA  C N3    1 
ATOM   40   C C4    . DA  A 1 2  ? -13.113 -9.117  6.183   1.00 115.32 ? 2   DA  C C4    1 
ATOM   41   P P     . DC  A 1 3  ? -7.225  -10.700 4.176   1.00 153.50 ? 3   DC  C P     1 
ATOM   42   O OP1   . DC  A 1 3  ? -6.950  -11.706 3.103   1.00 133.97 ? 3   DC  C OP1   1 
ATOM   43   O OP2   . DC  A 1 3  ? -6.077  -10.170 4.956   1.00 142.45 ? 3   DC  C OP2   1 
ATOM   44   O "O5'" . DC  A 1 3  ? -8.076  -9.456  3.654   1.00 158.52 ? 3   DC  C "O5'" 1 
ATOM   45   C "C5'" . DC  A 1 3  ? -8.346  -9.223  2.262   1.00 158.45 ? 3   DC  C "C5'" 1 
ATOM   46   C "C4'" . DC  A 1 3  ? -9.816  -9.373  1.938   1.00 135.45 ? 3   DC  C "C4'" 1 
ATOM   47   O "O4'" . DC  A 1 3  ? -10.675 -9.108  3.064   1.00 126.45 ? 3   DC  C "O4'" 1 
ATOM   48   C "C3'" . DC  A 1 3  ? -10.313 -8.397  0.889   1.00 131.55 ? 3   DC  C "C3'" 1 
ATOM   49   O "O3'" . DC  A 1 3  ? -9.896  -8.778  -0.419  1.00 143.55 ? 3   DC  C "O3'" 1 
ATOM   50   C "C2'" . DC  A 1 3  ? -11.808 -8.508  1.059   1.00 124.67 ? 3   DC  C "C2'" 1 
ATOM   51   C "C1'" . DC  A 1 3  ? -11.950 -8.684  2.562   1.00 117.81 ? 3   DC  C "C1'" 1 
ATOM   52   N N1    . DC  A 1 3  ? -12.394 -7.488  3.318   1.00 110.76 ? 3   DC  C N1    1 
ATOM   53   C C2    . DC  A 1 3  ? -13.713 -7.028  3.147   1.00 114.09 ? 3   DC  C C2    1 
ATOM   54   O O2    . DC  A 1 3  ? -14.453 -7.603  2.332   1.00 137.96 ? 3   DC  C O2    1 
ATOM   55   N N3    . DC  A 1 3  ? -14.144 -5.967  3.868   1.00 106.24 ? 3   DC  C N3    1 
ATOM   56   C C4    . DC  A 1 3  ? -13.326 -5.380  4.745   1.00 113.28 ? 3   DC  C C4    1 
ATOM   57   N N4    . DC  A 1 3  ? -13.793 -4.332  5.429   1.00 120.37 ? 3   DC  C N4    1 
ATOM   58   C C5    . DC  A 1 3  ? -11.982 -5.822  4.937   1.00 111.83 ? 3   DC  C C5    1 
ATOM   59   C C6    . DC  A 1 3  ? -11.562 -6.870  4.212   1.00 106.53 ? 3   DC  C C6    1 
ATOM   60   P P     . DA  A 1 4  ? -9.578  -7.654  -1.501  1.00 140.13 ? 4   DA  C P     1 
ATOM   61   O OP1   . DA  A 1 4  ? -8.690  -8.261  -2.537  1.00 109.44 ? 4   DA  C OP1   1 
ATOM   62   O OP2   . DA  A 1 4  ? -9.194  -6.402  -0.778  1.00 127.53 ? 4   DA  C OP2   1 
ATOM   63   O "O5'" . DA  A 1 4  ? -10.995 -7.369  -2.161  1.00 122.22 ? 4   DA  C "O5'" 1 
ATOM   64   C "C5'" . DA  A 1 4  ? -11.771 -8.425  -2.733  1.00 128.55 ? 4   DA  C "C5'" 1 
ATOM   65   C "C4'" . DA  A 1 4  ? -13.167 -7.909  -2.982  1.00 136.06 ? 4   DA  C "C4'" 1 
ATOM   66   O "O4'" . DA  A 1 4  ? -13.693 -7.293  -1.780  1.00 127.75 ? 4   DA  C "O4'" 1 
ATOM   67   C "C3'" . DA  A 1 4  ? -13.237 -6.841  -4.068  1.00 146.59 ? 4   DA  C "C3'" 1 
ATOM   68   O "O3'" . DA  A 1 4  ? -14.369 -7.147  -4.886  1.00 157.78 ? 4   DA  C "O3'" 1 
ATOM   69   C "C2'" . DA  A 1 4  ? -13.302 -5.540  -3.282  1.00 141.11 ? 4   DA  C "C2'" 1 
ATOM   70   C "C1'" . DA  A 1 4  ? -14.053 -5.943  -2.022  1.00 125.46 ? 4   DA  C "C1'" 1 
ATOM   71   N N9    . DA  A 1 4  ? -13.722 -5.170  -0.823  1.00 120.76 ? 4   DA  C N9    1 
ATOM   72   C C8    . DA  A 1 4  ? -12.515 -5.143  -0.167  1.00 124.51 ? 4   DA  C C8    1 
ATOM   73   N N7    . DA  A 1 4  ? -12.507 -4.373  0.894   1.00 127.52 ? 4   DA  C N7    1 
ATOM   74   C C5    . DA  A 1 4  ? -13.790 -3.845  0.934   1.00 120.33 ? 4   DA  C C5    1 
ATOM   75   C C6    . DA  A 1 4  ? -14.418 -2.949  1.820   1.00 124.39 ? 4   DA  C C6    1 
ATOM   76   N N6    . DA  A 1 4  ? -13.810 -2.406  2.877   1.00 145.24 ? 4   DA  C N6    1 
ATOM   77   N N1    . DA  A 1 4  ? -15.715 -2.644  1.594   1.00 110.44 ? 4   DA  C N1    1 
ATOM   78   C C2    . DA  A 1 4  ? -16.318 -3.175  0.522   1.00 121.22 ? 4   DA  C C2    1 
ATOM   79   N N3    . DA  A 1 4  ? -15.836 -4.036  -0.379  1.00 121.53 ? 4   DA  C N3    1 
ATOM   80   C C4    . DA  A 1 4  ? -14.552 -4.334  -0.113  1.00 115.77 ? 4   DA  C C4    1 
ATOM   81   P P     . DT  A 1 5  ? -14.713 -6.253  -6.145  1.00 149.78 ? 5   DT  C P     1 
ATOM   82   O OP1   . DT  A 1 5  ? -15.615 -7.037  -7.017  1.00 156.02 ? 5   DT  C OP1   1 
ATOM   83   O OP2   . DT  A 1 5  ? -13.434 -5.739  -6.698  1.00 170.50 ? 5   DT  C OP2   1 
ATOM   84   O "O5'" . DT  A 1 5  ? -15.565 -5.069  -5.503  1.00 112.34 ? 5   DT  C "O5'" 1 
ATOM   85   C "C5'" . DT  A 1 5  ? -16.734 -5.378  -4.740  1.00 112.98 ? 5   DT  C "C5'" 1 
ATOM   86   C "C4'" . DT  A 1 5  ? -17.441 -4.119  -4.300  1.00 120.56 ? 5   DT  C "C4'" 1 
ATOM   87   O "O4'" . DT  A 1 5  ? -16.808 -3.494  -3.154  1.00 117.05 ? 5   DT  C "O4'" 1 
ATOM   88   C "C3'" . DT  A 1 5  ? -17.544 -3.037  -5.372  1.00 134.05 ? 5   DT  C "C3'" 1 
ATOM   89   O "O3'" . DT  A 1 5  ? -18.920 -2.666  -5.474  1.00 163.19 ? 5   DT  C "O3'" 1 
ATOM   90   C "C2'" . DT  A 1 5  ? -16.655 -1.925  -4.841  1.00 132.94 ? 5   DT  C "C2'" 1 
ATOM   91   C "C1'" . DT  A 1 5  ? -16.807 -2.090  -3.348  1.00 120.96 ? 5   DT  C "C1'" 1 
ATOM   92   N N1    . DT  A 1 5  ? -15.719 -1.502  -2.520  1.00 128.92 ? 5   DT  C N1    1 
ATOM   93   C C2    . DT  A 1 5  ? -16.028 -0.537  -1.582  1.00 120.54 ? 5   DT  C C2    1 
ATOM   94   O O2    . DT  A 1 5  ? -17.160 -0.132  -1.386  1.00 114.65 ? 5   DT  C O2    1 
ATOM   95   N N3    . DT  A 1 5  ? -14.955 -0.079  -0.856  1.00 121.75 ? 5   DT  C N3    1 
ATOM   96   C C4    . DT  A 1 5  ? -13.631 -0.462  -0.985  1.00 138.06 ? 5   DT  C C4    1 
ATOM   97   O O4    . DT  A 1 5  ? -12.770 0.045   -0.261  1.00 120.22 ? 5   DT  C O4    1 
ATOM   98   C C5    . DT  A 1 5  ? -13.380 -1.485  -1.986  1.00 143.82 ? 5   DT  C C5    1 
ATOM   99   C C7    . DT  A 1 5  ? -11.980 -1.976  -2.193  1.00 127.11 ? 5   DT  C C7    1 
ATOM   100  C C6    . DT  A 1 5  ? -14.423 -1.941  -2.695  1.00 142.99 ? 5   DT  C C6    1 
ATOM   101  P P     . DT  A 1 6  ? -19.465 -1.875  -6.750  1.00 163.19 ? 6   DT  C P     1 
ATOM   102  O OP1   . DT  A 1 6  ? -20.944 -1.863  -6.665  1.00 157.31 ? 6   DT  C OP1   1 
ATOM   103  O OP2   . DT  A 1 6  ? -18.794 -2.406  -7.978  1.00 143.27 ? 6   DT  C OP2   1 
ATOM   104  O "O5'" . DT  A 1 6  ? -18.980 -0.392  -6.462  1.00 144.57 ? 6   DT  C "O5'" 1 
ATOM   105  C "C5'" . DT  A 1 6  ? -19.884 0.697   -6.616  1.00 151.63 ? 6   DT  C "C5'" 1 
ATOM   106  C "C4'" . DT  A 1 6  ? -20.678 0.924   -5.353  1.00 142.68 ? 6   DT  C "C4'" 1 
ATOM   107  O "O4'" . DT  A 1 6  ? -19.799 0.769   -4.213  1.00 122.98 ? 6   DT  C "O4'" 1 
ATOM   108  C "C3'" . DT  A 1 6  ? -21.221 2.353   -5.280  1.00 163.92 ? 6   DT  C "C3'" 1 
ATOM   109  O "O3'" . DT  A 1 6  ? -22.515 2.512   -4.688  1.00 176.58 ? 6   DT  C "O3'" 1 
ATOM   110  C "C2'" . DT  A 1 6  ? -20.163 3.084   -4.483  1.00 158.11 ? 6   DT  C "C2'" 1 
ATOM   111  C "C1'" . DT  A 1 6  ? -19.640 2.021   -3.548  1.00 139.90 ? 6   DT  C "C1'" 1 
ATOM   112  N N1    . DT  A 1 6  ? -18.205 2.216   -3.238  1.00 136.80 ? 6   DT  C N1    1 
ATOM   113  C C2    . DT  A 1 6  ? -17.895 3.028   -2.169  1.00 136.79 ? 6   DT  C C2    1 
ATOM   114  O O2    . DT  A 1 6  ? -18.741 3.557   -1.465  1.00 146.76 ? 6   DT  C O2    1 
ATOM   115  N N3    . DT  A 1 6  ? -16.551 3.166   -1.924  1.00 119.47 ? 6   DT  C N3    1 
ATOM   116  C C4    . DT  A 1 6  ? -15.512 2.623   -2.653  1.00 117.59 ? 6   DT  C C4    1 
ATOM   117  O O4    . DT  A 1 6  ? -14.356 2.848   -2.320  1.00 118.49 ? 6   DT  C O4    1 
ATOM   118  C C5    . DT  A 1 6  ? -15.909 1.805   -3.780  1.00 112.76 ? 6   DT  C C5    1 
ATOM   119  C C7    . DT  A 1 6  ? -14.850 1.176   -4.630  1.00 106.87 ? 6   DT  C C7    1 
ATOM   120  C C6    . DT  A 1 6  ? -17.217 1.658   -4.023  1.00 119.53 ? 6   DT  C C6    1 
ATOM   121  P P     . DC  A 1 7  ? -23.262 3.934   -4.785  1.00 170.13 ? 7   DC  C P     1 
ATOM   122  O OP1   . DC  A 1 7  ? -24.723 3.709   -4.623  1.00 193.66 ? 7   DC  C OP1   1 
ATOM   123  O OP2   . DC  A 1 7  ? -22.740 4.664   -5.973  1.00 181.22 ? 7   DC  C OP2   1 
ATOM   124  O "O5'" . DC  A 1 7  ? -22.762 4.691   -3.482  1.00 161.80 ? 7   DC  C "O5'" 1 
ATOM   125  C "C5'" . DC  A 1 7  ? -22.520 6.096   -3.504  1.00 151.59 ? 7   DC  C "C5'" 1 
ATOM   126  C "C4'" . DC  A 1 7  ? -21.832 6.488   -2.224  1.00 149.97 ? 7   DC  C "C4'" 1 
ATOM   127  O "O4'" . DC  A 1 7  ? -20.548 5.827   -2.148  1.00 154.85 ? 7   DC  C "O4'" 1 
ATOM   128  C "C3'" . DC  A 1 7  ? -21.574 7.986   -2.110  1.00 156.91 ? 7   DC  C "C3'" 1 
ATOM   129  O "O3'" . DC  A 1 7  ? -22.232 8.501   -0.957  1.00 153.71 ? 7   DC  C "O3'" 1 
ATOM   130  C "C2'" . DC  A 1 7  ? -20.062 8.129   -2.086  1.00 165.76 ? 7   DC  C "C2'" 1 
ATOM   131  C "C1'" . DC  A 1 7  ? -19.520 6.742   -1.808  1.00 162.45 ? 7   DC  C "C1'" 1 
ATOM   132  N N1    . DC  A 1 7  ? -18.306 6.383   -2.579  1.00 152.90 ? 7   DC  C N1    1 
ATOM   133  C C2    . DC  A 1 7  ? -17.052 6.674   -2.031  1.00 133.52 ? 7   DC  C C2    1 
ATOM   134  O O2    . DC  A 1 7  ? -16.996 7.223   -0.923  1.00 141.06 ? 7   DC  C O2    1 
ATOM   135  N N3    . DC  A 1 7  ? -15.935 6.329   -2.713  1.00 123.39 ? 7   DC  C N3    1 
ATOM   136  C C4    . DC  A 1 7  ? -16.037 5.752   -3.914  1.00 134.58 ? 7   DC  C C4    1 
ATOM   137  N N4    . DC  A 1 7  ? -14.909 5.444   -4.560  1.00 123.01 ? 7   DC  C N4    1 
ATOM   138  C C5    . DC  A 1 7  ? -17.301 5.450   -4.499  1.00 147.60 ? 7   DC  C C5    1 
ATOM   139  C C6    . DC  A 1 7  ? -18.400 5.787   -3.808  1.00 154.68 ? 7   DC  C C6    1 
ATOM   140  P P     . DC  A 1 8  ? -22.713 10.013  -0.944  1.00 169.32 ? 8   DC  C P     1 
ATOM   141  O OP1   . DC  A 1 8  ? -23.544 10.211  0.264   1.00 161.73 ? 8   DC  C OP1   1 
ATOM   142  O OP2   . DC  A 1 8  ? -23.273 10.330  -2.289  1.00 171.82 ? 8   DC  C OP2   1 
ATOM   143  O "O5'" . DC  A 1 8  ? -21.346 10.807  -0.753  1.00 171.91 ? 8   DC  C "O5'" 1 
ATOM   144  C "C5'" . DC  A 1 8  ? -20.888 11.225  0.545   1.00 169.42 ? 8   DC  C "C5'" 1 
ATOM   145  C "C4'" . DC  A 1 8  ? -19.559 11.931  0.409   1.00 174.65 ? 8   DC  C "C4'" 1 
ATOM   146  O "O4'" . DC  A 1 8  ? -18.586 10.995  -0.104  1.00 164.27 ? 8   DC  C "O4'" 1 
ATOM   147  C "C3'" . DC  A 1 8  ? -19.549 13.094  -0.586  1.00 175.87 ? 8   DC  C "C3'" 1 
ATOM   148  O "O3'" . DC  A 1 8  ? -20.084 14.348  -0.088  1.00 181.83 ? 8   DC  C "O3'" 1 
ATOM   149  C "C2'" . DC  A 1 8  ? -18.132 13.072  -1.142  1.00 172.26 ? 8   DC  C "C2'" 1 
ATOM   150  C "C1'" . DC  A 1 8  ? -17.530 11.734  -0.702  1.00 167.99 ? 8   DC  C "C1'" 1 
ATOM   151  N N1    . DC  A 1 8  ? -16.973 10.926  -1.808  1.00 145.76 ? 8   DC  C N1    1 
ATOM   152  C C2    . DC  A 1 8  ? -15.587 10.705  -1.894  1.00 130.94 ? 8   DC  C C2    1 
ATOM   153  O O2    . DC  A 1 8  ? -14.841 11.176  -1.019  1.00 126.21 ? 8   DC  C O2    1 
ATOM   154  N N3    . DC  A 1 8  ? -15.104 9.950   -2.908  1.00 112.82 ? 8   DC  C N3    1 
ATOM   155  C C4    . DC  A 1 8  ? -15.935 9.464   -3.834  1.00 118.20 ? 8   DC  C C4    1 
ATOM   156  N N4    . DC  A 1 8  ? -15.415 8.735   -4.824  1.00 124.80 ? 8   DC  C N4    1 
ATOM   157  C C5    . DC  A 1 8  ? -17.340 9.682   -3.775  1.00 122.50 ? 8   DC  C C5    1 
ATOM   158  C C6    . DC  A 1 8  ? -17.812 10.415  -2.759  1.00 132.28 ? 8   DC  C C6    1 
ATOM   159  P P     . DG  A 1 9  ? -19.392 15.207  1.120   1.00 187.93 ? 9   DG  C P     1 
ATOM   160  O OP1   . DG  A 1 9  ? -18.140 14.534  1.547   1.00 206.51 ? 9   DG  C OP1   1 
ATOM   161  O OP2   . DG  A 1 9  ? -20.428 15.534  2.137   1.00 179.12 ? 9   DG  C OP2   1 
ATOM   162  O "O5'" . DG  A 1 9  ? -19.038 16.584  0.408   1.00 182.95 ? 9   DG  C "O5'" 1 
ATOM   163  C "C5'" . DG  A 1 9  ? -18.066 16.627  -0.647  1.00 183.57 ? 9   DG  C "C5'" 1 
ATOM   164  C "C4'" . DG  A 1 9  ? -16.670 16.716  -0.070  1.00 180.60 ? 9   DG  C "C4'" 1 
ATOM   165  O "O4'" . DG  A 1 9  ? -15.883 15.544  -0.396  1.00 170.75 ? 9   DG  C "O4'" 1 
ATOM   166  C "C3'" . DG  A 1 9  ? -15.872 17.892  -0.608  1.00 166.07 ? 9   DG  C "C3'" 1 
ATOM   167  O "O3'" . DG  A 1 9  ? -14.907 18.310  0.350   1.00 168.93 ? 9   DG  C "O3'" 1 
ATOM   168  C "C2'" . DG  A 1 9  ? -15.153 17.295  -1.792  1.00 159.98 ? 9   DG  C "C2'" 1 
ATOM   169  C "C1'" . DG  A 1 9  ? -14.923 15.843  -1.402  1.00 154.04 ? 9   DG  C "C1'" 1 
ATOM   170  N N9    . DG  A 1 9  ? -15.140 14.919  -2.511  1.00 140.43 ? 9   DG  C N9    1 
ATOM   171  C C8    . DG  A 1 9  ? -16.308 14.760  -3.217  1.00 138.03 ? 9   DG  C C8    1 
ATOM   172  N N7    . DG  A 1 9  ? -16.218 13.866  -4.163  1.00 122.81 ? 9   DG  C N7    1 
ATOM   173  C C5    . DG  A 1 9  ? -14.910 13.413  -4.083  1.00 114.58 ? 9   DG  C C5    1 
ATOM   174  C C6    . DG  A 1 9  ? -14.231 12.449  -4.863  1.00 111.62 ? 9   DG  C C6    1 
ATOM   175  O O6    . DG  A 1 9  ? -14.665 11.781  -5.805  1.00 115.36 ? 9   DG  C O6    1 
ATOM   176  N N1    . DG  A 1 9  ? -12.907 12.304  -4.459  1.00 120.97 ? 9   DG  C N1    1 
ATOM   177  C C2    . DG  A 1 9  ? -12.317 12.990  -3.426  1.00 135.40 ? 9   DG  C C2    1 
ATOM   178  N N2    . DG  A 1 9  ? -11.024 12.703  -3.188  1.00 141.66 ? 9   DG  C N2    1 
ATOM   179  N N3    . DG  A 1 9  ? -12.944 13.895  -2.686  1.00 128.25 ? 9   DG  C N3    1 
ATOM   180  C C4    . DG  A 1 9  ? -14.228 14.057  -3.072  1.00 125.35 ? 9   DG  C C4    1 
ATOM   181  P P     . DC  A 1 10 ? -14.498 19.836  0.435   1.00 182.24 ? 10  DC  C P     1 
ATOM   182  O OP1   . DC  A 1 10 ? -14.376 20.202  1.870   1.00 176.76 ? 10  DC  C OP1   1 
ATOM   183  O OP2   . DC  A 1 10 ? -15.398 20.613  -0.462  1.00 182.48 ? 10  DC  C OP2   1 
ATOM   184  O "O5'" . DC  A 1 10 ? -13.023 19.830  -0.152  1.00 168.12 ? 10  DC  C "O5'" 1 
ATOM   185  C "C5'" . DC  A 1 10 ? -12.802 19.921  -1.560  1.00 164.95 ? 10  DC  C "C5'" 1 
ATOM   186  C "C4'" . DC  A 1 10 ? -11.700 18.967  -1.949  1.00 156.45 ? 10  DC  C "C4'" 1 
ATOM   187  O "O4'" . DC  A 1 10 ? -12.215 17.675  -2.324  1.00 131.54 ? 10  DC  C "O4'" 1 
ATOM   188  C "C3'" . DC  A 1 10 ? -10.897 19.448  -3.145  1.00 166.14 ? 10  DC  C "C3'" 1 
ATOM   189  O "O3'" . DC  A 1 10 ? -9.989  20.395  -2.570  1.00 176.51 ? 10  DC  C "O3'" 1 
ATOM   190  C "C2'" . DC  A 1 10 ? -10.363 18.150  -3.729  1.00 152.02 ? 10  DC  C "C2'" 1 
ATOM   191  C "C1'" . DC  A 1 10 ? -11.418 17.118  -3.362  1.00 132.01 ? 10  DC  C "C1'" 1 
ATOM   192  N N1    . DC  A 1 10 ? -12.318 16.668  -4.436  1.00 128.12 ? 10  DC  C N1    1 
ATOM   193  C C2    . DC  A 1 10 ? -11.861 15.709  -5.350  1.00 129.04 ? 10  DC  C C2    1 
ATOM   194  O O2    . DC  A 1 10 ? -10.688 15.316  -5.272  1.00 124.66 ? 10  DC  C O2    1 
ATOM   195  N N3    . DC  A 1 10 ? -12.708 15.244  -6.299  1.00 118.41 ? 10  DC  C N3    1 
ATOM   196  C C4    . DC  A 1 10 ? -13.966 15.691  -6.347  1.00 128.01 ? 10  DC  C C4    1 
ATOM   197  N N4    . DC  A 1 10 ? -14.766 15.211  -7.300  1.00 133.74 ? 10  DC  C N4    1 
ATOM   198  C C5    . DC  A 1 10 ? -14.456 16.661  -5.425  1.00 131.44 ? 10  DC  C C5    1 
ATOM   199  C C6    . DC  A 1 10 ? -13.609 17.115  -4.495  1.00 125.30 ? 10  DC  C C6    1 
ATOM   200  P P     . DA  A 1 11 ? -8.669  20.815  -3.324  1.00 199.34 ? 11  DA  C P     1 
ATOM   201  O OP1   . DA  A 1 11 ? -7.790  21.500  -2.341  1.00 206.93 ? 11  DA  C OP1   1 
ATOM   202  O OP2   . DA  A 1 11 ? -9.068  21.500  -4.574  1.00 198.96 ? 11  DA  C OP2   1 
ATOM   203  O "O5'" . DA  A 1 11 ? -8.001  19.416  -3.674  1.00 199.35 ? 11  DA  C "O5'" 1 
ATOM   204  C "C5'" . DA  A 1 11 ? -6.687  19.312  -4.218  1.00 182.15 ? 11  DA  C "C5'" 1 
ATOM   205  C "C4'" . DA  A 1 11 ? -6.763  18.993  -5.692  1.00 184.03 ? 11  DA  C "C4'" 1 
ATOM   206  O "O4'" . DA  A 1 11 ? -7.975  18.279  -6.050  1.00 174.67 ? 11  DA  C "O4'" 1 
ATOM   207  C "C3'" . DA  A 1 11 ? -6.703  20.205  -6.626  1.00 190.72 ? 11  DA  C "C3'" 1 
ATOM   208  O "O3'" . DA  A 1 11 ? -5.823  19.884  -7.691  1.00 213.05 ? 11  DA  C "O3'" 1 
ATOM   209  C "C2'" . DA  A 1 11 ? -8.084  20.257  -7.238  1.00 179.79 ? 11  DA  C "C2'" 1 
ATOM   210  C "C1'" . DA  A 1 11 ? -8.382  18.784  -7.306  1.00 169.42 ? 11  DA  C "C1'" 1 
ATOM   211  N N9    . DA  A 1 11 ? -9.779  18.439  -7.531  1.00 155.23 ? 11  DA  C N9    1 
ATOM   212  C C8    . DA  A 1 11 ? -10.913 19.002  -6.999  1.00 146.39 ? 11  DA  C C8    1 
ATOM   213  N N7    . DA  A 1 11 ? -12.025 18.500  -7.478  1.00 142.31 ? 11  DA  C N7    1 
ATOM   214  C C5    . DA  A 1 11 ? -11.594 17.573  -8.418  1.00 148.39 ? 11  DA  C C5    1 
ATOM   215  C C6    . DA  A 1 11 ? -12.288 16.704  -9.278  1.00 156.86 ? 11  DA  C C6    1 
ATOM   216  N N6    . DA  A 1 11 ? -13.619 16.625  -9.333  1.00 163.26 ? 11  DA  C N6    1 
ATOM   217  N N1    . DA  A 1 11 ? -11.559 15.914  -10.099 1.00 158.11 ? 11  DA  C N1    1 
ATOM   218  C C2    . DA  A 1 11 ? -10.222 15.991  -10.040 1.00 160.21 ? 11  DA  C C2    1 
ATOM   219  N N3    . DA  A 1 11 ? -9.455  16.764  -9.270  1.00 149.13 ? 11  DA  C N3    1 
ATOM   220  C C4    . DA  A 1 11 ? -10.213 17.540  -8.474  1.00 151.31 ? 11  DA  C C4    1 
ATOM   221  P P     . DT  A 1 12 ? -4.318  20.333  -7.639  1.00 232.42 ? 12  DT  C P     1 
ATOM   222  O OP1   . DT  A 1 12 ? -3.480  19.138  -7.913  1.00 239.75 ? 12  DT  C OP1   1 
ATOM   223  O OP2   . DT  A 1 12 ? -4.106  21.119  -6.395  1.00 240.10 ? 12  DT  C OP2   1 
ATOM   224  O "O5'" . DT  A 1 12 ? -4.220  21.297  -8.899  1.00 216.83 ? 12  DT  C "O5'" 1 
ATOM   225  C "C5'" . DT  A 1 12 ? -5.187  21.204  -9.954  1.00 191.07 ? 12  DT  C "C5'" 1 
ATOM   226  C "C4'" . DT  A 1 12 ? -5.058  19.870  -10.653 1.00 182.31 ? 12  DT  C "C4'" 1 
ATOM   227  O "O4'" . DT  A 1 12 ? -6.294  19.130  -10.501 1.00 176.21 ? 12  DT  C "O4'" 1 
ATOM   228  C "C3'" . DT  A 1 12 ? -4.817  19.989  -12.155 1.00 187.38 ? 12  DT  C "C3'" 1 
ATOM   229  O "O3'" . DT  A 1 12 ? -3.936  18.988  -12.668 1.00 173.43 ? 12  DT  C "O3'" 1 
ATOM   230  C "C2'" . DT  A 1 12 ? -6.209  19.856  -12.732 1.00 196.17 ? 12  DT  C "C2'" 1 
ATOM   231  C "C1'" . DT  A 1 12 ? -6.867  18.883  -11.780 1.00 189.43 ? 12  DT  C "C1'" 1 
ATOM   232  N N1    . DT  A 1 12 ? -8.323  19.104  -11.690 1.00 190.62 ? 12  DT  C N1    1 
ATOM   233  C C2    . DT  A 1 12 ? -9.144  18.341  -12.492 1.00 183.66 ? 12  DT  C C2    1 
ATOM   234  O O2    . DT  A 1 12 ? -8.728  17.462  -13.232 1.00 167.29 ? 12  DT  C O2    1 
ATOM   235  N N3    . DT  A 1 12 ? -10.480 18.629  -12.379 1.00 177.88 ? 12  DT  C N3    1 
ATOM   236  C C4    . DT  A 1 12 ? -11.062 19.600  -11.584 1.00 176.27 ? 12  DT  C C4    1 
ATOM   237  O O4    . DT  A 1 12 ? -12.281 19.740  -11.583 1.00 186.92 ? 12  DT  C O4    1 
ATOM   238  C C5    . DT  A 1 12 ? -10.139 20.385  -10.793 1.00 163.97 ? 12  DT  C C5    1 
ATOM   239  C C7    . DT  A 1 12 ? -10.677 21.459  -9.902  1.00 150.94 ? 12  DT  C C7    1 
ATOM   240  C C6    . DT  A 1 12 ? -8.832  20.109  -10.895 1.00 177.77 ? 12  DT  C C6    1 
ATOM   241  P P     . DC  A 1 13 ? -3.556  18.992  -14.228 1.00 179.87 ? 13  DC  C P     1 
ATOM   242  O OP1   . DC  A 1 13 ? -2.161  18.512  -14.360 1.00 189.55 ? 13  DC  C OP1   1 
ATOM   243  O OP2   . DC  A 1 13 ? -3.921  20.317  -14.796 1.00 191.85 ? 13  DC  C OP2   1 
ATOM   244  O "O5'" . DC  A 1 13 ? -4.563  17.920  -14.841 1.00 194.65 ? 13  DC  C "O5'" 1 
ATOM   245  C "C5'" . DC  A 1 13 ? -4.496  17.531  -16.228 1.00 202.38 ? 13  DC  C "C5'" 1 
ATOM   246  C "C4'" . DC  A 1 13 ? -5.749  17.926  -16.978 1.00 209.81 ? 13  DC  C "C4'" 1 
ATOM   247  O "O4'" . DC  A 1 13 ? -6.824  18.286  -16.088 1.00 207.24 ? 13  DC  C "O4'" 1 
ATOM   248  C "C3'" . DC  A 1 13 ? -5.604  19.146  -17.884 1.00 214.56 ? 13  DC  C "C3'" 1 
ATOM   249  O "O3'" . DC  A 1 13 ? -4.853  18.969  -19.105 1.00 224.01 ? 13  DC  C "O3'" 1 
ATOM   250  C "C2'" . DC  A 1 13 ? -7.036  19.629  -18.041 1.00 204.74 ? 13  DC  C "C2'" 1 
ATOM   251  C "C1'" . DC  A 1 13 ? -7.782  19.011  -16.852 1.00 196.31 ? 13  DC  C "C1'" 1 
ATOM   252  N N1    . DC  A 1 13 ? -8.464  19.961  -15.953 1.00 192.41 ? 13  DC  C N1    1 
ATOM   253  C C2    . DC  A 1 13 ? -9.835  19.802  -15.729 1.00 190.56 ? 13  DC  C C2    1 
ATOM   254  O O2    . DC  A 1 13 ? -10.432 18.877  -16.299 1.00 198.02 ? 13  DC  C O2    1 
ATOM   255  N N3    . DC  A 1 13 ? -10.478 20.671  -14.915 1.00 191.79 ? 13  DC  C N3    1 
ATOM   256  C C4    . DC  A 1 13 ? -9.796  21.645  -14.306 1.00 185.93 ? 13  DC  C C4    1 
ATOM   257  N N4    . DC  A 1 13 ? -10.470 22.470  -13.502 1.00 196.96 ? 13  DC  C N4    1 
ATOM   258  C C5    . DC  A 1 13 ? -8.399  21.835  -14.523 1.00 173.36 ? 13  DC  C C5    1 
ATOM   259  C C6    . DC  A 1 13 ? -7.778  20.976  -15.344 1.00 182.99 ? 13  DC  C C6    1 
ATOM   260  P P     . DG  A 1 14 ? -5.229  17.860  -20.224 1.00 231.69 ? 14  DG  C P     1 
ATOM   261  O OP1   . DG  A 1 14 ? -5.894  16.705  -19.577 1.00 211.83 ? 14  DG  C OP1   1 
ATOM   262  O OP2   . DG  A 1 14 ? -4.020  17.632  -21.060 1.00 207.83 ? 14  DG  C OP2   1 
ATOM   263  O "O5'" . DG  A 1 14 ? -6.305  18.593  -21.139 1.00 228.47 ? 14  DG  C "O5'" 1 
ATOM   264  C "C5'" . DG  A 1 14 ? -6.702  18.008  -22.394 1.00 217.28 ? 14  DG  C "C5'" 1 
ATOM   265  C "C4'" . DG  A 1 14 ? -8.206  18.026  -22.536 1.00 211.29 ? 14  DG  C "C4'" 1 
ATOM   266  O "O4'" . DG  A 1 14 ? -8.816  18.591  -21.348 1.00 211.70 ? 14  DG  C "O4'" 1 
ATOM   267  C "C3'" . DG  A 1 14 ? -8.718  18.862  -23.706 1.00 214.84 ? 14  DG  C "C3'" 1 
ATOM   268  O "O3'" . DG  A 1 14 ? -9.837  18.221  -24.318 1.00 229.10 ? 14  DG  C "O3'" 1 
ATOM   269  C "C2'" . DG  A 1 14 ? -9.160  20.153  -23.046 1.00 217.53 ? 14  DG  C "C2'" 1 
ATOM   270  C "C1'" . DG  A 1 14 ? -9.676  19.659  -21.712 1.00 209.98 ? 14  DG  C "C1'" 1 
ATOM   271  N N9    . DG  A 1 14 ? -9.636  20.657  -20.649 1.00 195.81 ? 14  DG  C N9    1 
ATOM   272  C C8    . DG  A 1 14 ? -8.535  21.361  -20.226 1.00 187.74 ? 14  DG  C C8    1 
ATOM   273  N N7    . DG  A 1 14 ? -8.802  22.195  -19.260 1.00 194.09 ? 14  DG  C N7    1 
ATOM   274  C C5    . DG  A 1 14 ? -10.165 22.047  -19.041 1.00 197.70 ? 14  DG  C C5    1 
ATOM   275  C C6    . DG  A 1 14 ? -11.024 22.697  -18.117 1.00 206.78 ? 14  DG  C C6    1 
ATOM   276  O O6    . DG  A 1 14 ? -10.743 23.561  -17.278 1.00 227.45 ? 14  DG  C O6    1 
ATOM   277  N N1    . DG  A 1 14 ? -12.336 22.248  -18.236 1.00 211.67 ? 14  DG  C N1    1 
ATOM   278  C C2    . DG  A 1 14 ? -12.770 21.304  -19.135 1.00 210.89 ? 14  DG  C C2    1 
ATOM   279  N N2    . DG  A 1 14 ? -14.078 21.003  -19.094 1.00 218.46 ? 14  DG  C N2    1 
ATOM   280  N N3    . DG  A 1 14 ? -11.977 20.686  -19.997 1.00 204.13 ? 14  DG  C N3    1 
ATOM   281  C C4    . DG  A 1 14 ? -10.697 21.105  -19.897 1.00 194.37 ? 14  DG  C C4    1 
ATOM   282  P P     . DA  A 1 15 ? -10.422 18.781  -25.697 1.00 246.29 ? 15  DA  C P     1 
ATOM   283  O OP1   . DA  A 1 15 ? -10.534 17.641  -26.637 1.00 262.69 ? 15  DA  C OP1   1 
ATOM   284  O OP2   . DA  A 1 15 ? -9.644  19.986  -26.082 1.00 251.28 ? 15  DA  C OP2   1 
ATOM   285  O "O5'" . DA  A 1 15 ? -11.894 19.254  -25.314 1.00 221.52 ? 15  DA  C "O5'" 1 
ATOM   286  C "C5'" . DA  A 1 15 ? -12.759 19.859  -26.299 1.00 213.90 ? 15  DA  C "C5'" 1 
ATOM   287  C "C4'" . DA  A 1 15 ? -13.845 20.647  -25.605 1.00 218.23 ? 15  DA  C "C4'" 1 
ATOM   288  O "O4'" . DA  A 1 15 ? -13.340 21.083  -24.318 1.00 213.08 ? 15  DA  C "O4'" 1 
ATOM   289  C "C3'" . DA  A 1 15 ? -14.305 21.912  -26.339 1.00 224.42 ? 15  DA  C "C3'" 1 
ATOM   290  O "O3'" . DA  A 1 15 ? -15.725 22.105  -26.253 1.00 234.83 ? 15  DA  C "O3'" 1 
ATOM   291  C "C2'" . DA  A 1 15 ? -13.602 23.023  -25.585 1.00 234.41 ? 15  DA  C "C2'" 1 
ATOM   292  C "C1'" . DA  A 1 15 ? -13.571 22.469  -24.174 1.00 230.21 ? 15  DA  C "C1'" 1 
ATOM   293  N N9    . DA  A 1 15 ? -12.505 23.032  -23.350 1.00 231.33 ? 15  DA  C N9    1 
ATOM   294  C C8    . DA  A 1 15 ? -11.149 22.996  -23.568 1.00 225.21 ? 15  DA  C C8    1 
ATOM   295  N N7    . DA  A 1 15 ? -10.451 23.641  -22.664 1.00 214.87 ? 15  DA  C N7    1 
ATOM   296  C C5    . DA  A 1 15 ? -11.413 24.151  -21.804 1.00 228.50 ? 15  DA  C C5    1 
ATOM   297  C C6    . DA  A 1 15 ? -11.321 24.932  -20.639 1.00 227.30 ? 15  DA  C C6    1 
ATOM   298  N N6    . DA  A 1 15 ? -10.166 25.352  -20.119 1.00 222.91 ? 15  DA  C N6    1 
ATOM   299  N N1    . DA  A 1 15 ? -12.473 25.281  -20.024 1.00 222.39 ? 15  DA  C N1    1 
ATOM   300  C C2    . DA  A 1 15 ? -13.633 24.852  -20.541 1.00 216.36 ? 15  DA  C C2    1 
ATOM   301  N N3    . DA  A 1 15 ? -13.846 24.114  -21.628 1.00 217.41 ? 15  DA  C N3    1 
ATOM   302  C C4    . DA  A 1 15 ? -12.683 23.794  -22.221 1.00 230.87 ? 15  DA  C C4    1 
ATOM   303  P P     . DT  A 1 16 ? -16.462 23.202  -27.179 1.00 254.12 ? 16  DT  C P     1 
ATOM   304  O OP1   . DT  A 1 16 ? -17.457 22.494  -28.023 1.00 264.85 ? 16  DT  C OP1   1 
ATOM   305  O OP2   . DT  A 1 16 ? -15.419 24.033  -27.831 1.00 270.61 ? 16  DT  C OP2   1 
ATOM   306  O "O5'" . DT  A 1 16 ? -17.264 24.110  -26.138 1.00 235.43 ? 16  DT  C "O5'" 1 
ATOM   307  C "C5'" . DT  A 1 16 ? -18.265 25.062  -26.583 1.00 222.92 ? 16  DT  C "C5'" 1 
ATOM   308  C "C4'" . DT  A 1 16 ? -18.729 25.934  -25.437 1.00 224.51 ? 16  DT  C "C4'" 1 
ATOM   309  O "O4'" . DT  A 1 16 ? -17.676 26.021  -24.446 1.00 229.38 ? 16  DT  C "O4'" 1 
ATOM   310  C "C3'" . DT  A 1 16 ? -19.052 27.384  -25.808 1.00 230.97 ? 16  DT  C "C3'" 1 
ATOM   311  O "O3'" . DT  A 1 16 ? -20.064 27.857  -24.903 1.00 237.96 ? 16  DT  C "O3'" 1 
ATOM   312  C "C2'" . DT  A 1 16 ? -17.737 28.086  -25.533 1.00 238.46 ? 16  DT  C "C2'" 1 
ATOM   313  C "C1'" . DT  A 1 16 ? -17.318 27.382  -24.259 1.00 248.25 ? 16  DT  C "C1'" 1 
ATOM   314  N N1    . DT  A 1 16 ? -15.878 27.449  -23.954 1.00 263.11 ? 16  DT  C N1    1 
ATOM   315  C C2    . DT  A 1 16 ? -15.474 28.070  -22.790 1.00 255.26 ? 16  DT  C C2    1 
ATOM   316  O O2    . DT  A 1 16 ? -16.252 28.568  -21.990 1.00 210.76 ? 16  DT  C O2    1 
ATOM   317  N N3    . DT  A 1 16 ? -14.113 28.110  -22.608 1.00 258.94 ? 16  DT  C N3    1 
ATOM   318  C C4    . DT  A 1 16 ? -13.143 27.576  -23.436 1.00 275.24 ? 16  DT  C C4    1 
ATOM   319  O O4    . DT  A 1 16 ? -11.957 27.676  -23.132 1.00 266.21 ? 16  DT  C O4    1 
ATOM   320  C C5    . DT  A 1 16 ? -13.637 26.948  -24.641 1.00 266.52 ? 16  DT  C C5    1 
ATOM   321  C C7    . DT  A 1 16 ? -12.657 26.360  -25.608 1.00 253.64 ? 16  DT  C C7    1 
ATOM   322  C C6    . DT  A 1 16 ? -14.961 26.918  -24.838 1.00 265.80 ? 16  DT  C C6    1 
ATOM   323  P P     . DC  A 1 17 ? -20.354 29.436  -24.702 1.00 228.66 ? 17  DC  C P     1 
ATOM   324  O OP1   . DC  A 1 17 ? -21.723 29.568  -24.152 1.00 237.30 ? 17  DC  C OP1   1 
ATOM   325  O OP2   . DC  A 1 17 ? -20.016 30.127  -25.969 1.00 254.85 ? 17  DC  C OP2   1 
ATOM   326  O "O5'" . DC  A 1 17 ? -19.311 29.891  -23.581 1.00 190.72 ? 17  DC  C "O5'" 1 
ATOM   327  C "C5'" . DC  A 1 17 ? -19.643 30.905  -22.608 1.00 189.56 ? 17  DC  C "C5'" 1 
ATOM   328  C "C4'" . DC  A 1 17 ? -18.589 31.989  -22.534 1.00 220.09 ? 17  DC  C "C4'" 1 
ATOM   329  O "O4'" . DC  A 1 17 ? -17.305 31.528  -23.023 1.00 238.90 ? 17  DC  C "O4'" 1 
ATOM   330  C "C3'" . DC  A 1 17 ? -18.887 33.290  -23.294 1.00 235.62 ? 17  DC  C "C3'" 1 
ATOM   331  O "O3'" . DC  A 1 17 ? -18.521 34.443  -22.526 1.00 250.78 ? 17  DC  C "O3'" 1 
ATOM   332  C "C2'" . DC  A 1 17 ? -17.952 33.237  -24.485 1.00 236.37 ? 17  DC  C "C2'" 1 
ATOM   333  C "C1'" . DC  A 1 17 ? -16.759 32.519  -23.884 1.00 240.90 ? 17  DC  C "C1'" 1 
ATOM   334  N N1    . DC  A 1 17 ? -15.824 31.855  -24.812 1.00 236.01 ? 17  DC  C N1    1 
ATOM   335  C C2    . DC  A 1 17 ? -14.452 31.904  -24.532 1.00 241.72 ? 17  DC  C C2    1 
ATOM   336  O O2    . DC  A 1 17 ? -14.065 32.513  -23.525 1.00 242.94 ? 17  DC  C O2    1 
ATOM   337  N N3    . DC  A 1 17 ? -13.586 31.290  -25.371 1.00 241.31 ? 17  DC  C N3    1 
ATOM   338  C C4    . DC  A 1 17 ? -14.042 30.639  -26.443 1.00 228.84 ? 17  DC  C C4    1 
ATOM   339  N N4    . DC  A 1 17 ? -13.152 30.045  -27.239 1.00 238.50 ? 17  DC  C N4    1 
ATOM   340  C C5    . DC  A 1 17 ? -15.433 30.571  -26.748 1.00 216.12 ? 17  DC  C C5    1 
ATOM   341  C C6    . DC  A 1 17 ? -16.280 31.190  -25.917 1.00 217.61 ? 17  DC  C C6    1 
ATOM   342  P P     . DT  A 1 18 ? -19.629 35.290  -21.736 1.00 284.24 ? 18  DT  C P     1 
ATOM   343  O OP1   . DT  A 1 18 ? -19.079 35.615  -20.395 1.00 301.50 ? 18  DT  C OP1   1 
ATOM   344  O OP2   . DT  A 1 18 ? -20.928 34.577  -21.835 1.00 290.28 ? 18  DT  C OP2   1 
ATOM   345  O "O5'" . DT  A 1 18 ? -19.728 36.630  -22.589 1.00 259.31 ? 18  DT  C "O5'" 1 
ATOM   346  C "C5'" . DT  A 1 18 ? -19.676 37.923  -21.957 1.00 237.54 ? 18  DT  C "C5'" 1 
ATOM   347  C "C4'" . DT  A 1 18 ? -18.249 38.297  -21.620 1.00 230.98 ? 18  DT  C "C4'" 1 
ATOM   348  O "O4'" . DT  A 1 18 ? -17.307 37.530  -22.401 1.00 229.06 ? 18  DT  C "O4'" 1 
ATOM   349  C "C3'" . DT  A 1 18 ? -17.893 39.761  -21.880 1.00 222.23 ? 18  DT  C "C3'" 1 
ATOM   350  O "O3'" . DT  A 1 18 ? -17.999 40.509  -20.667 1.00 215.96 ? 18  DT  C "O3'" 1 
ATOM   351  C "C2'" . DT  A 1 18 ? -16.465 39.717  -22.411 1.00 216.21 ? 18  DT  C "C2'" 1 
ATOM   352  C "C1'" . DT  A 1 18 ? -16.083 38.240  -22.393 1.00 215.92 ? 18  DT  C "C1'" 1 
ATOM   353  N N1    . DT  A 1 18 ? -15.253 37.774  -23.536 1.00 207.84 ? 18  DT  C N1    1 
ATOM   354  C C2    . DT  A 1 18 ? -14.032 38.384  -23.731 1.00 192.99 ? 18  DT  C C2    1 
ATOM   355  O O2    . DT  A 1 18 ? -13.620 39.295  -23.031 1.00 175.30 ? 18  DT  C O2    1 
ATOM   356  N N3    . DT  A 1 18 ? -13.307 37.890  -24.787 1.00 189.06 ? 18  DT  C N3    1 
ATOM   357  C C4    . DT  A 1 18 ? -13.667 36.865  -25.641 1.00 195.93 ? 18  DT  C C4    1 
ATOM   358  O O4    . DT  A 1 18 ? -12.908 36.526  -26.544 1.00 195.26 ? 18  DT  C O4    1 
ATOM   359  C C5    . DT  A 1 18 ? -14.956 36.264  -25.375 1.00 198.59 ? 18  DT  C C5    1 
ATOM   360  C C7    . DT  A 1 18 ? -15.431 35.146  -26.248 1.00 193.58 ? 18  DT  C C7    1 
ATOM   361  C C6    . DT  A 1 18 ? -15.673 36.738  -24.346 1.00 200.98 ? 18  DT  C C6    1 
ATOM   362  P P     . DA  B 2 1  ? -3.373  33.899  -28.826 1.00 243.03 ? 2   DA  F P     1 
ATOM   363  O OP1   . DA  B 2 1  ? -2.761  33.040  -29.870 1.00 242.74 ? 2   DA  F OP1   1 
ATOM   364  O OP2   . DA  B 2 1  ? -4.718  34.504  -29.062 1.00 201.40 ? 2   DA  F OP2   1 
ATOM   365  O "O5'" . DA  B 2 1  ? -3.339  33.061  -27.470 1.00 232.95 ? 2   DA  F "O5'" 1 
ATOM   366  C "C5'" . DA  B 2 1  ? -2.888  33.651  -26.238 1.00 228.87 ? 2   DA  F "C5'" 1 
ATOM   367  C "C4'" . DA  B 2 1  ? -4.062  34.107  -25.398 1.00 254.66 ? 2   DA  F "C4'" 1 
ATOM   368  O "O4'" . DA  B 2 1  ? -5.164  34.557  -26.228 1.00 267.03 ? 2   DA  F "O4'" 1 
ATOM   369  C "C3'" . DA  B 2 1  ? -4.649  33.056  -24.452 1.00 271.74 ? 2   DA  F "C3'" 1 
ATOM   370  O "O3'" . DA  B 2 1  ? -4.950  33.632  -23.174 1.00 284.10 ? 2   DA  F "O3'" 1 
ATOM   371  C "C2'" . DA  B 2 1  ? -5.924  32.622  -25.154 1.00 265.37 ? 2   DA  F "C2'" 1 
ATOM   372  C "C1'" . DA  B 2 1  ? -6.363  33.914  -25.816 1.00 262.23 ? 2   DA  F "C1'" 1 
ATOM   373  N N9    . DA  B 2 1  ? -7.239  33.784  -26.982 1.00 253.06 ? 2   DA  F N9    1 
ATOM   374  C C8    . DA  B 2 1  ? -7.161  32.864  -27.999 1.00 254.75 ? 2   DA  F C8    1 
ATOM   375  N N7    . DA  B 2 1  ? -8.095  33.001  -28.908 1.00 246.65 ? 2   DA  F N7    1 
ATOM   376  C C5    . DA  B 2 1  ? -8.843  34.078  -28.458 1.00 230.31 ? 2   DA  F C5    1 
ATOM   377  C C6    . DA  B 2 1  ? -9.982  34.721  -28.976 1.00 212.98 ? 2   DA  F C6    1 
ATOM   378  N N6    . DA  B 2 1  ? -10.585 34.355  -30.108 1.00 189.98 ? 2   DA  F N6    1 
ATOM   379  N N1    . DA  B 2 1  ? -10.482 35.768  -28.283 1.00 227.21 ? 2   DA  F N1    1 
ATOM   380  C C2    . DA  B 2 1  ? -9.869  36.139  -27.150 1.00 231.73 ? 2   DA  F C2    1 
ATOM   381  N N3    . DA  B 2 1  ? -8.800  35.608  -26.559 1.00 239.28 ? 2   DA  F N3    1 
ATOM   382  C C4    . DA  B 2 1  ? -8.328  34.571  -27.272 1.00 242.29 ? 2   DA  F C4    1 
ATOM   383  P P     . DG  B 2 2  ? -3.868  33.586  -21.987 1.00 279.23 ? 3   DG  F P     1 
ATOM   384  O OP1   . DG  B 2 2  ? -2.647  34.287  -22.452 1.00 278.56 ? 3   DG  F OP1   1 
ATOM   385  O OP2   . DG  B 2 2  ? -3.760  32.182  -21.514 1.00 289.98 ? 3   DG  F OP2   1 
ATOM   386  O "O5'" . DG  B 2 2  ? -4.550  34.425  -20.815 1.00 258.17 ? 3   DG  F "O5'" 1 
ATOM   387  C "C5'" . DG  B 2 2  ? -5.353  35.603  -21.053 1.00 245.04 ? 3   DG  F "C5'" 1 
ATOM   388  C "C4'" . DG  B 2 2  ? -6.707  35.472  -20.389 1.00 258.13 ? 3   DG  F "C4'" 1 
ATOM   389  O "O4'" . DG  B 2 2  ? -7.640  34.803  -21.277 1.00 274.43 ? 3   DG  F "O4'" 1 
ATOM   390  C "C3'" . DG  B 2 2  ? -6.728  34.672  -19.085 1.00 264.14 ? 3   DG  F "C3'" 1 
ATOM   391  O "O3'" . DG  B 2 2  ? -7.622  35.276  -18.143 1.00 269.26 ? 3   DG  F "O3'" 1 
ATOM   392  C "C2'" . DG  B 2 2  ? -7.240  33.311  -19.520 1.00 268.48 ? 3   DG  F "C2'" 1 
ATOM   393  C "C1'" . DG  B 2 2  ? -8.221  33.683  -20.620 1.00 271.26 ? 3   DG  F "C1'" 1 
ATOM   394  N N9    . DG  B 2 2  ? -8.493  32.657  -21.627 1.00 264.98 ? 3   DG  F N9    1 
ATOM   395  C C8    . DG  B 2 2  ? -8.048  31.356  -21.629 1.00 251.49 ? 3   DG  F C8    1 
ATOM   396  N N7    . DG  B 2 2  ? -8.460  30.674  -22.663 1.00 238.98 ? 3   DG  F N7    1 
ATOM   397  C C5    . DG  B 2 2  ? -9.230  31.575  -23.385 1.00 238.94 ? 3   DG  F C5    1 
ATOM   398  C C6    . DG  B 2 2  ? -9.936  31.409  -24.606 1.00 233.67 ? 3   DG  F C6    1 
ATOM   399  O O6    . DG  B 2 2  ? -10.028 30.398  -25.310 1.00 210.05 ? 3   DG  F O6    1 
ATOM   400  N N1    . DG  B 2 2  ? -10.584 32.581  -24.987 1.00 256.72 ? 3   DG  F N1    1 
ATOM   401  C C2    . DG  B 2 2  ? -10.557 33.761  -24.286 1.00 272.64 ? 3   DG  F C2    1 
ATOM   402  N N2    . DG  B 2 2  ? -11.251 34.782  -24.815 1.00 273.91 ? 3   DG  F N2    1 
ATOM   403  N N3    . DG  B 2 2  ? -9.901  33.930  -23.147 1.00 275.82 ? 3   DG  F N3    1 
ATOM   404  C C4    . DG  B 2 2  ? -9.264  32.803  -22.759 1.00 257.98 ? 3   DG  F C4    1 
ATOM   405  P P     . DA  B 2 3  ? -7.576  34.855  -16.593 1.00 270.98 ? 4   DA  F P     1 
ATOM   406  O OP1   . DA  B 2 3  ? -7.390  36.089  -15.786 1.00 269.63 ? 4   DA  F OP1   1 
ATOM   407  O OP2   . DA  B 2 3  ? -6.614  33.731  -16.449 1.00 281.13 ? 4   DA  F OP2   1 
ATOM   408  O "O5'" . DA  B 2 3  ? -9.040  34.282  -16.330 1.00 255.18 ? 4   DA  F "O5'" 1 
ATOM   409  C "C5'" . DA  B 2 3  ? -9.943  34.867  -15.365 1.00 227.95 ? 4   DA  F "C5'" 1 
ATOM   410  C "C4'" . DA  B 2 3  ? -11.361 34.441  -15.671 1.00 232.63 ? 4   DA  F "C4'" 1 
ATOM   411  O "O4'" . DA  B 2 3  ? -11.410 33.864  -17.004 1.00 239.52 ? 4   DA  F "O4'" 1 
ATOM   412  C "C3'" . DA  B 2 3  ? -11.951 33.381  -14.737 1.00 237.26 ? 4   DA  F "C3'" 1 
ATOM   413  O "O3'" . DA  B 2 3  ? -13.332 33.713  -14.501 1.00 255.00 ? 4   DA  F "O3'" 1 
ATOM   414  C "C2'" . DA  B 2 3  ? -11.707 32.094  -15.504 1.00 242.42 ? 4   DA  F "C2'" 1 
ATOM   415  C "C1'" . DA  B 2 3  ? -11.928 32.546  -16.933 1.00 232.18 ? 4   DA  F "C1'" 1 
ATOM   416  N N9    . DA  B 2 3  ? -11.247 31.724  -17.931 1.00 226.76 ? 4   DA  F N9    1 
ATOM   417  C C8    . DA  B 2 3  ? -9.927  31.351  -17.975 1.00 221.43 ? 4   DA  F C8    1 
ATOM   418  N N7    . DA  B 2 3  ? -9.630  30.574  -18.989 1.00 214.14 ? 4   DA  F N7    1 
ATOM   419  C C5    . DA  B 2 3  ? -10.840 30.414  -19.650 1.00 221.33 ? 4   DA  F C5    1 
ATOM   420  C C6    . DA  B 2 3  ? -11.198 29.704  -20.809 1.00 218.23 ? 4   DA  F C6    1 
ATOM   421  N N6    . DA  B 2 3  ? -10.337 28.986  -21.532 1.00 221.44 ? 4   DA  F N6    1 
ATOM   422  N N1    . DA  B 2 3  ? -12.495 29.732  -21.187 1.00 227.85 ? 4   DA  F N1    1 
ATOM   423  C C2    . DA  B 2 3  ? -13.358 30.465  -20.468 1.00 224.12 ? 4   DA  F C2    1 
ATOM   424  N N3    . DA  B 2 3  ? -13.140 31.175  -19.362 1.00 220.67 ? 4   DA  F N3    1 
ATOM   425  C C4    . DA  B 2 3  ? -11.847 31.108  -19.003 1.00 223.46 ? 4   DA  F C4    1 
ATOM   426  P P     . DT  B 2 4  ? -14.445 32.588  -14.162 1.00 266.24 ? 5   DT  F P     1 
ATOM   427  O OP1   . DT  B 2 4  ? -15.652 33.287  -13.658 1.00 255.56 ? 5   DT  F OP1   1 
ATOM   428  O OP2   . DT  B 2 4  ? -13.812 31.547  -13.307 1.00 261.15 ? 5   DT  F OP2   1 
ATOM   429  O "O5'" . DT  B 2 4  ? -14.765 31.962  -15.595 1.00 245.95 ? 5   DT  F "O5'" 1 
ATOM   430  C "C5'" . DT  B 2 4  ? -16.004 32.192  -16.296 1.00 234.39 ? 5   DT  F "C5'" 1 
ATOM   431  C "C4'" . DT  B 2 4  ? -16.733 30.880  -16.474 1.00 242.10 ? 5   DT  F "C4'" 1 
ATOM   432  O "O4'" . DT  B 2 4  ? -15.896 29.980  -17.242 1.00 255.47 ? 5   DT  F "O4'" 1 
ATOM   433  C "C3'" . DT  B 2 4  ? -17.069 30.148  -15.169 1.00 243.51 ? 5   DT  F "C3'" 1 
ATOM   434  O "O3'" . DT  B 2 4  ? -18.439 29.701  -15.185 1.00 252.26 ? 5   DT  F "O3'" 1 
ATOM   435  C "C2'" . DT  B 2 4  ? -15.964 29.108  -15.058 1.00 244.34 ? 5   DT  F "C2'" 1 
ATOM   436  C "C1'" . DT  B 2 4  ? -15.666 28.780  -16.516 1.00 251.90 ? 5   DT  F "C1'" 1 
ATOM   437  N N1    . DT  B 2 4  ? -14.295 28.297  -16.846 1.00 247.46 ? 5   DT  F N1    1 
ATOM   438  C C2    . DT  B 2 4  ? -14.145 27.519  -17.975 1.00 227.48 ? 5   DT  F C2    1 
ATOM   439  O O2    . DT  B 2 4  ? -15.075 27.208  -18.703 1.00 202.32 ? 5   DT  F O2    1 
ATOM   440  N N3    . DT  B 2 4  ? -12.857 27.102  -18.216 1.00 216.45 ? 5   DT  F N3    1 
ATOM   441  C C4    . DT  B 2 4  ? -11.730 27.398  -17.473 1.00 214.04 ? 5   DT  F C4    1 
ATOM   442  O O4    . DT  B 2 4  ? -10.636 26.956  -17.817 1.00 210.34 ? 5   DT  F O4    1 
ATOM   443  C C5    . DT  B 2 4  ? -11.958 28.216  -16.303 1.00 217.15 ? 5   DT  F C5    1 
ATOM   444  C C7    . DT  B 2 4  ? -10.797 28.577  -15.430 1.00 196.91 ? 5   DT  F C7    1 
ATOM   445  C C6    . DT  B 2 4  ? -13.211 28.624  -16.055 1.00 239.39 ? 5   DT  F C6    1 
ATOM   446  P P     . DC  B 2 5  ? -18.949 28.515  -14.219 1.00 242.28 ? 6   DC  F P     1 
ATOM   447  O OP1   . DC  B 2 5  ? -20.437 28.554  -14.160 1.00 214.01 ? 6   DC  F OP1   1 
ATOM   448  O OP2   . DC  B 2 5  ? -18.156 28.552  -12.962 1.00 219.43 ? 6   DC  F OP2   1 
ATOM   449  O "O5'" . DC  B 2 5  ? -18.542 27.224  -15.048 1.00 246.08 ? 6   DC  F "O5'" 1 
ATOM   450  C "C5'" . DC  B 2 5  ? -19.107 26.964  -16.344 1.00 243.06 ? 6   DC  F "C5'" 1 
ATOM   451  C "C4'" . DC  B 2 5  ? -19.068 25.477  -16.588 1.00 237.28 ? 6   DC  F "C4'" 1 
ATOM   452  O "O4'" . DC  B 2 5  ? -17.694 25.055  -16.766 1.00 236.24 ? 6   DC  F "O4'" 1 
ATOM   453  C "C3'" . DC  B 2 5  ? -19.598 24.664  -15.410 1.00 229.54 ? 6   DC  F "C3'" 1 
ATOM   454  O "O3'" . DC  B 2 5  ? -20.200 23.480  -15.905 1.00 234.02 ? 6   DC  F "O3'" 1 
ATOM   455  C "C2'" . DC  B 2 5  ? -18.346 24.300  -14.640 1.00 232.92 ? 6   DC  F "C2'" 1 
ATOM   456  C "C1'" . DC  B 2 5  ? -17.355 24.095  -15.774 1.00 231.66 ? 6   DC  F "C1'" 1 
ATOM   457  N N1    . DC  B 2 5  ? -15.923 24.248  -15.462 1.00 225.30 ? 6   DC  F N1    1 
ATOM   458  C C2    . DC  B 2 5  ? -14.990 23.665  -16.331 1.00 229.80 ? 6   DC  F C2    1 
ATOM   459  O O2    . DC  B 2 5  ? -15.401 23.042  -17.323 1.00 216.25 ? 6   DC  F O2    1 
ATOM   460  N N3    . DC  B 2 5  ? -13.669 23.793  -16.065 1.00 238.60 ? 6   DC  F N3    1 
ATOM   461  C C4    . DC  B 2 5  ? -13.268 24.479  -14.991 1.00 243.32 ? 6   DC  F C4    1 
ATOM   462  N N4    . DC  B 2 5  ? -11.955 24.586  -14.772 1.00 243.17 ? 6   DC  F N4    1 
ATOM   463  C C5    . DC  B 2 5  ? -14.196 25.080  -14.090 1.00 229.58 ? 6   DC  F C5    1 
ATOM   464  C C6    . DC  B 2 5  ? -15.500 24.945  -14.362 1.00 219.17 ? 6   DC  F C6    1 
ATOM   465  P P     . DG  B 2 6  ? -21.318 22.775  -15.055 1.00 237.25 ? 7   DG  F P     1 
ATOM   466  O OP1   . DG  B 2 6  ? -22.446 23.734  -14.948 1.00 249.43 ? 7   DG  F OP1   1 
ATOM   467  O OP2   . DG  B 2 6  ? -20.690 22.285  -13.803 1.00 223.62 ? 7   DG  F OP2   1 
ATOM   468  O "O5'" . DG  B 2 6  ? -21.753 21.574  -16.018 1.00 231.11 ? 7   DG  F "O5'" 1 
ATOM   469  C "C5'" . DG  B 2 6  ? -21.350 20.197  -15.818 1.00 204.06 ? 7   DG  F "C5'" 1 
ATOM   470  C "C4'" . DG  B 2 6  ? -20.498 19.712  -16.970 1.00 201.83 ? 7   DG  F "C4'" 1 
ATOM   471  O "O4'" . DG  B 2 6  ? -19.220 20.388  -16.898 1.00 207.77 ? 7   DG  F "O4'" 1 
ATOM   472  C "C3'" . DG  B 2 6  ? -20.175 18.220  -16.915 1.00 204.26 ? 7   DG  F "C3'" 1 
ATOM   473  O "O3'" . DG  B 2 6  ? -19.993 17.638  -18.215 1.00 221.88 ? 7   DG  F "O3'" 1 
ATOM   474  C "C2'" . DG  B 2 6  ? -18.876 18.197  -16.140 1.00 206.31 ? 7   DG  F "C2'" 1 
ATOM   475  C "C1'" . DG  B 2 6  ? -18.186 19.454  -16.623 1.00 206.18 ? 7   DG  F "C1'" 1 
ATOM   476  N N9    . DG  B 2 6  ? -17.282 20.053  -15.642 1.00 222.23 ? 7   DG  F N9    1 
ATOM   477  C C8    . DG  B 2 6  ? -17.621 20.780  -14.524 1.00 223.23 ? 7   DG  F C8    1 
ATOM   478  N N7    . DG  B 2 6  ? -16.584 21.184  -13.842 1.00 206.61 ? 7   DG  F N7    1 
ATOM   479  C C5    . DG  B 2 6  ? -15.495 20.687  -14.545 1.00 212.82 ? 7   DG  F C5    1 
ATOM   480  C C6    . DG  B 2 6  ? -14.103 20.795  -14.285 1.00 205.41 ? 7   DG  F C6    1 
ATOM   481  O O6    . DG  B 2 6  ? -13.536 21.386  -13.357 1.00 205.49 ? 7   DG  F O6    1 
ATOM   482  N N1    . DG  B 2 6  ? -13.349 20.144  -15.258 1.00 206.17 ? 7   DG  F N1    1 
ATOM   483  C C2    . DG  B 2 6  ? -13.867 19.455  -16.330 1.00 214.09 ? 7   DG  F C2    1 
ATOM   484  N N2    . DG  B 2 6  ? -12.979 18.887  -17.159 1.00 211.52 ? 7   DG  F N2    1 
ATOM   485  N N3    . DG  B 2 6  ? -15.160 19.351  -16.585 1.00 215.97 ? 7   DG  F N3    1 
ATOM   486  C C4    . DG  B 2 6  ? -15.911 19.983  -15.657 1.00 223.08 ? 7   DG  F C4    1 
ATOM   487  P P     . DA  B 2 7  ? -20.150 16.034  -18.434 1.00 252.10 ? 8   DA  F P     1 
ATOM   488  O OP1   . DA  B 2 7  ? -19.421 15.664  -19.674 1.00 248.80 ? 8   DA  F OP1   1 
ATOM   489  O OP2   . DA  B 2 7  ? -21.589 15.686  -18.311 1.00 253.52 ? 8   DA  F OP2   1 
ATOM   490  O "O5'" . DA  B 2 7  ? -19.423 15.412  -17.158 1.00 240.89 ? 8   DA  F "O5'" 1 
ATOM   491  C "C5'" . DA  B 2 7  ? -18.688 14.172  -17.211 1.00 212.42 ? 8   DA  F "C5'" 1 
ATOM   492  C "C4'" . DA  B 2 7  ? -17.293 14.413  -17.738 1.00 191.10 ? 8   DA  F "C4'" 1 
ATOM   493  O "O4'" . DA  B 2 7  ? -16.674 15.529  -17.074 1.00 178.04 ? 8   DA  F "O4'" 1 
ATOM   494  C "C3'" . DA  B 2 7  ? -16.299 13.277  -17.561 1.00 180.24 ? 8   DA  F "C3'" 1 
ATOM   495  O "O3'" . DA  B 2 7  ? -16.513 12.361  -18.639 1.00 192.18 ? 8   DA  F "O3'" 1 
ATOM   496  C "C2'" . DA  B 2 7  ? -14.971 13.999  -17.697 1.00 183.83 ? 8   DA  F "C2'" 1 
ATOM   497  C "C1'" . DA  B 2 7  ? -15.268 15.428  -17.260 1.00 184.74 ? 8   DA  F "C1'" 1 
ATOM   498  N N9    . DA  B 2 7  ? -14.608 15.871  -16.036 1.00 181.66 ? 8   DA  F N9    1 
ATOM   499  C C8    . DA  B 2 7  ? -13.264 15.844  -15.748 1.00 180.90 ? 8   DA  F C8    1 
ATOM   500  N N7    . DA  B 2 7  ? -12.967 16.352  -14.577 1.00 188.38 ? 8   DA  F N7    1 
ATOM   501  C C5    . DA  B 2 7  ? -14.193 16.757  -14.067 1.00 199.28 ? 8   DA  F C5    1 
ATOM   502  C C6    . DA  B 2 7  ? -14.559 17.374  -12.857 1.00 197.40 ? 8   DA  F C6    1 
ATOM   503  N N6    . DA  B 2 7  ? -13.690 17.705  -11.904 1.00 183.66 ? 8   DA  F N6    1 
ATOM   504  N N1    . DA  B 2 7  ? -15.870 17.636  -12.656 1.00 189.67 ? 8   DA  F N1    1 
ATOM   505  C C2    . DA  B 2 7  ? -16.745 17.301  -13.612 1.00 174.86 ? 8   DA  F C2    1 
ATOM   506  N N3    . DA  B 2 7  ? -16.523 16.716  -14.789 1.00 168.54 ? 8   DA  F N3    1 
ATOM   507  C C4    . DA  B 2 7  ? -15.211 16.472  -14.959 1.00 186.97 ? 8   DA  F C4    1 
ATOM   508  P P     . DT  B 2 8  ? -15.666 11.008  -18.774 1.00 191.02 ? 9   DT  F P     1 
ATOM   509  O OP1   . DT  B 2 8  ? -15.061 10.984  -20.132 1.00 177.98 ? 9   DT  F OP1   1 
ATOM   510  O OP2   . DT  B 2 8  ? -16.532 9.883   -18.339 1.00 195.19 ? 9   DT  F OP2   1 
ATOM   511  O "O5'" . DT  B 2 8  ? -14.495 11.184  -17.711 1.00 204.06 ? 9   DT  F "O5'" 1 
ATOM   512  C "C5'" . DT  B 2 8  ? -13.149 11.411  -18.164 1.00 207.69 ? 9   DT  F "C5'" 1 
ATOM   513  C "C4'" . DT  B 2 8  ? -12.185 11.445  -17.002 1.00 192.99 ? 9   DT  F "C4'" 1 
ATOM   514  O "O4'" . DT  B 2 8  ? -12.499 12.478  -16.035 1.00 163.26 ? 9   DT  F "O4'" 1 
ATOM   515  C "C3'" . DT  B 2 8  ? -12.068 10.134  -16.221 1.00 171.27 ? 9   DT  F "C3'" 1 
ATOM   516  O "O3'" . DT  B 2 8  ? -10.761 9.592   -16.419 1.00 178.94 ? 9   DT  F "O3'" 1 
ATOM   517  C "C2'" . DT  B 2 8  ? -12.474 10.510  -14.803 1.00 145.48 ? 9   DT  F "C2'" 1 
ATOM   518  C "C1'" . DT  B 2 8  ? -12.179 11.993  -14.756 1.00 133.16 ? 9   DT  F "C1'" 1 
ATOM   519  N N1    . DT  B 2 8  ? -12.957 12.754  -13.771 1.00 130.90 ? 9   DT  F N1    1 
ATOM   520  C C2    . DT  B 2 8  ? -12.272 13.512  -12.847 1.00 150.32 ? 9   DT  F C2    1 
ATOM   521  O O2    . DT  B 2 8  ? -11.056 13.602  -12.830 1.00 190.26 ? 9   DT  F O2    1 
ATOM   522  N N3    . DT  B 2 8  ? -13.065 14.167  -11.938 1.00 147.81 ? 9   DT  F N3    1 
ATOM   523  C C4    . DT  B 2 8  ? -14.444 14.121  -11.850 1.00 160.02 ? 9   DT  F C4    1 
ATOM   524  O O4    . DT  B 2 8  ? -15.023 14.762  -10.976 1.00 164.09 ? 9   DT  F O4    1 
ATOM   525  C C5    . DT  B 2 8  ? -15.098 13.302  -12.849 1.00 161.11 ? 9   DT  F C5    1 
ATOM   526  C C7    . DT  B 2 8  ? -16.592 13.201  -12.839 1.00 176.01 ? 9   DT  F C7    1 
ATOM   527  C C6    . DT  B 2 8  ? -14.332 12.668  -13.747 1.00 132.77 ? 9   DT  F C6    1 
ATOM   528  P P     . DG  B 2 9  ? -10.318 8.279   -15.656 1.00 179.15 ? 10  DG  F P     1 
ATOM   529  O OP1   . DG  B 2 9  ? -9.167  7.696   -16.387 1.00 175.50 ? 10  DG  F OP1   1 
ATOM   530  O OP2   . DG  B 2 9  ? -11.522 7.452   -15.382 1.00 176.25 ? 10  DG  F OP2   1 
ATOM   531  O "O5'" . DG  B 2 9  ? -9.826  8.883   -14.277 1.00 167.70 ? 10  DG  F "O5'" 1 
ATOM   532  C "C5'" . DG  B 2 9  ? -8.760  9.837   -14.262 1.00 174.45 ? 10  DG  F "C5'" 1 
ATOM   533  C "C4'" . DG  B 2 9  ? -8.144  9.843   -12.885 1.00 171.46 ? 10  DG  F "C4'" 1 
ATOM   534  O "O4'" . DG  B 2 9  ? -8.923  10.749  -12.070 1.00 155.46 ? 10  DG  F "O4'" 1 
ATOM   535  C "C3'" . DG  B 2 9  ? -8.192  8.481   -12.184 1.00 163.76 ? 10  DG  F "C3'" 1 
ATOM   536  O "O3'" . DG  B 2 9  ? -7.015  8.181   -11.426 1.00 158.54 ? 10  DG  F "O3'" 1 
ATOM   537  C "C2'" . DG  B 2 9  ? -9.419  8.591   -11.302 1.00 155.73 ? 10  DG  F "C2'" 1 
ATOM   538  C "C1'" . DG  B 2 9  ? -9.404  10.061  -10.938 1.00 141.70 ? 10  DG  F "C1'" 1 
ATOM   539  N N9    . DG  B 2 9  ? -10.701 10.616  -10.589 1.00 115.96 ? 10  DG  F N9    1 
ATOM   540  C C8    . DG  B 2 9  ? -11.936 10.205  -11.027 1.00 114.54 ? 10  DG  F C8    1 
ATOM   541  N N7    . DG  B 2 9  ? -12.919 10.864  -10.476 1.00 115.89 ? 10  DG  F N7    1 
ATOM   542  C C5    . DG  B 2 9  ? -12.292 11.764  -9.624  1.00 110.75 ? 10  DG  F C5    1 
ATOM   543  C C6    . DG  B 2 9  ? -12.841 12.750  -8.768  1.00 114.90 ? 10  DG  F C6    1 
ATOM   544  O O6    . DG  B 2 9  ? -14.029 13.038  -8.588  1.00 128.25 ? 10  DG  F O6    1 
ATOM   545  N N1    . DG  B 2 9  ? -11.847 13.430  -8.068  1.00 111.08 ? 10  DG  F N1    1 
ATOM   546  C C2    . DG  B 2 9  ? -10.499 13.199  -8.189  1.00 116.87 ? 10  DG  F C2    1 
ATOM   547  N N2    . DG  B 2 9  ? -9.692  13.966  -7.439  1.00 121.14 ? 10  DG  F N2    1 
ATOM   548  N N3    . DG  B 2 9  ? -9.976  12.289  -8.995  1.00 108.44 ? 10  DG  F N3    1 
ATOM   549  C C4    . DG  B 2 9  ? -10.924 11.614  -9.675  1.00 105.58 ? 10  DG  F C4    1 
ATOM   550  P P     . DC  B 2 10 ? -6.806  6.709   -10.815 1.00 155.92 ? 11  DC  F P     1 
ATOM   551  O OP1   . DC  B 2 10 ? -5.524  6.163   -11.337 1.00 158.41 ? 11  DC  F OP1   1 
ATOM   552  O OP2   . DC  B 2 10 ? -8.062  5.932   -10.979 1.00 167.76 ? 11  DC  F OP2   1 
ATOM   553  O "O5'" . DC  B 2 10 ? -6.640  7.009   -9.269  1.00 120.08 ? 11  DC  F "O5'" 1 
ATOM   554  C "C5'" . DC  B 2 10 ? -5.422  7.590   -8.831  1.00 117.83 ? 11  DC  F "C5'" 1 
ATOM   555  C "C4'" . DC  B 2 10 ? -5.700  8.521   -7.680  1.00 120.51 ? 11  DC  F "C4'" 1 
ATOM   556  O "O4'" . DC  B 2 10 ? -6.846  9.351   -7.938  1.00 113.57 ? 11  DC  F "O4'" 1 
ATOM   557  C "C3'" . DC  B 2 10 ? -6.038  7.843   -6.366  1.00 126.13 ? 11  DC  F "C3'" 1 
ATOM   558  O "O3'" . DC  B 2 10 ? -4.845  7.125   -5.987  1.00 126.96 ? 11  DC  F "O3'" 1 
ATOM   559  C "C2'" . DC  B 2 10 ? -6.612  9.022   -5.590  1.00 117.65 ? 11  DC  F "C2'" 1 
ATOM   560  C "C1'" . DC  B 2 10 ? -7.325  9.841   -6.684  1.00 118.52 ? 11  DC  F "C1'" 1 
ATOM   561  N N1    . DC  B 2 10 ? -8.801  9.769   -6.712  1.00 130.30 ? 11  DC  F N1    1 
ATOM   562  C C2    . DC  B 2 10 ? -9.561  10.593  -5.858  1.00 127.10 ? 11  DC  F C2    1 
ATOM   563  O O2    . DC  B 2 10 ? -8.974  11.355  -5.070  1.00 123.72 ? 11  DC  F O2    1 
ATOM   564  N N3    . DC  B 2 10 ? -10.914 10.528  -5.912  1.00 117.36 ? 11  DC  F N3    1 
ATOM   565  C C4    . DC  B 2 10 ? -11.509 9.689   -6.767  1.00 126.24 ? 11  DC  F C4    1 
ATOM   566  N N4    . DC  B 2 10 ? -12.843 9.653   -6.787  1.00 128.67 ? 11  DC  F N4    1 
ATOM   567  C C5    . DC  B 2 10 ? -10.761 8.854   -7.650  1.00 131.85 ? 11  DC  F C5    1 
ATOM   568  C C6    . DC  B 2 10 ? -9.425  8.930   -7.594  1.00 129.96 ? 11  DC  F C6    1 
ATOM   569  P P     . DG  B 2 11 ? -4.678  6.422   -4.559  1.00 121.51 ? 12  DG  F P     1 
ATOM   570  O OP1   . DG  B 2 11 ? -3.219  6.206   -4.372  1.00 100.54 ? 12  DG  F OP1   1 
ATOM   571  O OP2   . DG  B 2 11 ? -5.633  5.269   -4.439  1.00 99.05  ? 12  DG  F OP2   1 
ATOM   572  O "O5'" . DG  B 2 11 ? -5.252  7.526   -3.568  1.00 104.81 ? 12  DG  F "O5'" 1 
ATOM   573  C "C5'" . DG  B 2 11 ? -4.411  8.503   -2.947  1.00 108.86 ? 12  DG  F "C5'" 1 
ATOM   574  C "C4'" . DG  B 2 11 ? -5.127  9.027   -1.727  1.00 125.81 ? 12  DG  F "C4'" 1 
ATOM   575  O "O4'" . DG  B 2 11 ? -6.490  9.356   -2.080  1.00 129.45 ? 12  DG  F "O4'" 1 
ATOM   576  C "C3'" . DG  B 2 11 ? -5.244  8.035   -0.569  1.00 135.97 ? 12  DG  F "C3'" 1 
ATOM   577  O "O3'" . DG  B 2 11 ? -5.199  8.752   0.669   1.00 132.88 ? 12  DG  F "O3'" 1 
ATOM   578  C "C2'" . DG  B 2 11 ? -6.608  7.412   -0.794  1.00 131.51 ? 12  DG  F "C2'" 1 
ATOM   579  C "C1'" . DG  B 2 11 ? -7.387  8.622   -1.260  1.00 122.77 ? 12  DG  F "C1'" 1 
ATOM   580  N N9    . DG  B 2 11 ? -8.560  8.318   -2.065  1.00 116.40 ? 12  DG  F N9    1 
ATOM   581  C C8    . DG  B 2 11 ? -8.608  7.513   -3.179  1.00 112.96 ? 12  DG  F C8    1 
ATOM   582  N N7    . DG  B 2 11 ? -9.799  7.447   -3.710  1.00 98.51  ? 12  DG  F N7    1 
ATOM   583  C C5    . DG  B 2 11 ? -10.580 8.260   -2.903  1.00 94.66  ? 12  DG  F C5    1 
ATOM   584  C C6    . DG  B 2 11 ? -11.952 8.580   -2.990  1.00 97.45  ? 12  DG  F C6    1 
ATOM   585  O O6    . DG  B 2 11 ? -12.777 8.197   -3.823  1.00 109.26 ? 12  DG  F O6    1 
ATOM   586  N N1    . DG  B 2 11 ? -12.345 9.438   -1.965  1.00 107.13 ? 12  DG  F N1    1 
ATOM   587  C C2    . DG  B 2 11 ? -11.517 9.920   -0.977  1.00 119.03 ? 12  DG  F C2    1 
ATOM   588  N N2    . DG  B 2 11 ? -12.082 10.743  -0.077  1.00 125.80 ? 12  DG  F N2    1 
ATOM   589  N N3    . DG  B 2 11 ? -10.225 9.639   -0.896  1.00 107.42 ? 12  DG  F N3    1 
ATOM   590  C C4    . DG  B 2 11 ? -9.829  8.808   -1.884  1.00 105.42 ? 12  DG  F C4    1 
ATOM   591  P P     . DG  B 2 12 ? -5.344  7.981   2.039   1.00 128.72 ? 13  DG  F P     1 
ATOM   592  O OP1   . DG  B 2 12 ? -4.589  8.743   3.073   1.00 107.39 ? 13  DG  F OP1   1 
ATOM   593  O OP2   . DG  B 2 12 ? -5.036  6.548   1.788   1.00 126.36 ? 13  DG  F OP2   1 
ATOM   594  O "O5'" . DG  B 2 12 ? -6.897  8.119   2.325   1.00 121.01 ? 13  DG  F "O5'" 1 
ATOM   595  C "C5'" . DG  B 2 12 ? -7.433  9.369   2.768   1.00 134.60 ? 13  DG  F "C5'" 1 
ATOM   596  C "C4'" . DG  B 2 12 ? -8.783  9.129   3.395   1.00 142.30 ? 13  DG  F "C4'" 1 
ATOM   597  O "O4'" . DG  B 2 12 ? -9.714  8.749   2.355   1.00 132.56 ? 13  DG  F "O4'" 1 
ATOM   598  C "C3'" . DG  B 2 12 ? -8.828  7.992   4.419   1.00 140.53 ? 13  DG  F "C3'" 1 
ATOM   599  O "O3'" . DG  B 2 12 ? -9.729  8.437   5.444   1.00 144.09 ? 13  DG  F "O3'" 1 
ATOM   600  C "C2'" . DG  B 2 12 ? -9.264  6.813   3.569   1.00 129.78 ? 13  DG  F "C2'" 1 
ATOM   601  C "C1'" . DG  B 2 12 ? -10.283 7.503   2.698   1.00 120.10 ? 13  DG  F "C1'" 1 
ATOM   602  N N9    . DG  B 2 12 ? -10.633 6.820   1.466   1.00 110.54 ? 13  DG  F N9    1 
ATOM   603  C C8    . DG  B 2 12 ? -9.869  5.961   0.713   1.00 108.66 ? 13  DG  F C8    1 
ATOM   604  N N7    . DG  B 2 12 ? -10.494 5.510   -0.340  1.00 97.98  ? 13  DG  F N7    1 
ATOM   605  C C5    . DG  B 2 12 ? -11.742 6.111   -0.280  1.00 101.51 ? 13  DG  F C5    1 
ATOM   606  C C6    . DG  B 2 12 ? -12.856 5.997   -1.144  1.00 101.67 ? 13  DG  F C6    1 
ATOM   607  O O6    . DG  B 2 12 ? -12.957 5.336   -2.185  1.00 99.82  ? 13  DG  F O6    1 
ATOM   608  N N1    . DG  B 2 12 ? -13.926 6.771   -0.703  1.00 110.29 ? 13  DG  F N1    1 
ATOM   609  C C2    . DG  B 2 12 ? -13.922 7.554   0.429   1.00 114.97 ? 13  DG  F C2    1 
ATOM   610  N N2    . DG  B 2 12 ? -15.048 8.232   0.694   1.00 133.73 ? 13  DG  F N2    1 
ATOM   611  N N3    . DG  B 2 12 ? -12.891 7.662   1.245   1.00 106.21 ? 13  DG  F N3    1 
ATOM   612  C C4    . DG  B 2 12 ? -11.843 6.920   0.832   1.00 108.11 ? 13  DG  F C4    1 
ATOM   613  P P     . DA  B 2 13 ? -10.501 7.423   6.416   1.00 143.75 ? 14  DA  F P     1 
ATOM   614  O OP1   . DA  B 2 13 ? -10.381 7.950   7.794   1.00 155.50 ? 14  DA  F OP1   1 
ATOM   615  O OP2   . DA  B 2 13 ? -10.098 6.026   6.115   1.00 141.69 ? 14  DA  F OP2   1 
ATOM   616  O "O5'" . DA  B 2 13 ? -12.011 7.609   5.975   1.00 147.07 ? 14  DA  F "O5'" 1 
ATOM   617  C "C5'" . DA  B 2 13 ? -12.626 8.907   6.014   1.00 158.40 ? 14  DA  F "C5'" 1 
ATOM   618  C "C4'" . DA  B 2 13 ? -14.109 8.740   5.799   1.00 150.40 ? 14  DA  F "C4'" 1 
ATOM   619  O "O4'" . DA  B 2 13 ? -14.299 8.082   4.522   1.00 138.19 ? 14  DA  F "O4'" 1 
ATOM   620  C "C3'" . DA  B 2 13 ? -14.775 7.844   6.846   1.00 151.42 ? 14  DA  F "C3'" 1 
ATOM   621  O "O3'" . DA  B 2 13 ? -16.037 8.380   7.269   1.00 169.64 ? 14  DA  F "O3'" 1 
ATOM   622  C "C2'" . DA  B 2 13 ? -14.803 6.484   6.170   1.00 138.15 ? 14  DA  F "C2'" 1 
ATOM   623  C "C1'" . DA  B 2 13 ? -14.926 6.825   4.697   1.00 123.15 ? 14  DA  F "C1'" 1 
ATOM   624  N N9    . DA  B 2 13 ? -14.269 5.868   3.810   1.00 110.71 ? 14  DA  F N9    1 
ATOM   625  C C8    . DA  B 2 13 ? -13.017 5.303   3.907   1.00 112.92 ? 14  DA  F C8    1 
ATOM   626  N N7    . DA  B 2 13 ? -12.744 4.453   2.946   1.00 96.53  ? 14  DA  F N7    1 
ATOM   627  C C5    . DA  B 2 13 ? -13.893 4.454   2.167   1.00 97.63  ? 14  DA  F C5    1 
ATOM   628  C C6    . DA  B 2 13 ? -14.237 3.767   0.991   1.00 98.82  ? 14  DA  F C6    1 
ATOM   629  N N6    . DA  B 2 13 ? -13.430 2.901   0.377   1.00 107.58 ? 14  DA  F N6    1 
ATOM   630  N N1    . DA  B 2 13 ? -15.452 4.012   0.452   1.00 104.16 ? 14  DA  F N1    1 
ATOM   631  C C2    . DA  B 2 13 ? -16.270 4.870   1.079   1.00 116.13 ? 14  DA  F C2    1 
ATOM   632  N N3    . DA  B 2 13 ? -16.062 5.571   2.194   1.00 104.39 ? 14  DA  F N3    1 
ATOM   633  C C4    . DA  B 2 13 ? -14.840 5.317   2.690   1.00 100.90 ? 14  DA  F C4    1 
ATOM   634  P P     . DA  B 2 14 ? -17.025 7.518   8.204   1.00 176.00 ? 15  DA  F P     1 
ATOM   635  O OP1   . DA  B 2 14 ? -17.919 8.461   8.916   1.00 206.70 ? 15  DA  F OP1   1 
ATOM   636  O OP2   . DA  B 2 14 ? -16.218 6.552   8.990   1.00 170.79 ? 15  DA  F OP2   1 
ATOM   637  O "O5'" . DA  B 2 14 ? -17.911 6.742   7.136   1.00 151.18 ? 15  DA  F "O5'" 1 
ATOM   638  C "C5'" . DA  B 2 14 ? -18.500 7.453   6.035   1.00 144.65 ? 15  DA  F "C5'" 1 
ATOM   639  C "C4'" . DA  B 2 14 ? -19.251 6.490   5.151   1.00 156.99 ? 15  DA  F "C4'" 1 
ATOM   640  O "O4'" . DA  B 2 14 ? -18.331 5.668   4.387   1.00 157.60 ? 15  DA  F "O4'" 1 
ATOM   641  C "C3'" . DA  B 2 14 ? -20.166 5.516   5.899   1.00 173.24 ? 15  DA  F "C3'" 1 
ATOM   642  O "O3'" . DA  B 2 14 ? -21.402 5.379   5.185   1.00 175.03 ? 15  DA  F "O3'" 1 
ATOM   643  C "C2'" . DA  B 2 14 ? -19.379 4.216   5.883   1.00 169.36 ? 15  DA  F "C2'" 1 
ATOM   644  C "C1'" . DA  B 2 14 ? -18.721 4.308   4.524   1.00 154.33 ? 15  DA  F "C1'" 1 
ATOM   645  N N9    . DA  B 2 14 ? -17.549 3.467   4.296   1.00 128.46 ? 15  DA  F N9    1 
ATOM   646  C C8    . DA  B 2 14 ? -16.445 3.309   5.092   1.00 125.93 ? 15  DA  F C8    1 
ATOM   647  N N7    . DA  B 2 14 ? -15.548 2.492   4.594   1.00 128.34 ? 15  DA  F N7    1 
ATOM   648  C C5    . DA  B 2 14 ? -16.101 2.082   3.390   1.00 121.91 ? 15  DA  F C5    1 
ATOM   649  C C6    . DA  B 2 14 ? -15.648 1.200   2.389   1.00 122.14 ? 15  DA  F C6    1 
ATOM   650  N N6    . DA  B 2 14 ? -14.476 0.568   2.435   1.00 132.34 ? 15  DA  F N6    1 
ATOM   651  N N1    . DA  B 2 14 ? -16.432 1.025   1.302   1.00 113.97 ? 15  DA  F N1    1 
ATOM   652  C C2    . DA  B 2 14 ? -17.610 1.659   1.256   1.00 126.26 ? 15  DA  F C2    1 
ATOM   653  N N3    . DA  B 2 14 ? -18.147 2.508   2.136   1.00 137.25 ? 15  DA  F N3    1 
ATOM   654  C C4    . DA  B 2 14 ? -17.334 2.673   3.194   1.00 125.94 ? 15  DA  F C4    1 
ATOM   655  P P     . DT  B 2 15 ? -22.777 5.120   5.956   1.00 168.97 ? 16  DT  F P     1 
ATOM   656  O OP1   . DT  B 2 15 ? -23.657 6.303   5.748   1.00 173.85 ? 16  DT  F OP1   1 
ATOM   657  O OP2   . DT  B 2 15 ? -22.464 4.648   7.337   1.00 172.13 ? 16  DT  F OP2   1 
ATOM   658  O "O5'" . DT  B 2 15 ? -23.380 3.878   5.172   1.00 130.03 ? 16  DT  F "O5'" 1 
ATOM   659  C "C5'" . DT  B 2 15 ? -22.815 2.592   5.389   1.00 131.07 ? 16  DT  F "C5'" 1 
ATOM   660  C "C4'" . DT  B 2 15 ? -22.410 2.006   4.061   1.00 143.41 ? 16  DT  F "C4'" 1 
ATOM   661  O "O4'" . DT  B 2 15 ? -20.975 1.815   3.989   1.00 156.94 ? 16  DT  F "O4'" 1 
ATOM   662  C "C3'" . DT  B 2 15 ? -23.046 0.646   3.770   1.00 165.26 ? 16  DT  F "C3'" 1 
ATOM   663  O "O3'" . DT  B 2 15 ? -23.873 0.624   2.610   1.00 178.42 ? 16  DT  F "O3'" 1 
ATOM   664  C "C2'" . DT  B 2 15 ? -21.876 -0.317  3.706   1.00 163.87 ? 16  DT  F "C2'" 1 
ATOM   665  C "C1'" . DT  B 2 15 ? -20.700 0.564   3.370   1.00 167.01 ? 16  DT  F "C1'" 1 
ATOM   666  N N1    . DT  B 2 15 ? -19.414 0.039   3.898   1.00 162.34 ? 16  DT  F N1    1 
ATOM   667  C C2    . DT  B 2 15 ? -18.666 -0.785  3.083   1.00 154.19 ? 16  DT  F C2    1 
ATOM   668  O O2    . DT  B 2 15 ? -18.995 -1.077  1.946   1.00 185.32 ? 16  DT  F O2    1 
ATOM   669  N N3    . DT  B 2 15 ? -17.496 -1.235  3.641   1.00 127.96 ? 16  DT  F N3    1 
ATOM   670  C C4    . DT  B 2 15 ? -17.029 -0.980  4.916   1.00 137.00 ? 16  DT  F C4    1 
ATOM   671  O O4    . DT  B 2 15 ? -15.960 -1.458  5.280   1.00 141.60 ? 16  DT  F O4    1 
ATOM   672  C C5    . DT  B 2 15 ? -17.872 -0.121  5.724   1.00 145.22 ? 16  DT  F C5    1 
ATOM   673  C C7    . DT  B 2 15 ? -17.443 0.221   7.116   1.00 149.25 ? 16  DT  F C7    1 
ATOM   674  C C6    . DT  B 2 15 ? -19.011 0.331   5.185   1.00 153.23 ? 16  DT  F C6    1 
ATOM   675  P P     . DG  B 2 16 ? -25.025 -0.461  2.523   1.00 177.81 ? 17  DG  F P     1 
ATOM   676  O OP1   . DG  B 2 16 ? -25.711 -0.308  1.209   1.00 172.48 ? 17  DG  F OP1   1 
ATOM   677  O OP2   . DG  B 2 16 ? -25.803 -0.374  3.796   1.00 175.36 ? 17  DG  F OP2   1 
ATOM   678  O "O5'" . DG  B 2 16 ? -24.208 -1.827  2.462   1.00 139.55 ? 17  DG  F "O5'" 1 
ATOM   679  C "C5'" . DG  B 2 16 ? -24.773 -3.010  1.884   1.00 139.93 ? 17  DG  F "C5'" 1 
ATOM   680  C "C4'" . DG  B 2 16 ? -23.908 -3.528  0.757   1.00 143.89 ? 17  DG  F "C4'" 1 
ATOM   681  O "O4'" . DG  B 2 16 ? -22.507 -3.219  0.982   1.00 150.45 ? 17  DG  F "O4'" 1 
ATOM   682  C "C3'" . DG  B 2 16 ? -23.977 -5.043  0.605   1.00 143.78 ? 17  DG  F "C3'" 1 
ATOM   683  O "O3'" . DG  B 2 16 ? -23.992 -5.352  -0.783  1.00 140.60 ? 17  DG  F "O3'" 1 
ATOM   684  C "C2'" . DG  B 2 16 ? -22.744 -5.525  1.356   1.00 151.94 ? 17  DG  F "C2'" 1 
ATOM   685  C "C1'" . DG  B 2 16 ? -21.735 -4.419  1.086   1.00 153.01 ? 17  DG  F "C1'" 1 
ATOM   686  N N9    . DG  B 2 16 ? -20.726 -4.212  2.131   1.00 149.75 ? 17  DG  F N9    1 
ATOM   687  C C8    . DG  B 2 16 ? -20.870 -3.410  3.236   1.00 148.35 ? 17  DG  F C8    1 
ATOM   688  N N7    . DG  B 2 16 ? -19.810 -3.389  3.998   1.00 144.39 ? 17  DG  F N7    1 
ATOM   689  C C5    . DG  B 2 16 ? -18.908 -4.225  3.357   1.00 140.51 ? 17  DG  F C5    1 
ATOM   690  C C6    . DG  B 2 16 ? -17.577 -4.587  3.710   1.00 135.17 ? 17  DG  F C6    1 
ATOM   691  O O6    . DG  B 2 16 ? -16.916 -4.232  4.695   1.00 127.56 ? 17  DG  F O6    1 
ATOM   692  N N1    . DG  B 2 16 ? -17.017 -5.453  2.778   1.00 129.24 ? 17  DG  F N1    1 
ATOM   693  C C2    . DG  B 2 16 ? -17.653 -5.918  1.652   1.00 147.04 ? 17  DG  F C2    1 
ATOM   694  N N2    . DG  B 2 16 ? -16.938 -6.746  0.872   1.00 150.13 ? 17  DG  F N2    1 
ATOM   695  N N3    . DG  B 2 16 ? -18.892 -5.585  1.307   1.00 136.90 ? 17  DG  F N3    1 
ATOM   696  C C4    . DG  B 2 16 ? -19.455 -4.741  2.199   1.00 137.33 ? 17  DG  F C4    1 
ATOM   697  P P     . DT  B 2 17 ? -24.025 -6.864  -1.233  1.00 171.44 ? 18  DT  F P     1 
ATOM   698  O OP1   . DT  B 2 17 ? -24.410 -6.917  -2.665  1.00 172.51 ? 18  DT  F OP1   1 
ATOM   699  O OP2   . DT  B 2 17 ? -24.815 -7.605  -0.221  1.00 197.26 ? 18  DT  F OP2   1 
ATOM   700  O "O5'" . DT  B 2 17 ? -22.493 -7.289  -1.129  1.00 174.43 ? 18  DT  F "O5'" 1 
ATOM   701  C "C5'" . DT  B 2 17 ? -21.990 -8.493  -1.734  1.00 169.50 ? 18  DT  F "C5'" 1 
ATOM   702  C "C4'" . DT  B 2 17 ? -21.492 -9.429  -0.660  1.00 162.50 ? 18  DT  F "C4'" 1 
ATOM   703  O "O4'" . DT  B 2 17 ? -20.733 -8.710  0.336   1.00 155.39 ? 18  DT  F "O4'" 1 
ATOM   704  C "C3'" . DT  B 2 17 ? -22.613 -10.138 0.107   1.00 175.50 ? 18  DT  F "C3'" 1 
ATOM   705  O "O3'" . DT  B 2 17 ? -22.834 -11.479 -0.337  1.00 164.51 ? 18  DT  F "O3'" 1 
ATOM   706  C "C2'" . DT  B 2 17 ? -22.183 -10.047 1.565   1.00 180.00 ? 18  DT  F "C2'" 1 
ATOM   707  C "C1'" . DT  B 2 17 ? -20.755 -9.534  1.484   1.00 155.88 ? 18  DT  F "C1'" 1 
ATOM   708  N N1    . DT  B 2 17 ? -20.215 -8.767  2.639   1.00 140.97 ? 18  DT  F N1    1 
ATOM   709  C C2    . DT  B 2 17 ? -18.918 -9.039  3.025   1.00 139.89 ? 18  DT  F C2    1 
ATOM   710  O O2    . DT  B 2 17 ? -18.204 -9.847  2.450   1.00 118.68 ? 18  DT  F O2    1 
ATOM   711  N N3    . DT  B 2 17 ? -18.480 -8.320  4.113   1.00 141.41 ? 18  DT  F N3    1 
ATOM   712  C C4    . DT  B 2 17 ? -19.193 -7.377  4.831   1.00 138.78 ? 18  DT  F C4    1 
ATOM   713  O O4    . DT  B 2 17 ? -18.668 -6.806  5.783   1.00 136.36 ? 18  DT  F O4    1 
ATOM   714  C C5    . DT  B 2 17 ? -20.546 -7.148  4.377   1.00 126.77 ? 18  DT  F C5    1 
ATOM   715  C C7    . DT  B 2 17 ? -21.393 -6.155  5.107   1.00 127.72 ? 18  DT  F C7    1 
ATOM   716  C C6    . DT  B 2 17 ? -20.985 -7.846  3.320   1.00 127.85 ? 18  DT  F C6    1 
ATOM   717  P P     . DG  B 2 18 ? -21.240 -12.729 -2.128  1.00 178.61 ? 19  DG  F P     1 
ATOM   718  O OP1   . DG  B 2 18 ? -21.931 -11.580 -2.779  1.00 174.01 ? 19  DG  F OP1   1 
ATOM   719  O OP2   . DG  B 2 18 ? -20.734 -13.860 -2.955  1.00 178.77 ? 19  DG  F OP2   1 
ATOM   720  O "O5'" . DG  B 2 18 ? -20.053 -12.215 -1.196  1.00 157.01 ? 19  DG  F "O5'" 1 
ATOM   721  C "C5'" . DG  B 2 18 ? -19.905 -12.688 0.155   1.00 161.15 ? 19  DG  F "C5'" 1 
ATOM   722  C "C4'" . DG  B 2 18 ? -19.004 -13.900 0.229   1.00 175.25 ? 19  DG  F "C4'" 1 
ATOM   723  O "O4'" . DG  B 2 18 ? -18.373 -13.932 1.525   1.00 170.17 ? 19  DG  F "O4'" 1 
ATOM   724  C "C3'" . DG  B 2 18 ? -19.732 -15.234 0.154   1.00 181.74 ? 19  DG  F "C3'" 1 
ATOM   725  O "O3'" . DG  B 2 18 ? -18.810 -16.257 -0.246  1.00 177.27 ? 19  DG  F "O3'" 1 
ATOM   726  C "C2'" . DG  B 2 18 ? -20.230 -15.415 1.580   1.00 188.88 ? 19  DG  F "C2'" 1 
ATOM   727  C "C1'" . DG  B 2 18 ? -19.269 -14.567 2.432   1.00 177.37 ? 19  DG  F "C1'" 1 
ATOM   728  N N9    . DG  B 2 18 ? -19.842 -13.529 3.296   1.00 162.13 ? 19  DG  F N9    1 
ATOM   729  C C8    . DG  B 2 18 ? -21.112 -12.998 3.290   1.00 136.60 ? 19  DG  F C8    1 
ATOM   730  N N7    . DG  B 2 18 ? -21.288 -12.075 4.199   1.00 114.52 ? 19  DG  F N7    1 
ATOM   731  C C5    . DG  B 2 18 ? -20.062 -11.993 4.845   1.00 127.30 ? 19  DG  F C5    1 
ATOM   732  C C6    . DG  B 2 18 ? -19.641 -11.167 5.921   1.00 119.70 ? 19  DG  F C6    1 
ATOM   733  O O6    . DG  B 2 18 ? -20.289 -10.309 6.533   1.00 124.57 ? 19  DG  F O6    1 
ATOM   734  N N1    . DG  B 2 18 ? -18.314 -11.410 6.265   1.00 119.63 ? 19  DG  F N1    1 
ATOM   735  C C2    . DG  B 2 18 ? -17.492 -12.325 5.648   1.00 135.02 ? 19  DG  F C2    1 
ATOM   736  N N2    . DG  B 2 18 ? -16.239 -12.413 6.117   1.00 139.20 ? 19  DG  F N2    1 
ATOM   737  N N3    . DG  B 2 18 ? -17.873 -13.102 4.648   1.00 142.94 ? 19  DG  F N3    1 
ATOM   738  C C4    . DG  B 2 18 ? -19.159 -12.885 4.300   1.00 150.43 ? 19  DG  F C4    1 
ATOM   739  N N     . ALA C 3 1  ? -7.531  -22.947 4.505   1.00 258.85 ? 31  ALA A N     1 
ATOM   740  C CA    . ALA C 3 1  ? -6.762  -22.628 5.742   1.00 247.67 ? 31  ALA A CA    1 
ATOM   741  C C     . ALA C 3 1  ? -5.241  -22.838 5.551   1.00 245.50 ? 31  ALA A C     1 
ATOM   742  O O     . ALA C 3 1  ? -4.609  -23.570 6.321   1.00 249.28 ? 31  ALA A O     1 
ATOM   743  C CB    . ALA C 3 1  ? -7.295  -23.452 6.919   1.00 234.17 ? 31  ALA A CB    1 
ATOM   744  N N     . GLU C 3 2  ? -4.663  -22.193 4.527   1.00 237.59 ? 32  GLU A N     1 
ATOM   745  C CA    . GLU C 3 2  ? -3.202  -22.212 4.299   1.00 230.74 ? 32  GLU A CA    1 
ATOM   746  C C     . GLU C 3 2  ? -2.686  -21.023 3.440   1.00 231.58 ? 32  GLU A C     1 
ATOM   747  O O     . GLU C 3 2  ? -2.604  -19.897 3.946   1.00 211.99 ? 32  GLU A O     1 
ATOM   748  C CB    . GLU C 3 2  ? -2.749  -23.590 3.760   1.00 228.62 ? 32  GLU A CB    1 
ATOM   749  C CG    . GLU C 3 2  ? -1.233  -23.799 3.685   1.00 227.45 ? 32  GLU A CG    1 
ATOM   750  C CD    . GLU C 3 2  ? -0.698  -23.898 2.264   1.00 230.93 ? 32  GLU A CD    1 
ATOM   751  O OE1   . GLU C 3 2  ? -1.179  -24.764 1.501   1.00 236.18 ? 32  GLU A OE1   1 
ATOM   752  O OE2   . GLU C 3 2  ? 0.212   -23.121 1.906   1.00 228.31 ? 32  GLU A OE2   1 
ATOM   753  N N     . GLY C 3 3  ? -2.382  -21.255 2.156   1.00 236.45 ? 33  GLY A N     1 
ATOM   754  C CA    . GLY C 3 3  ? -1.489  -20.379 1.379   1.00 237.71 ? 33  GLY A CA    1 
ATOM   755  C C     . GLY C 3 3  ? -2.145  -19.371 0.454   1.00 250.42 ? 33  GLY A C     1 
ATOM   756  O O     . GLY C 3 3  ? -1.457  -18.748 -0.365  1.00 227.53 ? 33  GLY A O     1 
ATOM   757  N N     . VAL C 3 4  ? -3.465  -19.210 0.586   1.00 271.54 ? 34  VAL A N     1 
ATOM   758  C CA    . VAL C 3 4  ? -4.234  -18.233 -0.192  1.00 274.11 ? 34  VAL A CA    1 
ATOM   759  C C     . VAL C 3 4  ? -3.982  -16.858 0.450   1.00 260.62 ? 34  VAL A C     1 
ATOM   760  O O     . VAL C 3 4  ? -4.377  -16.639 1.599   1.00 256.97 ? 34  VAL A O     1 
ATOM   761  C CB    . VAL C 3 4  ? -5.749  -18.604 -0.214  1.00 270.85 ? 34  VAL A CB    1 
ATOM   762  C CG1   . VAL C 3 4  ? -6.636  -17.400 -0.527  1.00 272.63 ? 34  VAL A CG1   1 
ATOM   763  C CG2   . VAL C 3 4  ? -6.007  -19.697 -1.244  1.00 259.36 ? 34  VAL A CG2   1 
ATOM   764  N N     . TRP C 3 5  ? -3.315  -15.962 -0.291  1.00 239.29 ? 35  TRP A N     1 
ATOM   765  C CA    . TRP C 3 5  ? -2.912  -14.609 0.174   1.00 237.39 ? 35  TRP A CA    1 
ATOM   766  C C     . TRP C 3 5  ? -1.646  -14.644 1.073   1.00 260.77 ? 35  TRP A C     1 
ATOM   767  O O     . TRP C 3 5  ? -1.474  -15.597 1.842   1.00 296.89 ? 35  TRP A O     1 
ATOM   768  C CB    . TRP C 3 5  ? -4.079  -13.878 0.863   1.00 219.61 ? 35  TRP A CB    1 
ATOM   769  C CG    . TRP C 3 5  ? -3.992  -12.422 0.696   1.00 190.17 ? 35  TRP A CG    1 
ATOM   770  C CD1   . TRP C 3 5  ? -4.526  -11.693 -0.316  1.00 161.63 ? 35  TRP A CD1   1 
ATOM   771  C CD2   . TRP C 3 5  ? -3.297  -11.499 1.544   1.00 173.03 ? 35  TRP A CD2   1 
ATOM   772  N NE1   . TRP C 3 5  ? -4.223  -10.376 -0.149  1.00 156.71 ? 35  TRP A NE1   1 
ATOM   773  C CE2   . TRP C 3 5  ? -3.464  -10.230 0.983   1.00 166.54 ? 35  TRP A CE2   1 
ATOM   774  C CE3   . TRP C 3 5  ? -2.550  -11.624 2.731   1.00 153.99 ? 35  TRP A CE3   1 
ATOM   775  C CZ2   . TRP C 3 5  ? -2.922  -9.090  1.555   1.00 156.04 ? 35  TRP A CZ2   1 
ATOM   776  C CZ3   . TRP C 3 5  ? -2.010  -10.476 3.307   1.00 147.19 ? 35  TRP A CZ3   1 
ATOM   777  C CH2   . TRP C 3 5  ? -2.203  -9.223  2.717   1.00 148.01 ? 35  TRP A CH2   1 
ATOM   778  N N     . SER C 3 6  ? -0.782  -13.612 0.986   1.00 243.28 ? 36  SER A N     1 
ATOM   779  C CA    . SER C 3 6  ? 0.633   -13.688 1.476   1.00 215.84 ? 36  SER A CA    1 
ATOM   780  C C     . SER C 3 6  ? 1.042   -12.872 2.743   1.00 188.31 ? 36  SER A C     1 
ATOM   781  O O     . SER C 3 6  ? 0.402   -11.857 3.059   1.00 139.63 ? 36  SER A O     1 
ATOM   782  C CB    . SER C 3 6  ? 1.580   -13.315 0.328   1.00 214.13 ? 36  SER A CB    1 
ATOM   783  O OG    . SER C 3 6  ? 2.904   -13.795 0.557   1.00 204.29 ? 36  SER A OG    1 
ATOM   784  N N     . PRO C 3 7  ? 2.110   -13.334 3.470   1.00 182.50 ? 37  PRO A N     1 
ATOM   785  C CA    . PRO C 3 7  ? 2.760   -12.598 4.550   1.00 173.32 ? 37  PRO A CA    1 
ATOM   786  C C     . PRO C 3 7  ? 4.212   -12.189 4.275   1.00 158.90 ? 37  PRO A C     1 
ATOM   787  O O     . PRO C 3 7  ? 4.849   -11.679 5.189   1.00 152.36 ? 37  PRO A O     1 
ATOM   788  C CB    . PRO C 3 7  ? 2.759   -13.624 5.681   1.00 176.22 ? 37  PRO A CB    1 
ATOM   789  C CG    . PRO C 3 7  ? 3.099   -14.881 4.961   1.00 183.74 ? 37  PRO A CG    1 
ATOM   790  C CD    . PRO C 3 7  ? 2.526   -14.751 3.557   1.00 186.97 ? 37  PRO A CD    1 
ATOM   791  N N     . ASP C 3 8  ? 4.753   -12.443 3.081   1.00 160.18 ? 38  ASP A N     1 
ATOM   792  C CA    . ASP C 3 8  ? 5.961   -11.720 2.630   1.00 181.66 ? 38  ASP A CA    1 
ATOM   793  C C     . ASP C 3 8  ? 5.525   -10.385 1.969   1.00 176.95 ? 38  ASP A C     1 
ATOM   794  O O     . ASP C 3 8  ? 6.145   -9.325  2.177   1.00 168.89 ? 38  ASP A O     1 
ATOM   795  C CB    . ASP C 3 8  ? 6.866   -12.588 1.726   1.00 190.08 ? 38  ASP A CB    1 
ATOM   796  C CG    . ASP C 3 8  ? 6.302   -12.791 0.324   1.00 208.28 ? 38  ASP A CG    1 
ATOM   797  O OD1   . ASP C 3 8  ? 5.863   -13.927 0.033   1.00 245.55 ? 38  ASP A OD1   1 
ATOM   798  O OD2   . ASP C 3 8  ? 6.298   -11.824 -0.480  1.00 188.26 ? 38  ASP A OD2   1 
ATOM   799  N N     . ILE C 3 9  ? 4.432   -10.437 1.209   1.00 152.85 ? 39  ILE A N     1 
ATOM   800  C CA    . ILE C 3 9  ? 3.777   -9.227  0.714   1.00 137.00 ? 39  ILE A CA    1 
ATOM   801  C C     . ILE C 3 9  ? 3.451   -8.254  1.849   1.00 134.22 ? 39  ILE A C     1 
ATOM   802  O O     . ILE C 3 9  ? 3.648   -7.055  1.700   1.00 143.68 ? 39  ILE A O     1 
ATOM   803  C CB    . ILE C 3 9  ? 2.525   -9.575  -0.120  1.00 130.23 ? 39  ILE A CB    1 
ATOM   804  C CG1   . ILE C 3 9  ? 2.996   -10.106 -1.478  1.00 139.52 ? 39  ILE A CG1   1 
ATOM   805  C CG2   . ILE C 3 9  ? 1.588   -8.380  -0.285  1.00 120.85 ? 39  ILE A CG2   1 
ATOM   806  C CD1   . ILE C 3 9  ? 1.896   -10.509 -2.424  1.00 147.48 ? 39  ILE A CD1   1 
ATOM   807  N N     . GLU C 3 10 ? 2.973   -8.765  2.977   1.00 134.95 ? 40  GLU A N     1 
ATOM   808  C CA    . GLU C 3 10 ? 2.762   -7.924  4.139   1.00 138.91 ? 40  GLU A CA    1 
ATOM   809  C C     . GLU C 3 10 ? 4.039   -7.154  4.513   1.00 151.11 ? 40  GLU A C     1 
ATOM   810  O O     . GLU C 3 10 ? 3.935   -5.969  4.813   1.00 169.49 ? 40  GLU A O     1 
ATOM   811  C CB    . GLU C 3 10 ? 2.228   -8.742  5.315   1.00 153.15 ? 40  GLU A CB    1 
ATOM   812  C CG    . GLU C 3 10 ? 1.919   -7.955  6.598   1.00 171.54 ? 40  GLU A CG    1 
ATOM   813  C CD    . GLU C 3 10 ? 0.867   -6.866  6.437   1.00 166.06 ? 40  GLU A CD    1 
ATOM   814  O OE1   . GLU C 3 10 ? -0.086  -7.063  5.654   1.00 177.38 ? 40  GLU A OE1   1 
ATOM   815  O OE2   . GLU C 3 10 ? 0.995   -5.812  7.104   1.00 155.88 ? 40  GLU A OE2   1 
ATOM   816  N N     . GLN C 3 11 ? 5.225   -7.783  4.471   1.00 159.71 ? 41  GLN A N     1 
ATOM   817  C CA    . GLN C 3 11 ? 6.486   -7.043  4.768   1.00 183.79 ? 41  GLN A CA    1 
ATOM   818  C C     . GLN C 3 11 ? 6.793   -5.984  3.684   1.00 175.89 ? 41  GLN A C     1 
ATOM   819  O O     . GLN C 3 11 ? 7.144   -4.835  4.002   1.00 169.69 ? 41  GLN A O     1 
ATOM   820  C CB    . GLN C 3 11 ? 7.702   -7.974  5.065   1.00 199.92 ? 41  GLN A CB    1 
ATOM   821  C CG    . GLN C 3 11 ? 8.632   -8.370  3.904   1.00 205.99 ? 41  GLN A CG    1 
ATOM   822  C CD    . GLN C 3 11 ? 9.987   -8.897  4.363   1.00 213.17 ? 41  GLN A CD    1 
ATOM   823  O OE1   . GLN C 3 11 ? 10.148  -10.092 4.633   1.00 215.39 ? 41  GLN A OE1   1 
ATOM   824  N NE2   . GLN C 3 11 ? 10.972  -8.004  4.447   1.00 221.62 ? 41  GLN A NE2   1 
ATOM   825  N N     . SER C 3 12 ? 6.621   -6.371  2.421   1.00 154.05 ? 42  SER A N     1 
ATOM   826  C CA    . SER C 3 12 ? 6.806   -5.453  1.288   1.00 139.17 ? 42  SER A CA    1 
ATOM   827  C C     . SER C 3 12 ? 5.903   -4.222  1.426   1.00 126.73 ? 42  SER A C     1 
ATOM   828  O O     . SER C 3 12 ? 6.359   -3.068  1.387   1.00 121.38 ? 42  SER A O     1 
ATOM   829  C CB    . SER C 3 12 ? 6.481   -6.179  -0.015  1.00 139.24 ? 42  SER A CB    1 
ATOM   830  O OG    . SER C 3 12 ? 7.600   -6.921  -0.460  1.00 159.93 ? 42  SER A OG    1 
ATOM   831  N N     . PHE C 3 13 ? 4.615   -4.494  1.598   1.00 118.64 ? 43  PHE A N     1 
ATOM   832  C CA    . PHE C 3 13 ? 3.620   -3.470  1.906   1.00 113.14 ? 43  PHE A CA    1 
ATOM   833  C C     . PHE C 3 13 ? 4.079   -2.571  3.041   1.00 109.04 ? 43  PHE A C     1 
ATOM   834  O O     . PHE C 3 13 ? 3.940   -1.352  2.958   1.00 123.04 ? 43  PHE A O     1 
ATOM   835  C CB    . PHE C 3 13 ? 2.285   -4.123  2.273   1.00 105.18 ? 43  PHE A CB    1 
ATOM   836  C CG    . PHE C 3 13 ? 1.258   -3.168  2.792   1.00 96.64  ? 43  PHE A CG    1 
ATOM   837  C CD1   . PHE C 3 13 ? 1.352   -2.642  4.075   1.00 107.29 ? 43  PHE A CD1   1 
ATOM   838  C CD2   . PHE C 3 13 ? 0.195   -2.811  2.018   1.00 103.27 ? 43  PHE A CD2   1 
ATOM   839  C CE1   . PHE C 3 13 ? 0.405   -1.769  4.571   1.00 114.81 ? 43  PHE A CE1   1 
ATOM   840  C CE2   . PHE C 3 13 ? -0.763  -1.929  2.505   1.00 121.80 ? 43  PHE A CE2   1 
ATOM   841  C CZ    . PHE C 3 13 ? -0.657  -1.406  3.781   1.00 119.82 ? 43  PHE A CZ    1 
ATOM   842  N N     . GLN C 3 14 ? 4.588   -3.167  4.113   1.00 100.71 ? 44  GLN A N     1 
ATOM   843  C CA    . GLN C 3 14 ? 4.950   -2.372  5.268   1.00 103.55 ? 44  GLN A CA    1 
ATOM   844  C C     . GLN C 3 14 ? 6.190   -1.536  4.963   1.00 110.77 ? 44  GLN A C     1 
ATOM   845  O O     . GLN C 3 14 ? 6.299   -0.418  5.480   1.00 112.19 ? 44  GLN A O     1 
ATOM   846  C CB    . GLN C 3 14 ? 5.103   -3.220  6.533   1.00 105.83 ? 44  GLN A CB    1 
ATOM   847  C CG    . GLN C 3 14 ? 3.791   -3.838  7.017   1.00 105.09 ? 44  GLN A CG    1 
ATOM   848  C CD    . GLN C 3 14 ? 3.080   -3.028  8.082   1.00 119.89 ? 44  GLN A CD    1 
ATOM   849  O OE1   . GLN C 3 14 ? 3.622   -2.055  8.618   1.00 151.00 ? 44  GLN A OE1   1 
ATOM   850  N NE2   . GLN C 3 14 ? 1.843   -3.414  8.386   1.00 122.94 ? 44  GLN A NE2   1 
ATOM   851  N N     . GLU C 3 15 ? 7.096   -2.059  4.116   1.00 124.17 ? 45  GLU A N     1 
ATOM   852  C CA    . GLU C 3 15 ? 8.270   -1.294  3.624   1.00 133.14 ? 45  GLU A CA    1 
ATOM   853  C C     . GLU C 3 15 ? 7.803   -0.030  2.945   1.00 123.11 ? 45  GLU A C     1 
ATOM   854  O O     . GLU C 3 15 ? 8.156   1.090   3.359   1.00 109.48 ? 45  GLU A O     1 
ATOM   855  C CB    . GLU C 3 15 ? 9.121   -2.087  2.624   1.00 138.21 ? 45  GLU A CB    1 
ATOM   856  C CG    . GLU C 3 15 ? 10.063  -3.090  3.238   1.00 151.05 ? 45  GLU A CG    1 
ATOM   857  C CD    . GLU C 3 15 ? 10.903  -3.760  2.182   1.00 167.80 ? 45  GLU A CD    1 
ATOM   858  O OE1   . GLU C 3 15 ? 12.132  -3.505  2.154   1.00 216.17 ? 45  GLU A OE1   1 
ATOM   859  O OE2   . GLU C 3 15 ? 10.327  -4.513  1.365   1.00 149.72 ? 45  GLU A OE2   1 
ATOM   860  N N     . ALA C 3 16 ? 6.977   -0.225  1.921   1.00 115.47 ? 46  ALA A N     1 
ATOM   861  C CA    . ALA C 3 16 ? 6.325   0.898   1.251   1.00 118.58 ? 46  ALA A CA    1 
ATOM   862  C C     . ALA C 3 16 ? 5.703   1.906   2.263   1.00 112.66 ? 46  ALA A C     1 
ATOM   863  O O     . ALA C 3 16 ? 6.189   3.036   2.408   1.00 120.13 ? 46  ALA A O     1 
ATOM   864  C CB    . ALA C 3 16 ? 5.292   0.395   0.259   1.00 106.14 ? 46  ALA A CB    1 
ATOM   865  N N     . LEU C 3 17 ? 4.675   1.473   2.983   1.00 99.79  ? 47  LEU A N     1 
ATOM   866  C CA    . LEU C 3 17 ? 4.137   2.203   4.124   1.00 101.32 ? 47  LEU A CA    1 
ATOM   867  C C     . LEU C 3 17 ? 5.140   3.134   4.809   1.00 106.98 ? 47  LEU A C     1 
ATOM   868  O O     . LEU C 3 17 ? 4.846   4.310   5.100   1.00 107.65 ? 47  LEU A O     1 
ATOM   869  C CB    . LEU C 3 17 ? 3.634   1.186   5.154   1.00 109.15 ? 47  LEU A CB    1 
ATOM   870  C CG    . LEU C 3 17 ? 2.145   1.162   5.457   1.00 118.20 ? 47  LEU A CG    1 
ATOM   871  C CD1   . LEU C 3 17 ? 1.774   2.351   6.357   1.00 123.55 ? 47  LEU A CD1   1 
ATOM   872  C CD2   . LEU C 3 17 ? 1.348   1.101   4.151   1.00 113.47 ? 47  LEU A CD2   1 
ATOM   873  N N     . ALA C 3 18 ? 6.319   2.597   5.083   1.00 102.22 ? 48  ALA A N     1 
ATOM   874  C CA    . ALA C 3 18 ? 7.318   3.347   5.792   1.00 109.58 ? 48  ALA A CA    1 
ATOM   875  C C     . ALA C 3 18 ? 8.063   4.303   4.870   1.00 109.15 ? 48  ALA A C     1 
ATOM   876  O O     . ALA C 3 18 ? 8.289   5.470   5.239   1.00 118.97 ? 48  ALA A O     1 
ATOM   877  C CB    . ALA C 3 18 ? 8.274   2.396   6.464   1.00 125.05 ? 48  ALA A CB    1 
ATOM   878  N N     . ILE C 3 19 ? 8.447   3.818   3.688   1.00 93.06  ? 49  ILE A N     1 
ATOM   879  C CA    . ILE C 3 19 ? 9.157   4.647   2.702   1.00 96.45  ? 49  ILE A CA    1 
ATOM   880  C C     . ILE C 3 19 ? 8.571   6.053   2.504   1.00 103.83 ? 49  ILE A C     1 
ATOM   881  O O     . ILE C 3 19 ? 9.316   7.042   2.653   1.00 86.11  ? 49  ILE A O     1 
ATOM   882  C CB    . ILE C 3 19 ? 9.251   3.920   1.344   1.00 99.52  ? 49  ILE A CB    1 
ATOM   883  C CG1   . ILE C 3 19 ? 10.499  3.042   1.326   1.00 114.90 ? 49  ILE A CG1   1 
ATOM   884  C CG2   . ILE C 3 19 ? 9.336   4.876   0.166   1.00 99.55  ? 49  ILE A CG2   1 
ATOM   885  C CD1   . ILE C 3 19 ? 10.504  2.001   0.225   1.00 126.21 ? 49  ILE A CD1   1 
ATOM   886  N N     . TYR C 3 20 ? 7.238   6.099   2.267   1.00 115.18 ? 50  TYR A N     1 
ATOM   887  C CA    . TYR C 3 20 ? 6.483   7.190   1.549   1.00 106.28 ? 50  TYR A CA    1 
ATOM   888  C C     . TYR C 3 20 ? 5.952   8.485   2.317   1.00 109.19 ? 50  TYR A C     1 
ATOM   889  O O     . TYR C 3 20 ? 6.575   9.556   2.287   1.00 89.00  ? 50  TYR A O     1 
ATOM   890  C CB    . TYR C 3 20 ? 5.382   6.513   0.705   1.00 90.37  ? 50  TYR A CB    1 
ATOM   891  C CG    . TYR C 3 20 ? 5.933   5.789   -0.510  1.00 89.99  ? 50  TYR A CG    1 
ATOM   892  C CD1   . TYR C 3 20 ? 6.603   6.485   -1.526  1.00 90.29  ? 50  TYR A CD1   1 
ATOM   893  C CD2   . TYR C 3 20 ? 5.777   4.429   -0.667  1.00 97.32  ? 50  TYR A CD2   1 
ATOM   894  C CE1   . TYR C 3 20 ? 7.111   5.830   -2.649  1.00 94.40  ? 50  TYR A CE1   1 
ATOM   895  C CE2   . TYR C 3 20 ? 6.278   3.760   -1.793  1.00 104.75 ? 50  TYR A CE2   1 
ATOM   896  C CZ    . TYR C 3 20 ? 6.951   4.456   -2.784  1.00 103.65 ? 50  TYR A CZ    1 
ATOM   897  O OH    . TYR C 3 20 ? 7.456   3.773   -3.892  1.00 96.64  ? 50  TYR A OH    1 
ATOM   898  N N     . PRO C 3 21 ? 4.764   8.459   2.909   1.00 118.05 ? 51  PRO A N     1 
ATOM   899  C CA    . PRO C 3 21 ? 4.820   9.515   3.919   1.00 140.20 ? 51  PRO A CA    1 
ATOM   900  C C     . PRO C 3 21 ? 4.291   8.986   5.274   1.00 203.29 ? 51  PRO A C     1 
ATOM   901  O O     . PRO C 3 21 ? 3.141   9.267   5.626   1.00 243.75 ? 51  PRO A O     1 
ATOM   902  C CB    . PRO C 3 21 ? 3.931   10.579  3.311   1.00 126.35 ? 51  PRO A CB    1 
ATOM   903  C CG    . PRO C 3 21 ? 2.869   9.764   2.693   1.00 124.73 ? 51  PRO A CG    1 
ATOM   904  C CD    . PRO C 3 21 ? 3.431   8.438   2.300   1.00 116.75 ? 51  PRO A CD    1 
ATOM   905  N N     . PRO C 3 22 ? 5.152   8.261   6.050   1.00 222.98 ? 52  PRO A N     1 
ATOM   906  C CA    . PRO C 3 22 ? 4.860   7.289   7.134   1.00 221.00 ? 52  PRO A CA    1 
ATOM   907  C C     . PRO C 3 22 ? 3.412   7.135   7.693   1.00 252.66 ? 52  PRO A C     1 
ATOM   908  O O     . PRO C 3 22 ? 2.800   6.068   7.505   1.00 248.19 ? 52  PRO A O     1 
ATOM   909  C CB    . PRO C 3 22 ? 5.859   7.700   8.236   1.00 190.46 ? 52  PRO A CB    1 
ATOM   910  C CG    . PRO C 3 22 ? 6.867   8.582   7.573   1.00 178.02 ? 52  PRO A CG    1 
ATOM   911  C CD    . PRO C 3 22 ? 6.587   8.599   6.106   1.00 201.64 ? 52  PRO A CD    1 
ATOM   912  N N     . CYS C 3 23 ? 2.886   8.162   8.374   1.00 259.20 ? 53  CYS A N     1 
ATOM   913  C CA    . CYS C 3 23 ? 1.543   8.120   8.988   1.00 243.42 ? 53  CYS A CA    1 
ATOM   914  C C     . CYS C 3 23 ? 0.585   9.085   8.260   1.00 251.54 ? 53  CYS A C     1 
ATOM   915  O O     . CYS C 3 23 ? -0.342  9.635   8.867   1.00 267.09 ? 53  CYS A O     1 
ATOM   916  C CB    . CYS C 3 23 ? 1.648   8.464   10.481  1.00 238.32 ? 53  CYS A CB    1 
ATOM   917  S SG    . CYS C 3 23 ? 0.314   7.853   11.539  1.00 245.90 ? 53  CYS A SG    1 
ATOM   918  N N     . GLY C 3 24 ? 0.811   9.262   6.954   1.00 245.40 ? 54  GLY A N     1 
ATOM   919  C CA    . GLY C 3 24 ? 0.029   10.172  6.108   1.00 223.32 ? 54  GLY A CA    1 
ATOM   920  C C     . GLY C 3 24 ? 0.309   9.914   4.625   1.00 192.71 ? 54  GLY A C     1 
ATOM   921  O O     . GLY C 3 24 ? 0.424   8.762   4.249   1.00 202.36 ? 54  GLY A O     1 
ATOM   922  N N     . ARG C 3 25 ? 0.449   10.920  3.760   1.00 175.00 ? 55  ARG A N     1 
ATOM   923  C CA    . ARG C 3 25 ? 0.511   12.323  4.107   1.00 218.70 ? 55  ARG A CA    1 
ATOM   924  C C     . ARG C 3 25 ? 0.344   13.176  2.853   1.00 234.44 ? 55  ARG A C     1 
ATOM   925  O O     . ARG C 3 25 ? -0.701  13.808  2.692   1.00 240.15 ? 55  ARG A O     1 
ATOM   926  C CB    . ARG C 3 25 ? 1.812   12.692  4.839   1.00 234.81 ? 55  ARG A CB    1 
ATOM   927  C CG    . ARG C 3 25 ? 1.755   14.009  5.603   1.00 265.95 ? 55  ARG A CG    1 
ATOM   928  C CD    . ARG C 3 25 ? 0.728   14.055  6.746   1.00 277.17 ? 55  ARG A CD    1 
ATOM   929  N NE    . ARG C 3 25 ? -0.566  14.656  6.375   1.00 269.65 ? 55  ARG A NE    1 
ATOM   930  C CZ    . ARG C 3 25 ? -1.645  14.729  7.166   1.00 265.09 ? 55  ARG A CZ    1 
ATOM   931  N NH1   . ARG C 3 25 ? -1.634  14.232  8.407   1.00 265.95 ? 55  ARG A NH1   1 
ATOM   932  N NH2   . ARG C 3 25 ? -2.757  15.307  6.710   1.00 259.13 ? 55  ARG A NH2   1 
ATOM   933  N N     . ARG C 3 26 ? 1.328   13.151  1.946   1.00 251.79 ? 56  ARG A N     1 
ATOM   934  C CA    . ARG C 3 26 ? 1.460   14.203  0.904   1.00 262.76 ? 56  ARG A CA    1 
ATOM   935  C C     . ARG C 3 26 ? 0.247   14.462  0.006   1.00 269.31 ? 56  ARG A C     1 
ATOM   936  O O     . ARG C 3 26 ? 0.294   15.401  -0.795  1.00 270.44 ? 56  ARG A O     1 
ATOM   937  C CB    . ARG C 3 26 ? 2.697   14.007  -0.001  1.00 254.19 ? 56  ARG A CB    1 
ATOM   938  C CG    . ARG C 3 26 ? 2.495   13.176  -1.272  1.00 252.44 ? 56  ARG A CG    1 
ATOM   939  C CD    . ARG C 3 26 ? 1.947   11.780  -1.005  1.00 247.33 ? 56  ARG A CD    1 
ATOM   940  N NE    . ARG C 3 26 ? 3.047   10.945  -0.534  1.00 245.66 ? 56  ARG A NE    1 
ATOM   941  C CZ    . ARG C 3 26 ? 3.969   10.393  -1.323  1.00 225.09 ? 56  ARG A CZ    1 
ATOM   942  N NH1   . ARG C 3 26 ? 3.955   10.582  -2.641  1.00 229.55 ? 56  ARG A NH1   1 
ATOM   943  N NH2   . ARG C 3 26 ? 4.936   9.662   -0.782  1.00 210.09 ? 56  ARG A NH2   1 
ATOM   944  N N     . LYS C 3 27 ? -0.783  13.609  0.100   1.00 270.50 ? 57  LYS A N     1 
ATOM   945  C CA    . LYS C 3 27 ? -2.131  13.866  -0.435  1.00 288.29 ? 57  LYS A CA    1 
ATOM   946  C C     . LYS C 3 27 ? -2.248  13.230  -1.836  1.00 290.14 ? 57  LYS A C     1 
ATOM   947  O O     . LYS C 3 27 ? -2.525  12.029  -1.945  1.00 271.66 ? 57  LYS A O     1 
ATOM   948  C CB    . LYS C 3 27 ? -2.504  15.382  -0.366  1.00 283.61 ? 57  LYS A CB    1 
ATOM   949  C CG    . LYS C 3 27 ? -3.941  15.782  -0.698  1.00 262.83 ? 57  LYS A CG    1 
ATOM   950  C CD    . LYS C 3 27 ? -4.026  17.253  -1.129  1.00 242.43 ? 57  LYS A CD    1 
ATOM   951  C CE    . LYS C 3 27 ? -3.482  17.533  -2.528  1.00 236.75 ? 57  LYS A CE    1 
ATOM   952  N NZ    . LYS C 3 27 ? -2.924  18.905  -2.679  1.00 217.53 ? 57  LYS A NZ    1 
ATOM   953  N N     . ILE C 3 28 ? -1.975  14.005  -2.887  1.00 285.26 ? 58  ILE A N     1 
ATOM   954  C CA    . ILE C 3 28 ? -2.240  13.599  -4.271  1.00 255.75 ? 58  ILE A CA    1 
ATOM   955  C C     . ILE C 3 28 ? -1.587  14.628  -5.215  1.00 266.57 ? 58  ILE A C     1 
ATOM   956  O O     . ILE C 3 28 ? -2.274  15.442  -5.836  1.00 280.81 ? 58  ILE A O     1 
ATOM   957  C CB    . ILE C 3 28 ? -3.776  13.412  -4.530  1.00 226.96 ? 58  ILE A CB    1 
ATOM   958  C CG1   . ILE C 3 28 ? -4.072  12.947  -5.969  1.00 216.96 ? 58  ILE A CG1   1 
ATOM   959  C CG2   . ILE C 3 28 ? -4.564  14.664  -4.150  1.00 215.13 ? 58  ILE A CG2   1 
ATOM   960  C CD1   . ILE C 3 28 ? -5.509  13.131  -6.421  1.00 211.74 ? 58  ILE A CD1   1 
ATOM   961  N N     . ILE C 3 29 ? -0.250  14.620  -5.278  1.00 272.38 ? 59  ILE A N     1 
ATOM   962  C CA    . ILE C 3 29 ? 0.470   15.336  -6.349  1.00 261.41 ? 59  ILE A CA    1 
ATOM   963  C C     . ILE C 3 29 ? 0.645   14.392  -7.539  1.00 264.07 ? 59  ILE A C     1 
ATOM   964  O O     . ILE C 3 29 ? 1.664   13.716  -7.683  1.00 230.65 ? 59  ILE A O     1 
ATOM   965  C CB    . ILE C 3 29 ? 1.800   16.051  -5.914  1.00 255.62 ? 59  ILE A CB    1 
ATOM   966  C CG1   . ILE C 3 29 ? 2.886   15.093  -5.366  1.00 256.56 ? 59  ILE A CG1   1 
ATOM   967  C CG2   . ILE C 3 29 ? 1.498   17.166  -4.919  1.00 242.32 ? 59  ILE A CG2   1 
ATOM   968  C CD1   . ILE C 3 29 ? 4.154   15.020  -6.203  1.00 239.59 ? 59  ILE A CD1   1 
ATOM   969  N N     . LEU C 3 30 ? -0.422  14.310  -8.340  1.00 281.56 ? 60  LEU A N     1 
ATOM   970  C CA    . LEU C 3 30 ? -0.333  13.946  -9.756  1.00 286.40 ? 60  LEU A CA    1 
ATOM   971  C C     . LEU C 3 30 ? -0.503  15.234  -10.572 1.00 302.27 ? 60  LEU A C     1 
ATOM   972  O O     . LEU C 3 30 ? -1.392  15.343  -11.423 1.00 310.05 ? 60  LEU A O     1 
ATOM   973  C CB    . LEU C 3 30 ? -1.329  12.842  -10.167 1.00 267.57 ? 60  LEU A CB    1 
ATOM   974  C CG    . LEU C 3 30 ? -2.833  12.858  -9.842  1.00 250.19 ? 60  LEU A CG    1 
ATOM   975  C CD1   . LEU C 3 30 ? -3.698  12.711  -11.090 1.00 243.42 ? 60  LEU A CD1   1 
ATOM   976  C CD2   . LEU C 3 30 ? -3.163  11.751  -8.852  1.00 235.88 ? 60  LEU A CD2   1 
ATOM   977  N N     . SER C 3 31 ? 0.385   16.196  -10.288 1.00 302.30 ? 61  SER A N     1 
ATOM   978  C CA    . SER C 3 31 ? 0.323   17.569  -10.809 1.00 276.74 ? 61  SER A CA    1 
ATOM   979  C C     . SER C 3 31 ? 1.712   18.019  -11.295 1.00 287.98 ? 61  SER A C     1 
ATOM   980  O O     . SER C 3 31 ? 2.431   18.732  -10.586 1.00 297.78 ? 61  SER A O     1 
ATOM   981  C CB    . SER C 3 31 ? -0.203  18.520  -9.724  1.00 250.29 ? 61  SER A CB    1 
ATOM   982  O OG    . SER C 3 31 ? 0.572   18.435  -8.535  1.00 222.03 ? 61  SER A OG    1 
ATOM   983  N N     . ASP C 3 32 ? 2.071   17.584  -12.505 1.00 292.26 ? 62  ASP A N     1 
ATOM   984  C CA    . ASP C 3 32 ? 3.380   17.877  -13.113 1.00 283.40 ? 62  ASP A CA    1 
ATOM   985  C C     . ASP C 3 32 ? 3.272   17.843  -14.654 1.00 279.77 ? 62  ASP A C     1 
ATOM   986  O O     . ASP C 3 32 ? 3.360   18.895  -15.296 1.00 258.25 ? 62  ASP A O     1 
ATOM   987  C CB    . ASP C 3 32 ? 4.448   16.879  -12.595 1.00 282.17 ? 62  ASP A CB    1 
ATOM   988  C CG    . ASP C 3 32 ? 5.808   17.532  -12.307 1.00 278.90 ? 62  ASP A CG    1 
ATOM   989  O OD1   . ASP C 3 32 ? 6.258   18.404  -13.084 1.00 252.74 ? 62  ASP A OD1   1 
ATOM   990  O OD2   . ASP C 3 32 ? 6.440   17.142  -11.299 1.00 275.63 ? 62  ASP A OD2   1 
ATOM   991  N N     . GLU C 3 33 ? 3.024   16.649  -15.220 1.00 283.32 ? 63  GLU A N     1 
ATOM   992  C CA    . GLU C 3 33 ? 3.127   16.378  -16.676 1.00 284.44 ? 63  GLU A CA    1 
ATOM   993  C C     . GLU C 3 33 ? 1.935   15.542  -17.249 1.00 268.31 ? 63  GLU A C     1 
ATOM   994  O O     . GLU C 3 33 ? 0.838   16.087  -17.404 1.00 229.79 ? 63  GLU A O     1 
ATOM   995  C CB    . GLU C 3 33 ? 4.509   15.748  -16.971 1.00 291.90 ? 63  GLU A CB    1 
ATOM   996  C CG    . GLU C 3 33 ? 4.886   15.590  -18.446 1.00 282.87 ? 63  GLU A CG    1 
ATOM   997  C CD    . GLU C 3 33 ? 6.166   14.793  -18.646 1.00 262.45 ? 63  GLU A CD    1 
ATOM   998  O OE1   . GLU C 3 33 ? 7.076   15.294  -19.339 1.00 259.19 ? 63  GLU A OE1   1 
ATOM   999  O OE2   . GLU C 3 33 ? 6.273   13.669  -18.109 1.00 245.88 ? 63  GLU A OE2   1 
ATOM   1000 N N     . GLY C 3 34 ? 2.139   14.255  -17.571 1.00 279.59 ? 64  GLY A N     1 
ATOM   1001 C CA    . GLY C 3 34 ? 1.103   13.399  -18.185 1.00 285.71 ? 64  GLY A CA    1 
ATOM   1002 C C     . GLY C 3 34 ? 1.060   11.951  -17.695 1.00 292.41 ? 64  GLY A C     1 
ATOM   1003 O O     . GLY C 3 34 ? 0.663   11.058  -18.453 1.00 281.27 ? 64  GLY A O     1 
ATOM   1004 N N     . LYS C 3 35 ? 1.481   11.737  -16.441 1.00 290.99 ? 65  LYS A N     1 
ATOM   1005 C CA    . LYS C 3 35 ? 1.350   10.472  -15.673 1.00 268.73 ? 65  LYS A CA    1 
ATOM   1006 C C     . LYS C 3 35 ? 2.176   10.602  -14.375 1.00 245.78 ? 65  LYS A C     1 
ATOM   1007 O O     . LYS C 3 35 ? 3.401   10.503  -14.406 1.00 195.85 ? 65  LYS A O     1 
ATOM   1008 C CB    . LYS C 3 35 ? 1.785   9.213   -16.467 1.00 264.89 ? 65  LYS A CB    1 
ATOM   1009 C CG    . LYS C 3 35 ? 0.642   8.355   -17.029 1.00 255.77 ? 65  LYS A CG    1 
ATOM   1010 C CD    . LYS C 3 35 ? 0.294   7.139   -16.165 1.00 236.40 ? 65  LYS A CD    1 
ATOM   1011 C CE    . LYS C 3 35 ? -0.542  7.485   -14.940 1.00 220.32 ? 65  LYS A CE    1 
ATOM   1012 N NZ    . LYS C 3 35 ? -1.973  7.724   -15.257 1.00 223.20 ? 65  LYS A NZ    1 
ATOM   1013 N N     . MET C 3 36 ? 1.490   10.880  -13.263 1.00 245.81 ? 66  MET A N     1 
ATOM   1014 C CA    . MET C 3 36 ? 2.076   10.899  -11.905 1.00 239.94 ? 66  MET A CA    1 
ATOM   1015 C C     . MET C 3 36 ? 1.024   10.263  -10.974 1.00 238.89 ? 66  MET A C     1 
ATOM   1016 O O     . MET C 3 36 ? -0.171  10.280  -11.285 1.00 257.55 ? 66  MET A O     1 
ATOM   1017 C CB    . MET C 3 36 ? 2.467   12.342  -11.530 1.00 227.73 ? 66  MET A CB    1 
ATOM   1018 C CG    . MET C 3 36 ? 2.981   12.622  -10.118 1.00 216.40 ? 66  MET A CG    1 
ATOM   1019 S SD    . MET C 3 36 ? 4.767   12.651  -9.877  1.00 229.09 ? 66  MET A SD    1 
ATOM   1020 C CE    . MET C 3 36 ? 5.183   14.322  -10.376 1.00 212.86 ? 66  MET A CE    1 
ATOM   1021 N N     . TYR C 3 37 ? 1.472   9.662   -9.871  1.00 213.01 ? 67  TYR A N     1 
ATOM   1022 C CA    . TYR C 3 37 ? 0.660   8.697   -9.115  1.00 182.63 ? 67  TYR A CA    1 
ATOM   1023 C C     . TYR C 3 37 ? 0.269   9.138   -7.718  1.00 172.55 ? 67  TYR A C     1 
ATOM   1024 O O     . TYR C 3 37 ? 0.887   10.035  -7.150  1.00 177.09 ? 67  TYR A O     1 
ATOM   1025 C CB    . TYR C 3 37 ? 1.449   7.405   -8.982  1.00 174.73 ? 67  TYR A CB    1 
ATOM   1026 C CG    . TYR C 3 37 ? 1.706   6.706   -10.287 1.00 176.80 ? 67  TYR A CG    1 
ATOM   1027 C CD1   . TYR C 3 37 ? 0.640   6.244   -11.067 1.00 186.64 ? 67  TYR A CD1   1 
ATOM   1028 C CD2   . TYR C 3 37 ? 3.014   6.480   -10.741 1.00 164.16 ? 67  TYR A CD2   1 
ATOM   1029 C CE1   . TYR C 3 37 ? 0.864   5.580   -12.262 1.00 198.79 ? 67  TYR A CE1   1 
ATOM   1030 C CE2   . TYR C 3 37 ? 3.248   5.810   -11.935 1.00 180.38 ? 67  TYR A CE2   1 
ATOM   1031 C CZ    . TYR C 3 37 ? 2.170   5.366   -12.693 1.00 205.61 ? 67  TYR A CZ    1 
ATOM   1032 O OH    . TYR C 3 37 ? 2.377   4.709   -13.885 1.00 233.71 ? 67  TYR A OH    1 
ATOM   1033 N N     . GLY C 3 38 ? -0.747  8.464   -7.171  1.00 169.91 ? 68  GLY A N     1 
ATOM   1034 C CA    . GLY C 3 38 ? -1.214  8.670   -5.786  1.00 168.58 ? 68  GLY A CA    1 
ATOM   1035 C C     . GLY C 3 38 ? -0.554  7.748   -4.770  1.00 148.84 ? 68  GLY A C     1 
ATOM   1036 O O     . GLY C 3 38 ? 0.027   6.728   -5.141  1.00 145.84 ? 68  GLY A O     1 
ATOM   1037 N N     . ARG C 3 39 ? -0.680  8.088   -3.487  1.00 126.64 ? 69  ARG A N     1 
ATOM   1038 C CA    . ARG C 3 39 ? 0.042   7.374   -2.437  1.00 107.34 ? 69  ARG A CA    1 
ATOM   1039 C C     . ARG C 3 39 ? -0.157  5.876   -2.596  1.00 100.74 ? 69  ARG A C     1 
ATOM   1040 O O     . ARG C 3 39 ? 0.742   5.201   -3.088  1.00 98.07  ? 69  ARG A O     1 
ATOM   1041 C CB    . ARG C 3 39 ? -0.349  7.862   -1.041  1.00 109.77 ? 69  ARG A CB    1 
ATOM   1042 C CG    . ARG C 3 39 ? 0.717   7.609   0.017   1.00 109.40 ? 69  ARG A CG    1 
ATOM   1043 C CD    . ARG C 3 39 ? 0.572   6.258   0.679   1.00 118.20 ? 69  ARG A CD    1 
ATOM   1044 N NE    . ARG C 3 39 ? 0.181   6.323   2.094   1.00 120.43 ? 69  ARG A NE    1 
ATOM   1045 C CZ    . ARG C 3 39 ? 0.984   6.108   3.147   1.00 118.14 ? 69  ARG A CZ    1 
ATOM   1046 N NH1   . ARG C 3 39 ? 2.285   5.840   3.015   1.00 124.00 ? 69  ARG A NH1   1 
ATOM   1047 N NH2   . ARG C 3 39 ? 0.477   6.170   4.374   1.00 120.24 ? 69  ARG A NH2   1 
ATOM   1048 N N     . ASN C 3 40 ? -1.344  5.359   -2.290  1.00 97.44  ? 70  ASN A N     1 
ATOM   1049 C CA    . ASN C 3 40 ? -1.585  3.897   -2.406  1.00 103.70 ? 70  ASN A CA    1 
ATOM   1050 C C     . ASN C 3 40 ? -1.157  3.331   -3.780  1.00 110.21 ? 70  ASN A C     1 
ATOM   1051 O O     . ASN C 3 40 ? -0.633  2.206   -3.861  1.00 108.81 ? 70  ASN A O     1 
ATOM   1052 C CB    . ASN C 3 40 ? -3.050  3.503   -2.132  1.00 98.74  ? 70  ASN A CB    1 
ATOM   1053 C CG    . ASN C 3 40 ? -3.585  4.064   -0.822  1.00 108.34 ? 70  ASN A CG    1 
ATOM   1054 O OD1   . ASN C 3 40 ? -2.845  4.684   -0.028  1.00 103.94 ? 70  ASN A OD1   1 
ATOM   1055 N ND2   . ASN C 3 40 ? -4.895  3.891   -0.605  1.00 110.63 ? 70  ASN A ND2   1 
ATOM   1056 N N     . GLU C 3 41 ? -1.347  4.109   -4.848  1.00 111.35 ? 71  GLU A N     1 
ATOM   1057 C CA    . GLU C 3 41 ? -1.010  3.621   -6.181  1.00 112.04 ? 71  GLU A CA    1 
ATOM   1058 C C     . GLU C 3 41 ? 0.455   3.293   -6.298  1.00 102.82 ? 71  GLU A C     1 
ATOM   1059 O O     . GLU C 3 41 ? 0.809   2.372   -7.055  1.00 94.95  ? 71  GLU A O     1 
ATOM   1060 C CB    . GLU C 3 41 ? -1.405  4.607   -7.270  1.00 127.99 ? 71  GLU A CB    1 
ATOM   1061 C CG    . GLU C 3 41 ? -2.891  4.652   -7.548  1.00 142.95 ? 71  GLU A CG    1 
ATOM   1062 C CD    . GLU C 3 41 ? -3.187  4.363   -9.002  1.00 163.24 ? 71  GLU A CD    1 
ATOM   1063 O OE1   . GLU C 3 41 ? -3.398  3.169   -9.329  1.00 164.74 ? 71  GLU A OE1   1 
ATOM   1064 O OE2   . GLU C 3 41 ? -3.166  5.322   -9.813  1.00 176.82 ? 71  GLU A OE2   1 
ATOM   1065 N N     . LEU C 3 42 ? 1.283   4.044   -5.558  1.00 102.05 ? 72  LEU A N     1 
ATOM   1066 C CA    . LEU C 3 42 ? 2.738   3.788   -5.462  1.00 112.03 ? 72  LEU A CA    1 
ATOM   1067 C C     . LEU C 3 42 ? 3.031   2.518   -4.776  1.00 113.24 ? 72  LEU A C     1 
ATOM   1068 O O     . LEU C 3 42 ? 3.809   1.701   -5.281  1.00 129.69 ? 72  LEU A O     1 
ATOM   1069 C CB    . LEU C 3 42 ? 3.467   4.813   -4.603  1.00 113.58 ? 72  LEU A CB    1 
ATOM   1070 C CG    . LEU C 3 42 ? 3.708   6.166   -5.218  1.00 118.28 ? 72  LEU A CG    1 
ATOM   1071 C CD1   . LEU C 3 42 ? 4.043   7.119   -4.091  1.00 118.33 ? 72  LEU A CD1   1 
ATOM   1072 C CD2   . LEU C 3 42 ? 4.821   6.086   -6.253  1.00 119.68 ? 72  LEU A CD2   1 
ATOM   1073 N N     . ILE C 3 43 ? 2.438   2.380   -3.592  1.00 104.83 ? 73  ILE A N     1 
ATOM   1074 C CA    . ILE C 3 43 ? 2.801   1.276   -2.732  1.00 104.07 ? 73  ILE A CA    1 
ATOM   1075 C C     . ILE C 3 43 ? 2.466   0.006   -3.518  1.00 110.67 ? 73  ILE A C     1 
ATOM   1076 O O     . ILE C 3 43 ? 3.329   -0.866  -3.713  1.00 107.07 ? 73  ILE A O     1 
ATOM   1077 C CB    . ILE C 3 43 ? 2.229   1.354   -1.284  1.00 101.32 ? 73  ILE A CB    1 
ATOM   1078 C CG1   . ILE C 3 43 ? 0.940   0.581   -1.082  1.00 111.48 ? 73  ILE A CG1   1 
ATOM   1079 C CG2   . ILE C 3 43 ? 2.077   2.785   -0.784  1.00 99.21  ? 73  ILE A CG2   1 
ATOM   1080 C CD1   . ILE C 3 43 ? 0.557   0.541   0.387   1.00 125.06 ? 73  ILE A CD1   1 
ATOM   1081 N N     . ALA C 3 44 ? 1.253   -0.048  -4.064  1.00 113.83 ? 74  ALA A N     1 
ATOM   1082 C CA    . ALA C 3 44 ? 0.924   -1.107  -5.006  1.00 120.95 ? 74  ALA A CA    1 
ATOM   1083 C C     . ALA C 3 44 ? 2.082   -1.340  -5.994  1.00 115.39 ? 74  ALA A C     1 
ATOM   1084 O O     . ALA C 3 44 ? 2.722   -2.398  -5.980  1.00 107.90 ? 74  ALA A O     1 
ATOM   1085 C CB    . ALA C 3 44 ? -0.361  -0.782  -5.740  1.00 126.48 ? 74  ALA A CB    1 
ATOM   1086 N N     . ARG C 3 45 ? 2.412   -0.339  -6.795  1.00 117.96 ? 75  ARG A N     1 
ATOM   1087 C CA    . ARG C 3 45 ? 3.432   -0.556  -7.818  1.00 136.70 ? 75  ARG A CA    1 
ATOM   1088 C C     . ARG C 3 45 ? 4.784   -1.011  -7.208  1.00 122.43 ? 75  ARG A C     1 
ATOM   1089 O O     . ARG C 3 45 ? 5.504   -1.810  -7.821  1.00 135.31 ? 75  ARG A O     1 
ATOM   1090 C CB    . ARG C 3 45 ? 3.566   0.667   -8.732  1.00 172.28 ? 75  ARG A CB    1 
ATOM   1091 C CG    . ARG C 3 45 ? 3.867   0.324   -10.196 1.00 203.95 ? 75  ARG A CG    1 
ATOM   1092 C CD    . ARG C 3 45 ? 3.848   1.544   -11.128 1.00 211.74 ? 75  ARG A CD    1 
ATOM   1093 N NE    . ARG C 3 45 ? 2.532   1.785   -11.748 1.00 204.53 ? 75  ARG A NE    1 
ATOM   1094 C CZ    . ARG C 3 45 ? 2.204   1.592   -13.031 1.00 202.13 ? 75  ARG A CZ    1 
ATOM   1095 N NH1   . ARG C 3 45 ? 3.084   1.141   -13.926 1.00 213.38 ? 75  ARG A NH1   1 
ATOM   1096 N NH2   . ARG C 3 45 ? 0.963   1.865   -13.434 1.00 201.89 ? 75  ARG A NH2   1 
ATOM   1097 N N     . TYR C 3 46 ? 5.084   -0.566  -5.987  1.00 102.93 ? 76  TYR A N     1 
ATOM   1098 C CA    . TYR C 3 46 ? 6.229   -1.081  -5.233  1.00 100.68 ? 76  TYR A CA    1 
ATOM   1099 C C     . TYR C 3 46 ? 6.138   -2.574  -5.027  1.00 107.92 ? 76  TYR A C     1 
ATOM   1100 O O     . TYR C 3 46 ? 7.102   -3.294  -5.304  1.00 105.59 ? 76  TYR A O     1 
ATOM   1101 C CB    . TYR C 3 46 ? 6.300   -0.426  -3.871  1.00 102.38 ? 76  TYR A CB    1 
ATOM   1102 C CG    . TYR C 3 46 ? 7.495   -0.777  -3.013  1.00 110.43 ? 76  TYR A CG    1 
ATOM   1103 C CD1   . TYR C 3 46 ? 8.777   -0.323  -3.342  1.00 114.37 ? 76  TYR A CD1   1 
ATOM   1104 C CD2   . TYR C 3 46 ? 7.342   -1.485  -1.825  1.00 109.28 ? 76  TYR A CD2   1 
ATOM   1105 C CE1   . TYR C 3 46 ? 9.877   -0.594  -2.531  1.00 111.23 ? 76  TYR A CE1   1 
ATOM   1106 C CE2   . TYR C 3 46 ? 8.431   -1.749  -1.001  1.00 121.75 ? 76  TYR A CE2   1 
ATOM   1107 C CZ    . TYR C 3 46 ? 9.702   -1.310  -1.360  1.00 120.39 ? 76  TYR A CZ    1 
ATOM   1108 O OH    . TYR C 3 46 ? 10.792  -1.582  -0.551  1.00 123.51 ? 76  TYR A OH    1 
ATOM   1109 N N     . ILE C 3 47 ? 4.985   -3.050  -4.548  1.00 114.00 ? 77  ILE A N     1 
ATOM   1110 C CA    . ILE C 3 47 ? 4.843   -4.496  -4.301  1.00 123.35 ? 77  ILE A CA    1 
ATOM   1111 C C     . ILE C 3 47 ? 4.927   -5.299  -5.617  1.00 120.03 ? 77  ILE A C     1 
ATOM   1112 O O     . ILE C 3 47 ? 5.528   -6.371  -5.612  1.00 127.68 ? 77  ILE A O     1 
ATOM   1113 C CB    . ILE C 3 47 ? 3.629   -4.931  -3.400  1.00 125.32 ? 77  ILE A CB    1 
ATOM   1114 C CG1   . ILE C 3 47 ? 2.325   -5.021  -4.180  1.00 152.85 ? 77  ILE A CG1   1 
ATOM   1115 C CG2   . ILE C 3 47 ? 3.436   -4.037  -2.183  1.00 120.03 ? 77  ILE A CG2   1 
ATOM   1116 C CD1   . ILE C 3 47 ? 2.142   -6.307  -4.957  1.00 175.35 ? 77  ILE A CD1   1 
ATOM   1117 N N     . LYS C 3 48 ? 4.365   -4.808  -6.728  1.00 116.20 ? 78  LYS A N     1 
ATOM   1118 C CA    . LYS C 3 48 ? 4.523   -5.539  -7.998  1.00 124.34 ? 78  LYS A CA    1 
ATOM   1119 C C     . LYS C 3 48 ? 5.983   -5.532  -8.467  1.00 126.73 ? 78  LYS A C     1 
ATOM   1120 O O     . LYS C 3 48 ? 6.458   -6.523  -9.042  1.00 135.60 ? 78  LYS A O     1 
ATOM   1121 C CB    . LYS C 3 48 ? 3.585   -5.049  -9.110  1.00 139.24 ? 78  LYS A CB    1 
ATOM   1122 C CG    . LYS C 3 48 ? 3.738   -5.848  -10.418 1.00 161.78 ? 78  LYS A CG    1 
ATOM   1123 C CD    . LYS C 3 48 ? 2.451   -6.082  -11.218 1.00 177.58 ? 78  LYS A CD    1 
ATOM   1124 C CE    . LYS C 3 48 ? 1.731   -4.801  -11.639 1.00 191.36 ? 78  LYS A CE    1 
ATOM   1125 N NZ    . LYS C 3 48 ? 2.605   -3.822  -12.353 1.00 198.00 ? 78  LYS A NZ    1 
ATOM   1126 N N     . LEU C 3 49 ? 6.702   -4.449  -8.195  1.00 117.58 ? 79  LEU A N     1 
ATOM   1127 C CA    . LEU C 3 49 ? 8.135   -4.430  -8.478  1.00 129.85 ? 79  LEU A CA    1 
ATOM   1128 C C     . LEU C 3 49 ? 9.035   -5.140  -7.419  1.00 136.82 ? 79  LEU A C     1 
ATOM   1129 O O     . LEU C 3 49 ? 10.257  -5.259  -7.619  1.00 135.50 ? 79  LEU A O     1 
ATOM   1130 C CB    . LEU C 3 49 ? 8.605   -2.993  -8.748  1.00 135.17 ? 79  LEU A CB    1 
ATOM   1131 C CG    . LEU C 3 49 ? 9.195   -2.782  -10.149 1.00 150.56 ? 79  LEU A CG    1 
ATOM   1132 C CD1   . LEU C 3 49 ? 8.982   -1.356  -10.613 1.00 166.42 ? 79  LEU A CD1   1 
ATOM   1133 C CD2   . LEU C 3 49 ? 10.682  -3.140  -10.184 1.00 159.22 ? 79  LEU A CD2   1 
ATOM   1134 N N     . ARG C 3 50 ? 8.458   -5.606  -6.310  1.00 134.80 ? 80  ARG A N     1 
ATOM   1135 C CA    . ARG C 3 50 ? 9.229   -6.337  -5.290  1.00 139.43 ? 80  ARG A CA    1 
ATOM   1136 C C     . ARG C 3 50 ? 8.840   -7.798  -5.039  1.00 144.83 ? 80  ARG A C     1 
ATOM   1137 O O     . ARG C 3 50 ? 9.626   -8.539  -4.448  1.00 161.60 ? 80  ARG A O     1 
ATOM   1138 C CB    . ARG C 3 50 ? 9.220   -5.565  -3.971  1.00 137.71 ? 80  ARG A CB    1 
ATOM   1139 C CG    . ARG C 3 50 ? 9.982   -4.255  -4.009  1.00 133.56 ? 80  ARG A CG    1 
ATOM   1140 C CD    . ARG C 3 50 ? 11.490  -4.450  -4.135  1.00 141.10 ? 80  ARG A CD    1 
ATOM   1141 N NE    . ARG C 3 50 ? 12.143  -4.762  -2.866  1.00 145.71 ? 80  ARG A NE    1 
ATOM   1142 C CZ    . ARG C 3 50 ? 13.464  -4.871  -2.703  1.00 154.84 ? 80  ARG A CZ    1 
ATOM   1143 N NH1   . ARG C 3 50 ? 14.309  -4.709  -3.728  1.00 138.66 ? 80  ARG A NH1   1 
ATOM   1144 N NH2   . ARG C 3 50 ? 13.953  -5.156  -1.499  1.00 175.49 ? 80  ARG A NH2   1 
ATOM   1145 N N     . THR C 3 51 ? 7.633   -8.202  -5.428  1.00 137.12 ? 81  THR A N     1 
ATOM   1146 C CA    . THR C 3 51 ? 7.293   -9.622  -5.522  1.00 128.51 ? 81  THR A CA    1 
ATOM   1147 C C     . THR C 3 51 ? 7.069   -9.976  -6.969  1.00 132.81 ? 81  THR A C     1 
ATOM   1148 O O     . THR C 3 51 ? 7.809   -10.784 -7.520  1.00 153.94 ? 81  THR A O     1 
ATOM   1149 C CB    . THR C 3 51 ? 6.054   -10.005 -4.683  1.00 126.32 ? 81  THR A CB    1 
ATOM   1150 O OG1   . THR C 3 51 ? 4.826   -9.673  -5.375  1.00 118.56 ? 81  THR A OG1   1 
ATOM   1151 C CG2   . THR C 3 51 ? 6.140   -9.338  -3.289  1.00 116.28 ? 81  THR A CG2   1 
ATOM   1152 N N     . GLY C 3 52 ? 6.086   -9.318  -7.586  1.00 137.62 ? 82  GLY A N     1 
ATOM   1153 C CA    . GLY C 3 52 ? 5.555   -9.712  -8.886  1.00 138.08 ? 82  GLY A CA    1 
ATOM   1154 C C     . GLY C 3 52 ? 4.040   -9.646  -8.900  1.00 146.10 ? 82  GLY A C     1 
ATOM   1155 O O     . GLY C 3 52 ? 3.461   -9.419  -9.971  1.00 149.69 ? 82  GLY A O     1 
ATOM   1156 N N     . LYS C 3 53 ? 3.405   -9.839  -7.726  1.00 140.09 ? 83  LYS A N     1 
ATOM   1157 C CA    . LYS C 3 53 ? 1.935   -9.912  -7.614  1.00 148.58 ? 83  LYS A CA    1 
ATOM   1158 C C     . LYS C 3 53 ? 1.294   -8.568  -7.917  1.00 140.21 ? 83  LYS A C     1 
ATOM   1159 O O     . LYS C 3 53 ? 1.886   -7.538  -7.658  1.00 135.74 ? 83  LYS A O     1 
ATOM   1160 C CB    . LYS C 3 53 ? 1.503   -10.395 -6.220  1.00 164.29 ? 83  LYS A CB    1 
ATOM   1161 C CG    . LYS C 3 53 ? -0.005  -10.721 -6.056  1.00 186.76 ? 83  LYS A CG    1 
ATOM   1162 C CD    . LYS C 3 53 ? -0.527  -10.321 -4.673  1.00 180.37 ? 83  LYS A CD    1 
ATOM   1163 C CE    . LYS C 3 53 ? -2.027  -10.087 -4.558  1.00 151.91 ? 83  LYS A CE    1 
ATOM   1164 N NZ    . LYS C 3 53 ? -2.340  -9.880  -3.112  1.00 126.45 ? 83  LYS A NZ    1 
ATOM   1165 N N     . THR C 3 54 ? 0.086   -8.599  -8.477  1.00 144.80 ? 84  THR A N     1 
ATOM   1166 C CA    . THR C 3 54 ? -0.576  -7.407  -9.008  1.00 151.99 ? 84  THR A CA    1 
ATOM   1167 C C     . THR C 3 54 ? -1.295  -6.508  -7.991  1.00 144.42 ? 84  THR A C     1 
ATOM   1168 O O     . THR C 3 54 ? -1.612  -5.373  -8.323  1.00 159.05 ? 84  THR A O     1 
ATOM   1169 C CB    . THR C 3 54 ? -1.551  -7.789  -10.155 1.00 172.48 ? 84  THR A CB    1 
ATOM   1170 O OG1   . THR C 3 54 ? -1.533  -6.775  -11.177 1.00 168.95 ? 84  THR A OG1   1 
ATOM   1171 C CG2   . THR C 3 54 ? -3.005  -8.053  -9.632  1.00 177.33 ? 84  THR A CG2   1 
ATOM   1172 N N     . ARG C 3 55 ? -1.576  -7.012  -6.792  1.00 131.17 ? 85  ARG A N     1 
ATOM   1173 C CA    . ARG C 3 55 ? -2.254  -6.237  -5.713  1.00 139.26 ? 85  ARG A CA    1 
ATOM   1174 C C     . ARG C 3 55 ? -2.612  -4.706  -5.964  1.00 130.92 ? 85  ARG A C     1 
ATOM   1175 O O     . ARG C 3 55 ? -1.750  -3.822  -5.875  1.00 111.73 ? 85  ARG A O     1 
ATOM   1176 C CB    . ARG C 3 55 ? -1.470  -6.426  -4.393  1.00 141.43 ? 85  ARG A CB    1 
ATOM   1177 C CG    . ARG C 3 55 ? -2.314  -6.486  -3.108  1.00 166.10 ? 85  ARG A CG    1 
ATOM   1178 C CD    . ARG C 3 55 ? -1.463  -6.517  -1.815  1.00 183.25 ? 85  ARG A CD    1 
ATOM   1179 N NE    . ARG C 3 55 ? -2.218  -6.393  -0.537  1.00 175.89 ? 85  ARG A NE    1 
ATOM   1180 C CZ    . ARG C 3 55 ? -1.690  -6.073  0.660   1.00 154.73 ? 85  ARG A CZ    1 
ATOM   1181 N NH1   . ARG C 3 55 ? -0.387  -5.825  0.806   1.00 161.00 ? 85  ARG A NH1   1 
ATOM   1182 N NH2   . ARG C 3 55 ? -2.465  -5.995  1.738   1.00 133.53 ? 85  ARG A NH2   1 
ATOM   1183 N N     . THR C 3 56 ? -3.895  -4.419  -6.232  1.00 122.11 ? 86  THR A N     1 
ATOM   1184 C CA    . THR C 3 56 ? -4.361  -3.086  -6.693  1.00 119.55 ? 86  THR A CA    1 
ATOM   1185 C C     . THR C 3 56 ? -4.475  -2.047  -5.594  1.00 125.78 ? 86  THR A C     1 
ATOM   1186 O O     . THR C 3 56 ? -4.581  -2.373  -4.412  1.00 139.48 ? 86  THR A O     1 
ATOM   1187 C CB    . THR C 3 56 ? -5.772  -3.091  -7.392  1.00 127.93 ? 86  THR A CB    1 
ATOM   1188 O OG1   . THR C 3 56 ? -6.832  -2.690  -6.495  1.00 114.82 ? 86  THR A OG1   1 
ATOM   1189 C CG2   . THR C 3 56 ? -6.116  -4.427  -8.002  1.00 138.84 ? 86  THR A CG2   1 
ATOM   1190 N N     . ARG C 3 57 ? -4.563  -0.790  -6.023  1.00 125.64 ? 87  ARG A N     1 
ATOM   1191 C CA    . ARG C 3 57 ? -4.746  0.353   -5.120  1.00 124.76 ? 87  ARG A CA    1 
ATOM   1192 C C     . ARG C 3 57 ? -6.063  0.347   -4.332  1.00 115.69 ? 87  ARG A C     1 
ATOM   1193 O O     . ARG C 3 57 ? -6.239  1.143   -3.408  1.00 124.59 ? 87  ARG A O     1 
ATOM   1194 C CB    . ARG C 3 57 ? -4.608  1.669   -5.898  1.00 125.26 ? 87  ARG A CB    1 
ATOM   1195 C CG    . ARG C 3 57 ? -5.670  1.914   -6.974  1.00 122.27 ? 87  ARG A CG    1 
ATOM   1196 C CD    . ARG C 3 57 ? -6.192  3.338   -6.900  1.00 124.35 ? 87  ARG A CD    1 
ATOM   1197 N NE    . ARG C 3 57 ? -7.600  3.477   -7.296  1.00 118.85 ? 87  ARG A NE    1 
ATOM   1198 C CZ    . ARG C 3 57 ? -8.487  4.316   -6.728  1.00 110.96 ? 87  ARG A CZ    1 
ATOM   1199 N NH1   . ARG C 3 57 ? -8.166  5.124   -5.701  1.00 106.46 ? 87  ARG A NH1   1 
ATOM   1200 N NH2   . ARG C 3 57 ? -9.734  4.338   -7.177  1.00 102.38 ? 87  ARG A NH2   1 
ATOM   1201 N N     . LYS C 3 58 ? -6.990  -0.516  -4.725  1.00 108.17 ? 88  LYS A N     1 
ATOM   1202 C CA    . LYS C 3 58 ? -8.204  -0.776  -3.961  1.00 119.07 ? 88  LYS A CA    1 
ATOM   1203 C C     . LYS C 3 58 ? -8.111  -1.997  -3.026  1.00 121.62 ? 88  LYS A C     1 
ATOM   1204 O O     . LYS C 3 58 ? -8.804  -2.082  -1.991  1.00 110.00 ? 88  LYS A O     1 
ATOM   1205 C CB    . LYS C 3 58 ? -9.379  -0.934  -4.923  1.00 119.68 ? 88  LYS A CB    1 
ATOM   1206 C CG    . LYS C 3 58 ? -9.872  0.388   -5.471  1.00 110.65 ? 88  LYS A CG    1 
ATOM   1207 C CD    . LYS C 3 58 ? -10.302 1.352   -4.364  1.00 107.47 ? 88  LYS A CD    1 
ATOM   1208 C CE    . LYS C 3 58 ? -11.485 2.218   -4.781  1.00 113.79 ? 88  LYS A CE    1 
ATOM   1209 N NZ    . LYS C 3 58 ? -11.941 3.169   -3.718  1.00 115.76 ? 88  LYS A NZ    1 
ATOM   1210 N N     . GLN C 3 59 ? -7.265  -2.944  -3.405  1.00 115.71 ? 89  GLN A N     1 
ATOM   1211 C CA    . GLN C 3 59 ? -6.882  -4.007  -2.506  1.00 109.14 ? 89  GLN A CA    1 
ATOM   1212 C C     . GLN C 3 59 ? -6.147  -3.360  -1.321  1.00 108.49 ? 89  GLN A C     1 
ATOM   1213 O O     . GLN C 3 59 ? -6.276  -3.794  -0.163  1.00 108.20 ? 89  GLN A O     1 
ATOM   1214 C CB    . GLN C 3 59 ? -6.046  -5.053  -3.256  1.00 106.86 ? 89  GLN A CB    1 
ATOM   1215 C CG    . GLN C 3 59 ? -6.849  -5.785  -4.328  1.00 118.34 ? 89  GLN A CG    1 
ATOM   1216 C CD    . GLN C 3 59 ? -6.103  -6.931  -5.013  1.00 146.05 ? 89  GLN A CD    1 
ATOM   1217 O OE1   . GLN C 3 59 ? -4.971  -7.252  -4.673  1.00 151.59 ? 89  GLN A OE1   1 
ATOM   1218 N NE2   . GLN C 3 59 ? -6.750  -7.549  -6.002  1.00 178.53 ? 89  GLN A NE2   1 
ATOM   1219 N N     . VAL C 3 60 ? -5.430  -2.279  -1.619  1.00 105.16 ? 90  VAL A N     1 
ATOM   1220 C CA    . VAL C 3 60 ? -4.838  -1.448  -0.583  1.00 103.65 ? 90  VAL A CA    1 
ATOM   1221 C C     . VAL C 3 60 ? -5.864  -0.537  0.071   1.00 104.18 ? 90  VAL A C     1 
ATOM   1222 O O     . VAL C 3 60 ? -5.820  -0.349  1.263   1.00 105.51 ? 90  VAL A O     1 
ATOM   1223 C CB    . VAL C 3 60 ? -3.701  -0.557  -1.111  1.00 96.96  ? 90  VAL A CB    1 
ATOM   1224 C CG1   . VAL C 3 60 ? -3.181  0.331   0.008   1.00 91.16  ? 90  VAL A CG1   1 
ATOM   1225 C CG2   . VAL C 3 60 ? -2.565  -1.392  -1.695  1.00 95.14  ? 90  VAL A CG2   1 
ATOM   1226 N N     . SER C 3 61 ? -6.753  0.087   -0.687  1.00 117.39 ? 91  SER A N     1 
ATOM   1227 C CA    . SER C 3 61 ? -7.722  0.988   -0.050  1.00 122.26 ? 91  SER A CA    1 
ATOM   1228 C C     . SER C 3 61 ? -8.339  0.280   1.148   1.00 121.43 ? 91  SER A C     1 
ATOM   1229 O O     . SER C 3 61 ? -8.331  0.821   2.250   1.00 110.58 ? 91  SER A O     1 
ATOM   1230 C CB    . SER C 3 61 ? -8.787  1.507   -1.026  1.00 126.46 ? 91  SER A CB    1 
ATOM   1231 O OG    . SER C 3 61 ? -8.203  2.361   -2.010  1.00 125.97 ? 91  SER A OG    1 
ATOM   1232 N N     . SER C 3 62 ? -8.798  -0.954  0.898   1.00 140.44 ? 92  SER A N     1 
ATOM   1233 C CA    . SER C 3 62 ? -9.248  -1.955  1.910   1.00 141.65 ? 92  SER A CA    1 
ATOM   1234 C C     . SER C 3 62 ? -8.299  -2.173  3.099   1.00 130.19 ? 92  SER A C     1 
ATOM   1235 O O     . SER C 3 62 ? -8.522  -1.657  4.197   1.00 116.83 ? 92  SER A O     1 
ATOM   1236 C CB    . SER C 3 62 ? -9.491  -3.300  1.180   1.00 147.89 ? 92  SER A CB    1 
ATOM   1237 O OG    . SER C 3 62 ? -9.503  -4.430  2.038   1.00 146.16 ? 92  SER A OG    1 
ATOM   1238 N N     . HIS C 3 63 ? -7.254  -2.964  2.868   1.00 123.69 ? 93  HIS A N     1 
ATOM   1239 C CA    . HIS C 3 63 ? -6.191  -3.180  3.837   1.00 119.62 ? 93  HIS A CA    1 
ATOM   1240 C C     . HIS C 3 63 ? -5.631  -1.815  4.102   1.00 109.45 ? 93  HIS A C     1 
ATOM   1241 O O     . HIS C 3 63 ? -5.453  -1.078  3.179   1.00 132.67 ? 93  HIS A O     1 
ATOM   1242 C CB    . HIS C 3 63 ? -5.137  -4.045  3.179   1.00 125.83 ? 93  HIS A CB    1 
ATOM   1243 C CG    . HIS C 3 63 ? -4.068  -4.530  4.098   1.00 133.85 ? 93  HIS A CG    1 
ATOM   1244 N ND1   . HIS C 3 63 ? -3.929  -5.862  4.419   1.00 138.91 ? 93  HIS A ND1   1 
ATOM   1245 C CD2   . HIS C 3 63 ? -3.045  -3.886  4.706   1.00 133.25 ? 93  HIS A CD2   1 
ATOM   1246 C CE1   . HIS C 3 63 ? -2.886  -6.014  5.213   1.00 135.76 ? 93  HIS A CE1   1 
ATOM   1247 N NE2   . HIS C 3 63 ? -2.332  -4.831  5.405   1.00 134.27 ? 93  HIS A NE2   1 
ATOM   1248 N N     . ILE C 3 64 ? -5.357  -1.492  5.350   1.00 104.04 ? 94  ILE A N     1 
ATOM   1249 C CA    . ILE C 3 64 ? -5.046  -0.118  5.856   1.00 116.63 ? 94  ILE A CA    1 
ATOM   1250 C C     . ILE C 3 64 ? -6.207  0.259   6.707   1.00 121.66 ? 94  ILE A C     1 
ATOM   1251 O O     . ILE C 3 64 ? -6.057  0.530   7.904   1.00 134.24 ? 94  ILE A O     1 
ATOM   1252 C CB    . ILE C 3 64 ? -4.871  1.054   4.841   1.00 118.57 ? 94  ILE A CB    1 
ATOM   1253 C CG1   . ILE C 3 64 ? -3.496  1.003   4.168   1.00 124.60 ? 94  ILE A CG1   1 
ATOM   1254 C CG2   . ILE C 3 64 ? -4.983  2.406   5.556   1.00 113.45 ? 94  ILE A CG2   1 
ATOM   1255 C CD1   . ILE C 3 64 ? -3.305  2.025   3.066   1.00 121.60 ? 94  ILE A CD1   1 
ATOM   1256 N N     . GLN C 3 65 ? -7.367  0.295   6.065   1.00 126.44 ? 95  GLN A N     1 
ATOM   1257 C CA    . GLN C 3 65 ? -8.607  0.549   6.766   1.00 137.05 ? 95  GLN A CA    1 
ATOM   1258 C C     . GLN C 3 65 ? -8.797  -0.551  7.794   1.00 143.44 ? 95  GLN A C     1 
ATOM   1259 O O     . GLN C 3 65 ? -9.295  -0.319  8.904   1.00 145.08 ? 95  GLN A O     1 
ATOM   1260 C CB    . GLN C 3 65 ? -9.754  0.518   5.790   1.00 132.90 ? 95  GLN A CB    1 
ATOM   1261 C CG    . GLN C 3 65 ? -10.971 1.250   6.265   1.00 129.10 ? 95  GLN A CG    1 
ATOM   1262 C CD    . GLN C 3 65 ? -12.102 1.060   5.299   1.00 129.72 ? 95  GLN A CD    1 
ATOM   1263 O OE1   . GLN C 3 65 ? -12.065 0.159   4.440   1.00 122.53 ? 95  GLN A OE1   1 
ATOM   1264 N NE2   . GLN C 3 65 ? -13.116 1.904   5.420   1.00 126.70 ? 95  GLN A NE2   1 
ATOM   1265 N N     . VAL C 3 66 ? -8.390  -1.750  7.376   1.00 150.17 ? 96  VAL A N     1 
ATOM   1266 C CA    . VAL C 3 66 ? -8.200  -2.895  8.257   1.00 141.88 ? 96  VAL A CA    1 
ATOM   1267 C C     . VAL C 3 66 ? -7.302  -2.464  9.435   1.00 125.89 ? 96  VAL A C     1 
ATOM   1268 O O     . VAL C 3 66 ? -7.739  -2.393  10.592  1.00 131.54 ? 96  VAL A O     1 
ATOM   1269 C CB    . VAL C 3 66 ? -7.576  -4.089  7.472   1.00 133.86 ? 96  VAL A CB    1 
ATOM   1270 C CG1   . VAL C 3 66 ? -7.228  -5.226  8.415   1.00 138.94 ? 96  VAL A CG1   1 
ATOM   1271 C CG2   . VAL C 3 66 ? -8.520  -4.592  6.378   1.00 125.80 ? 96  VAL A CG2   1 
ATOM   1272 N N     . LEU C 3 67 ? -6.074  -2.092  9.114   1.00 111.05 ? 97  LEU A N     1 
ATOM   1273 C CA    . LEU C 3 67 ? -5.058  -1.860  10.123  1.00 117.37 ? 97  LEU A CA    1 
ATOM   1274 C C     . LEU C 3 67 ? -5.323  -0.676  11.089  1.00 120.18 ? 97  LEU A C     1 
ATOM   1275 O O     . LEU C 3 67 ? -4.702  -0.614  12.157  1.00 153.98 ? 97  LEU A O     1 
ATOM   1276 C CB    . LEU C 3 67 ? -3.655  -1.743  9.484   1.00 125.93 ? 97  LEU A CB    1 
ATOM   1277 C CG    . LEU C 3 67 ? -3.117  -2.679  8.362   1.00 125.92 ? 97  LEU A CG    1 
ATOM   1278 C CD1   . LEU C 3 67 ? -1.599  -2.885  8.467   1.00 120.85 ? 97  LEU A CD1   1 
ATOM   1279 C CD2   . LEU C 3 67 ? -3.824  -4.026  8.278   1.00 125.83 ? 97  LEU A CD2   1 
ATOM   1280 N N     . ALA C 3 68 ? -6.217  0.248   10.753  1.00 114.86 ? 98  ALA A N     1 
ATOM   1281 C CA    . ALA C 3 68 ? -6.597  1.288   11.720  1.00 128.82 ? 98  ALA A CA    1 
ATOM   1282 C C     . ALA C 3 68 ? -7.725  0.815   12.625  1.00 139.56 ? 98  ALA A C     1 
ATOM   1283 O O     . ALA C 3 68 ? -7.800  1.257   13.774  1.00 162.04 ? 98  ALA A O     1 
ATOM   1284 C CB    . ALA C 3 68 ? -6.974  2.583   11.031  1.00 134.27 ? 98  ALA A CB    1 
ATOM   1285 N N     . ARG C 3 69 ? -8.605  -0.056  12.112  1.00 144.89 ? 99  ARG A N     1 
ATOM   1286 C CA    . ARG C 3 69 ? -9.622  -0.727  12.946  1.00 157.70 ? 99  ARG A CA    1 
ATOM   1287 C C     . ARG C 3 69 ? -8.948  -1.579  14.051  1.00 156.95 ? 99  ARG A C     1 
ATOM   1288 O O     . ARG C 3 69 ? -9.436  -1.633  15.189  1.00 169.46 ? 99  ARG A O     1 
ATOM   1289 C CB    . ARG C 3 69 ? -10.584 -1.602  12.107  1.00 168.16 ? 99  ARG A CB    1 
ATOM   1290 C CG    . ARG C 3 69 ? -11.617 -0.865  11.248  1.00 168.94 ? 99  ARG A CG    1 
ATOM   1291 C CD    . ARG C 3 69 ? -13.033 -0.887  11.817  1.00 186.99 ? 99  ARG A CD    1 
ATOM   1292 N NE    . ARG C 3 69 ? -13.288 0.197   12.787  1.00 220.32 ? 99  ARG A NE    1 
ATOM   1293 C CZ    . ARG C 3 69 ? -13.546 0.066   14.100  1.00 223.88 ? 99  ARG A CZ    1 
ATOM   1294 N NH1   . ARG C 3 69 ? -13.600 -1.126  14.705  1.00 220.15 ? 99  ARG A NH1   1 
ATOM   1295 N NH2   . ARG C 3 69 ? -13.762 1.164   14.830  1.00 216.95 ? 99  ARG A NH2   1 
ATOM   1296 N N     . ARG C 3 70 ? -7.815  -2.212  13.730  1.00 146.05 ? 100 ARG A N     1 
ATOM   1297 C CA    . ARG C 3 70 ? -6.996  -2.882  14.759  1.00 138.16 ? 100 ARG A CA    1 
ATOM   1298 C C     . ARG C 3 70 ? -6.464  -1.921  15.812  1.00 144.79 ? 100 ARG A C     1 
ATOM   1299 O O     . ARG C 3 70 ? -6.710  -2.122  16.990  1.00 148.15 ? 100 ARG A O     1 
ATOM   1300 C CB    . ARG C 3 70 ? -5.847  -3.659  14.136  1.00 133.11 ? 100 ARG A CB    1 
ATOM   1301 C CG    . ARG C 3 70 ? -6.364  -4.891  13.439  1.00 125.97 ? 100 ARG A CG    1 
ATOM   1302 C CD    . ARG C 3 70 ? -5.271  -5.655  12.739  1.00 125.52 ? 100 ARG A CD    1 
ATOM   1303 N NE    . ARG C 3 70 ? -5.859  -6.664  11.857  1.00 128.74 ? 100 ARG A NE    1 
ATOM   1304 C CZ    . ARG C 3 70 ? -5.197  -7.329  10.904  1.00 137.53 ? 100 ARG A CZ    1 
ATOM   1305 N NH1   . ARG C 3 70 ? -3.894  -7.111  10.688  1.00 143.80 ? 100 ARG A NH1   1 
ATOM   1306 N NH2   . ARG C 3 70 ? -5.838  -8.223  10.153  1.00 132.92 ? 100 ARG A NH2   1 
ATOM   1307 N N     . LYS C 3 71 ? -5.801  -0.844  15.394  1.00 153.87 ? 101 LYS A N     1 
ATOM   1308 C CA    . LYS C 3 71 ? -5.391  0.199   16.346  1.00 162.55 ? 101 LYS A CA    1 
ATOM   1309 C C     . LYS C 3 71 ? -6.578  1.063   16.859  1.00 172.74 ? 101 LYS A C     1 
ATOM   1310 O O     . LYS C 3 71 ? -6.360  2.164   17.368  1.00 171.58 ? 101 LYS A O     1 
ATOM   1311 C CB    . LYS C 3 71 ? -4.289  1.081   15.749  1.00 162.16 ? 101 LYS A CB    1 
ATOM   1312 C CG    . LYS C 3 71 ? -3.362  1.700   16.790  1.00 167.11 ? 101 LYS A CG    1 
ATOM   1313 C CD    . LYS C 3 71 ? -2.282  2.539   16.132  1.00 177.46 ? 101 LYS A CD    1 
ATOM   1314 C CE    . LYS C 3 71 ? -1.149  1.675   15.592  1.00 185.22 ? 101 LYS A CE    1 
ATOM   1315 N NZ    . LYS C 3 71 ? -0.421  2.315   14.460  1.00 185.94 ? 101 LYS A NZ    1 
ATOM   1316 N N     . SER C 3 72 ? -7.818  0.584   16.691  1.00 187.48 ? 102 SER A N     1 
ATOM   1317 C CA    . SER C 3 72 ? -8.964  1.054   17.471  1.00 201.43 ? 102 SER A CA    1 
ATOM   1318 C C     . SER C 3 72 ? -9.185  0.145   18.687  1.00 211.21 ? 102 SER A C     1 
ATOM   1319 O O     . SER C 3 72 ? -9.622  0.635   19.734  1.00 232.22 ? 102 SER A O     1 
ATOM   1320 C CB    . SER C 3 72 ? -10.236 1.140   16.614  1.00 207.08 ? 102 SER A CB    1 
ATOM   1321 O OG    . SER C 3 72 ? -10.999 -0.056  16.674  1.00 231.06 ? 102 SER A OG    1 
ATOM   1322 N N     . ARG C 3 73 ? -8.905  -1.162  18.561  1.00 206.52 ? 103 ARG A N     1 
ATOM   1323 C CA    . ARG C 3 73 ? -8.897  -2.045  19.737  1.00 215.55 ? 103 ARG A CA    1 
ATOM   1324 C C     . ARG C 3 73 ? -7.806  -1.541  20.707  1.00 233.21 ? 103 ARG A C     1 
ATOM   1325 O O     . ARG C 3 73 ? -6.648  -1.368  20.316  1.00 237.12 ? 103 ARG A O     1 
ATOM   1326 C CB    . ARG C 3 73 ? -8.763  -3.551  19.374  1.00 207.60 ? 103 ARG A CB    1 
ATOM   1327 C CG    . ARG C 3 73 ? -7.359  -4.133  19.131  1.00 214.56 ? 103 ARG A CG    1 
ATOM   1328 C CD    . ARG C 3 73 ? -6.649  -4.713  20.360  1.00 219.48 ? 103 ARG A CD    1 
ATOM   1329 N NE    . ARG C 3 73 ? -5.639  -3.813  20.948  1.00 223.77 ? 103 ARG A NE    1 
ATOM   1330 C CZ    . ARG C 3 73 ? -4.405  -3.587  20.471  1.00 214.79 ? 103 ARG A CZ    1 
ATOM   1331 N NH1   . ARG C 3 73 ? -3.966  -4.179  19.359  1.00 206.47 ? 103 ARG A NH1   1 
ATOM   1332 N NH2   . ARG C 3 73 ? -3.597  -2.740  21.111  1.00 205.47 ? 103 ARG A NH2   1 
ATOM   1333 N N     . ASP C 3 74 ? -8.215  -1.238  21.943  1.00 242.12 ? 104 ASP A N     1 
ATOM   1334 C CA    . ASP C 3 74 ? -7.326  -0.735  23.001  1.00 235.19 ? 104 ASP A CA    1 
ATOM   1335 C C     . ASP C 3 74 ? -7.693  -1.353  24.351  1.00 232.54 ? 104 ASP A C     1 
ATOM   1336 O O     . ASP C 3 74 ? -7.283  -2.472  24.670  1.00 296.94 ? 104 ASP A O     1 
ATOM   1337 C CB    . ASP C 3 74 ? -7.394  0.803   23.086  1.00 222.37 ? 104 ASP A CB    1 
ATOM   1338 C CG    . ASP C 3 74 ? -6.121  1.479   22.593  1.00 216.42 ? 104 ASP A CG    1 
ATOM   1339 O OD1   . ASP C 3 74 ? -5.609  1.092   21.522  1.00 223.58 ? 104 ASP A OD1   1 
ATOM   1340 O OD2   . ASP C 3 74 ? -5.631  2.404   23.281  1.00 188.57 ? 104 ASP A OD2   1 
HETATM 1341 O O     . HOH D 4 .  ? -16.123 24.375  -23.353 1.00 181.65 ? 101 HOH C O     1 
HETATM 1342 O O     . HOH D 4 .  ? -24.073 12.448  1.604   1.00 119.84 ? 102 HOH C O     1 
HETATM 1343 O O     . HOH D 4 .  ? -17.129 12.325  -6.678  1.00 110.10 ? 103 HOH C O     1 
HETATM 1344 O O     . HOH D 4 .  ? -13.883 39.375  -20.359 1.00 138.04 ? 104 HOH C O     1 
HETATM 1345 O O     . HOH D 4 .  ? -16.817 -4.378  7.571   1.00 135.83 ? 105 HOH C O     1 
HETATM 1346 O O     . HOH D 4 .  ? -8.512  16.968  -18.863 1.00 124.56 ? 106 HOH C O     1 
HETATM 1347 O O     . HOH D 4 .  ? -22.626 32.047  -23.392 1.00 152.75 ? 107 HOH C O     1 
HETATM 1348 O O     . HOH D 4 .  ? -7.219  15.613  -5.223  1.00 137.59 ? 108 HOH C O     1 
HETATM 1349 O O     . HOH D 4 .  ? -6.770  23.657  -17.488 1.00 163.70 ? 109 HOH C O     1 
HETATM 1350 O O     . HOH D 4 .  ? -21.559 3.244   -9.227  1.00 127.66 ? 110 HOH C O     1 
HETATM 1351 O O     . HOH D 4 .  ? -21.327 35.365  -17.132 1.00 137.18 ? 111 HOH C O     1 
HETATM 1352 O O     . HOH D 4 .  ? -23.163 37.458  -18.690 1.00 135.60 ? 112 HOH C O     1 
HETATM 1353 O O     . HOH D 4 .  ? -13.162 -9.402  -10.483 1.00 151.92 ? 113 HOH C O     1 
HETATM 1354 O O     . HOH D 4 .  ? -19.967 11.228  -6.867  1.00 148.34 ? 114 HOH C O     1 
HETATM 1355 O O     . HOH D 4 .  ? -26.566 15.596  3.553   1.00 150.03 ? 115 HOH C O     1 
HETATM 1356 O O     . HOH D 4 .  ? -12.758 -6.908  -13.038 1.00 162.57 ? 116 HOH C O     1 
HETATM 1357 O O     . HOH E 4 .  ? -19.347 -3.513  6.512   1.00 119.24 ? 101 HOH F O     1 
HETATM 1358 O O     . HOH E 4 .  ? -7.654  36.115  -23.527 1.00 160.74 ? 102 HOH F O     1 
HETATM 1359 O O     . HOH E 4 .  ? -11.546 6.227   -5.310  1.00 89.01  ? 103 HOH F O     1 
HETATM 1360 O O     . HOH E 4 .  ? -10.930 2.246   1.470   1.00 86.71  ? 104 HOH F O     1 
HETATM 1361 O O     . HOH E 4 .  ? -5.027  7.738   5.705   1.00 115.66 ? 105 HOH F O     1 
HETATM 1362 O O     . HOH E 4 .  ? -16.551 31.154  -11.976 1.00 187.59 ? 106 HOH F O     1 
HETATM 1363 O O     . HOH E 4 .  ? -19.095 18.905  -20.771 1.00 160.99 ? 107 HOH F O     1 
HETATM 1364 O O     . HOH E 4 .  ? -17.157 9.278   2.602   1.00 127.83 ? 108 HOH F O     1 
HETATM 1365 O O     . HOH E 4 .  ? -8.998  37.776  -21.531 1.00 142.33 ? 109 HOH F O     1 
HETATM 1366 O O     . HOH E 4 .  ? -13.406 6.733   -8.229  1.00 149.80 ? 110 HOH F O     1 
HETATM 1367 O O     . HOH E 4 .  ? -13.345 7.344   -11.143 1.00 140.61 ? 111 HOH F O     1 
HETATM 1368 O O     . HOH E 4 .  ? -13.608 7.610   -19.711 1.00 170.49 ? 112 HOH F O     1 
HETATM 1369 O O     . HOH E 4 .  ? -24.376 16.400  -15.057 1.00 203.89 ? 113 HOH F O     1 
HETATM 1370 O O     . HOH E 4 .  ? -15.944 7.327   -9.231  1.00 127.69 ? 114 HOH F O     1 
HETATM 1371 O O     . HOH E 4 .  ? -15.654 6.595   -12.398 1.00 148.83 ? 115 HOH F O     1 
HETATM 1372 O O     . HOH E 4 .  ? -22.896 35.292  -12.920 1.00 150.46 ? 116 HOH F O     1 
HETATM 1373 O O     . HOH F 4 .  ? -4.517  -6.947  2.049   1.00 89.23  ? 201 HOH A O     1 
HETATM 1374 O O     . HOH F 4 .  ? -9.647  4.203   -2.616  1.00 171.35 ? 202 HOH A O     1 
HETATM 1375 O O     . HOH F 4 .  ? 4.539   3.856   -14.948 1.00 163.66 ? 203 HOH A O     1 
HETATM 1376 O O     . HOH F 4 .  ? 2.795   14.399  -13.887 1.00 183.19 ? 204 HOH A O     1 
HETATM 1377 O O     . HOH F 4 .  ? -7.429  3.282   1.747   1.00 107.61 ? 205 HOH A O     1 
HETATM 1378 O O     . HOH F 4 .  ? -4.320  -9.087  8.070   1.00 106.34 ? 206 HOH A O     1 
HETATM 1379 O O     . HOH F 4 .  ? -10.320 2.076   11.458  1.00 152.30 ? 207 HOH A O     1 
HETATM 1380 O O     . HOH F 4 .  ? 0.740   -3.756  -7.530  1.00 118.73 ? 208 HOH A O     1 
HETATM 1381 O O     . HOH F 4 .  ? -9.166  3.367   3.616   1.00 98.39  ? 209 HOH A O     1 
HETATM 1382 O O     . HOH F 4 .  ? 10.255  8.417   0.135   1.00 169.81 ? 210 HOH A O     1 
HETATM 1383 O O     . HOH F 4 .  ? -8.729  -6.613  12.802  1.00 131.16 ? 211 HOH A O     1 
HETATM 1384 O O     . HOH F 4 .  ? 15.770  -7.216  -5.094  1.00 137.41 ? 212 HOH A O     1 
HETATM 1385 O O     . HOH F 4 .  ? -12.219 3.500   8.139   1.00 97.40  ? 213 HOH A O     1 
HETATM 1386 O O     . HOH F 4 .  ? -7.647  1.277   -9.883  1.00 109.15 ? 214 HOH A O     1 
HETATM 1387 O O     . HOH F 4 .  ? -4.674  -0.031  -9.569  1.00 96.20  ? 215 HOH A O     1 
HETATM 1388 O O     . HOH F 4 .  ? -2.892  1.605   9.251   1.00 114.11 ? 216 HOH A O     1 
HETATM 1389 O O     . HOH F 4 .  ? 0.468   -1.545  -10.226 1.00 134.70 ? 217 HOH A O     1 
HETATM 1390 O O     . HOH F 4 .  ? 8.725   9.868   -1.862  1.00 151.66 ? 218 HOH A O     1 
HETATM 1391 O O     . HOH F 4 .  ? -4.156  4.741   7.576   1.00 147.52 ? 219 HOH A O     1 
HETATM 1392 O O     . HOH F 4 .  ? 1.684   1.855   10.310  1.00 154.06 ? 220 HOH A O     1 
HETATM 1393 O O     . HOH F 4 .  ? 2.739   -2.140  13.449  1.00 146.43 ? 221 HOH A O     1 
HETATM 1394 O O     . HOH F 4 .  ? -1.641  5.968   18.284  1.00 154.63 ? 222 HOH A O     1 
HETATM 1395 O O     . HOH F 4 .  ? -0.741  -8.746  17.604  1.00 158.03 ? 223 HOH A O     1 
HETATM 1396 O O     . HOH F 4 .  ? -3.519  8.294   14.641  1.00 153.66 ? 224 HOH A O     1 
# 
